data_9QAR
#
_entry.id   9QAR
#
_cell.length_a   73.284
_cell.length_b   77.814
_cell.length_c   83.43
_cell.angle_alpha   88.383
_cell.angle_beta   63.983
_cell.angle_gamma   74.549
#
_symmetry.space_group_name_H-M   'P 1'
#
loop_
_entity.id
_entity.type
_entity.pdbx_description
1 polymer 'Angiotensin-converting enzyme, soluble form'
2 branched 2-acetamido-2-deoxy-beta-D-glucopyranose-(1-4)-2-acetamido-2-deoxy-beta-D-glucopyranose
3 branched alpha-L-fucopyranose-(1-6)-2-acetamido-2-deoxy-beta-D-glucopyranose
4 branched beta-D-mannopyranose-(1-4)-2-acetamido-2-deoxy-beta-D-glucopyranose-(1-4)-[alpha-L-fucopyranose-(1-6)]2-acetamido-2-deoxy-beta-D-glucopyranose
5 branched beta-D-mannopyranose-(1-4)-2-acetamido-2-deoxy-beta-D-glucopyranose-(1-4)-2-acetamido-2-deoxy-beta-D-glucopyranose
6 non-polymer 'ZINC ION'
7 non-polymer Ramiprilat
8 non-polymer 'TRIETHYLENE GLYCOL'
9 non-polymer 1,2-ETHANEDIOL
10 non-polymer 'ACETATE ION'
11 non-polymer 'PENTAETHYLENE GLYCOL'
12 non-polymer 'CHLORIDE ION'
13 non-polymer 'MAGNESIUM ION'
14 non-polymer 'CALCIUM ION'
15 non-polymer 2-acetamido-2-deoxy-beta-D-glucopyranose
16 non-polymer DI(HYDROXYETHYL)ETHER
17 water water
#
_entity_poly.entity_id   1
_entity_poly.type   'polypeptide(L)'
_entity_poly.pdbx_seq_one_letter_code
;LDPGLQPGQFSADEAGAQLFAQSYQSSAEQVLFQSVAASWAHDTNITAENARRQEEAALLSQEFAEAWGQKAKELYEPIW
QQFTDPQLRRIIGAVRTLGSANLPLAKRQQYNALLSQMSRIYSTAKVCLPNKTATCWSLDPDLTNILASSRSYAMLLFAW
EGWHNAAGIPLKPLYEDFTALSNEAYKQDGFTDTGAYWRSWYNSPTFEDDLEHLYQQLEPLYLNLHAFVRRALHRRYGDR
YINLRGPIPAHLLGDMWAQSWENIYDMVVPFPDKPNLDVTSTMLQQGWQATHMFRVAEEFFTSLELSPMPPEFWEGSMLE
KPADGREVVCHASAWDFYNRKDFRIKQCTRVTMDQLSTVHHEMGHIQYYLQYKDLPVSLRRGANPGFHEAIGDVLALSVS
TPEHLHKIGLLDRVTNDTESDINYLLKMALEKIAFLPFGYLVDQWRWGVFSGRTPPSRYNFDWWYLRTKYQGICPPVTRN
ETHFDAGAKFHVPNVTPYIRYFVSFVLQFQFHEALCKEAGYEGPLHQCDIYRSTKAGAKLRKVLRAGSSRPWQEVLKDMV
GLDALDAQPLLKYFQLVTQWLQEQNQQNGEVLGWPEYQWHPPLPDNYPE
;
_entity_poly.pdbx_strand_id   A,B
#
loop_
_chem_comp.id
_chem_comp.type
_chem_comp.name
_chem_comp.formula
1PE non-polymer 'PENTAETHYLENE GLYCOL' 'C10 H22 O6'
ACT non-polymer 'ACETATE ION' 'C2 H3 O2 -1'
BMA D-saccharide, beta linking beta-D-mannopyranose 'C6 H12 O6'
CA non-polymer 'CALCIUM ION' 'Ca 2'
CL non-polymer 'CHLORIDE ION' 'Cl -1'
EDO non-polymer 1,2-ETHANEDIOL 'C2 H6 O2'
FUC L-saccharide, alpha linking alpha-L-fucopyranose 'C6 H12 O5'
MG non-polymer 'MAGNESIUM ION' 'Mg 2'
NAG D-saccharide, beta linking 2-acetamido-2-deoxy-beta-D-glucopyranose 'C8 H15 N O6'
PEG non-polymer DI(HYDROXYETHYL)ETHER 'C4 H10 O3'
PGE non-polymer 'TRIETHYLENE GLYCOL' 'C6 H14 O4'
X92 non-polymer Ramiprilat 'C21 H28 N2 O5'
ZN non-polymer 'ZINC ION' 'Zn 2'
#
# COMPACT_ATOMS: atom_id res chain seq x y z
N LEU A 1 10.30 -12.85 42.18
CA LEU A 1 11.72 -12.86 41.74
C LEU A 1 12.60 -13.25 42.93
N ASP A 2 13.53 -14.21 42.71
CA ASP A 2 14.51 -14.58 43.70
C ASP A 2 15.17 -13.30 44.26
N PRO A 3 15.36 -13.20 45.60
CA PRO A 3 16.03 -12.04 46.21
C PRO A 3 17.34 -11.63 45.54
N GLY A 4 18.22 -12.58 45.23
CA GLY A 4 19.49 -12.29 44.55
C GLY A 4 19.33 -11.67 43.16
N LEU A 5 18.14 -11.80 42.54
CA LEU A 5 17.94 -11.34 41.19
C LEU A 5 17.28 -9.95 41.21
N GLN A 6 16.90 -9.46 42.39
CA GLN A 6 16.12 -8.23 42.42
C GLN A 6 17.08 -7.05 42.45
N PRO A 7 16.73 -5.89 41.85
CA PRO A 7 17.61 -4.72 41.91
C PRO A 7 17.64 -4.02 43.26
N GLY A 8 18.83 -3.56 43.63
CA GLY A 8 19.04 -2.81 44.85
C GLY A 8 18.84 -1.33 44.58
N GLN A 9 19.54 -0.53 45.37
CA GLN A 9 19.52 0.90 45.19
C GLN A 9 20.88 1.33 44.61
N PHE A 10 20.80 2.39 43.83
CA PHE A 10 21.93 2.99 43.16
C PHE A 10 21.67 4.49 43.19
N SER A 11 22.71 5.30 43.26
CA SER A 11 22.51 6.73 43.19
C SER A 11 21.97 7.09 41.83
N ALA A 12 21.25 8.23 41.73
CA ALA A 12 20.59 8.65 40.49
C ALA A 12 21.47 9.59 39.64
N ASP A 13 22.57 9.03 39.14
CA ASP A 13 23.62 9.76 38.44
C ASP A 13 24.34 8.71 37.59
N GLU A 14 25.32 9.15 36.78
CA GLU A 14 25.94 8.25 35.81
C GLU A 14 26.85 7.26 36.53
N ALA A 15 27.41 7.68 37.67
CA ALA A 15 28.25 6.80 38.48
C ALA A 15 27.40 5.62 39.02
N GLY A 16 26.18 5.94 39.45
CA GLY A 16 25.25 4.93 39.93
C GLY A 16 24.76 3.99 38.81
N ALA A 17 24.42 4.57 37.66
CA ALA A 17 24.03 3.79 36.49
C ALA A 17 25.10 2.74 36.07
N GLN A 18 26.39 3.07 36.16
CA GLN A 18 27.47 2.10 35.89
C GLN A 18 27.40 0.93 36.90
N LEU A 19 27.25 1.23 38.19
CA LEU A 19 27.07 0.17 39.19
C LEU A 19 25.76 -0.58 38.91
N PHE A 20 24.73 0.15 38.49
CA PHE A 20 23.46 -0.52 38.19
C PHE A 20 23.61 -1.54 37.04
N ALA A 21 24.30 -1.10 35.99
CA ALA A 21 24.49 -1.91 34.82
C ALA A 21 25.35 -3.14 35.18
N GLN A 22 26.33 -2.99 36.06
CA GLN A 22 27.14 -4.11 36.52
C GLN A 22 26.30 -5.08 37.34
N SER A 23 25.47 -4.57 38.26
CA SER A 23 24.61 -5.45 39.03
C SER A 23 23.62 -6.20 38.13
N TYR A 24 23.04 -5.53 37.14
CA TYR A 24 22.13 -6.16 36.19
C TYR A 24 22.78 -7.33 35.46
N GLN A 25 24.00 -7.07 34.95
CA GLN A 25 24.80 -8.05 34.22
C GLN A 25 24.93 -9.38 34.99
N SER A 26 25.20 -9.27 36.29
CA SER A 26 25.31 -10.43 37.15
C SER A 26 24.05 -11.29 37.08
N SER A 27 22.91 -10.66 37.29
CA SER A 27 21.69 -11.43 37.41
C SER A 27 21.13 -11.80 36.05
N ALA A 28 21.31 -10.95 35.04
CA ALA A 28 20.73 -11.21 33.72
C ALA A 28 21.30 -12.48 33.09
N GLU A 29 22.58 -12.84 33.29
CA GLU A 29 23.07 -14.01 32.57
C GLU A 29 22.40 -15.28 33.12
N GLN A 30 22.09 -15.26 34.42
N GLN A 30 22.09 -15.25 34.41
CA GLN A 30 21.39 -16.37 35.03
CA GLN A 30 21.40 -16.36 35.04
C GLN A 30 19.99 -16.50 34.45
C GLN A 30 19.99 -16.50 34.46
N VAL A 31 19.31 -15.35 34.30
CA VAL A 31 17.91 -15.33 33.87
C VAL A 31 17.82 -15.72 32.38
N LEU A 32 18.66 -15.12 31.55
CA LEU A 32 18.76 -15.49 30.11
C LEU A 32 19.11 -16.96 29.95
N PHE A 33 20.09 -17.47 30.68
CA PHE A 33 20.47 -18.87 30.51
C PHE A 33 19.29 -19.81 30.80
N GLN A 34 18.50 -19.59 31.87
CA GLN A 34 17.39 -20.50 32.18
C GLN A 34 16.34 -20.46 31.06
N SER A 35 16.16 -19.27 30.53
CA SER A 35 15.21 -19.01 29.49
C SER A 35 15.67 -19.67 28.19
N VAL A 36 16.90 -19.40 27.75
CA VAL A 36 17.48 -20.11 26.60
C VAL A 36 17.49 -21.62 26.82
N ALA A 37 17.79 -22.09 28.03
CA ALA A 37 17.90 -23.52 28.24
C ALA A 37 16.52 -24.16 28.10
N ALA A 38 15.49 -23.51 28.63
CA ALA A 38 14.15 -24.06 28.52
C ALA A 38 13.67 -24.06 27.06
N SER A 39 14.01 -23.00 26.32
CA SER A 39 13.69 -22.93 24.90
C SER A 39 14.35 -24.08 24.16
N TRP A 40 15.60 -24.42 24.51
CA TRP A 40 16.37 -25.48 23.87
C TRP A 40 15.71 -26.82 24.11
N ALA A 41 15.30 -27.06 25.36
CA ALA A 41 14.73 -28.32 25.78
C ALA A 41 13.43 -28.53 25.04
N HIS A 42 12.69 -27.45 24.79
CA HIS A 42 11.45 -27.53 24.03
C HIS A 42 11.73 -27.74 22.53
N ASP A 43 12.64 -26.95 21.97
CA ASP A 43 12.80 -26.93 20.51
C ASP A 43 13.48 -28.23 20.00
N THR A 44 14.23 -28.92 20.86
CA THR A 44 14.88 -30.17 20.50
C THR A 44 14.03 -31.33 20.97
N ASN A 45 12.79 -31.06 21.42
CA ASN A 45 11.95 -32.08 22.03
C ASN A 45 10.56 -31.52 22.36
N ILE A 46 9.72 -31.37 21.36
CA ILE A 46 8.50 -30.60 21.53
C ILE A 46 7.52 -31.47 22.32
N THR A 47 7.30 -31.16 23.61
CA THR A 47 6.27 -31.83 24.40
C THR A 47 5.42 -30.80 25.15
N ALA A 48 4.24 -31.22 25.62
CA ALA A 48 3.38 -30.37 26.43
C ALA A 48 4.15 -29.84 27.65
N GLU A 49 4.92 -30.73 28.23
CA GLU A 49 5.62 -30.40 29.45
C GLU A 49 6.77 -29.44 29.17
N ASN A 50 7.47 -29.62 28.05
CA ASN A 50 8.58 -28.74 27.76
C ASN A 50 7.99 -27.37 27.48
N ALA A 51 6.80 -27.29 26.84
CA ALA A 51 6.21 -25.97 26.61
C ALA A 51 5.87 -25.29 27.94
N ARG A 52 5.24 -26.07 28.84
CA ARG A 52 4.92 -25.55 30.16
C ARG A 52 6.17 -24.92 30.77
N ARG A 53 7.31 -25.62 30.72
CA ARG A 53 8.52 -25.15 31.37
C ARG A 53 9.07 -23.90 30.72
N GLN A 54 9.00 -23.87 29.38
CA GLN A 54 9.50 -22.72 28.66
C GLN A 54 8.67 -21.51 29.04
N GLU A 55 7.35 -21.69 29.11
CA GLU A 55 6.45 -20.61 29.47
C GLU A 55 6.79 -20.08 30.86
N GLU A 56 7.07 -20.98 31.80
CA GLU A 56 7.46 -20.58 33.15
C GLU A 56 8.76 -19.78 33.10
N ALA A 57 9.71 -20.20 32.25
CA ALA A 57 10.97 -19.49 32.18
C ALA A 57 10.76 -18.09 31.57
N ALA A 58 9.90 -18.02 30.56
CA ALA A 58 9.66 -16.73 29.92
C ALA A 58 9.01 -15.81 30.93
N LEU A 59 8.11 -16.33 31.78
CA LEU A 59 7.45 -15.51 32.79
C LEU A 59 8.48 -14.95 33.76
N LEU A 60 9.43 -15.79 34.21
CA LEU A 60 10.50 -15.34 35.09
C LEU A 60 11.31 -14.24 34.39
N SER A 61 11.57 -14.39 33.06
CA SER A 61 12.29 -13.39 32.29
C SER A 61 11.56 -12.06 32.30
N GLN A 62 10.24 -12.07 32.16
CA GLN A 62 9.46 -10.85 32.18
C GLN A 62 9.47 -10.19 33.55
N GLU A 63 9.37 -11.02 34.59
CA GLU A 63 9.40 -10.48 35.94
C GLU A 63 10.71 -9.70 36.15
N PHE A 64 11.81 -10.35 35.73
CA PHE A 64 13.14 -9.78 35.85
C PHE A 64 13.22 -8.46 35.09
N ALA A 65 12.85 -8.50 33.80
CA ALA A 65 12.83 -7.35 32.92
C ALA A 65 12.00 -6.24 33.49
N GLU A 66 10.83 -6.56 34.08
CA GLU A 66 9.99 -5.55 34.67
C GLU A 66 10.70 -4.91 35.85
N ALA A 67 11.26 -5.71 36.77
CA ALA A 67 11.82 -5.11 37.97
C ALA A 67 13.00 -4.18 37.60
N TRP A 68 13.89 -4.65 36.70
CA TRP A 68 15.11 -3.90 36.41
C TRP A 68 14.79 -2.72 35.48
N GLY A 69 13.85 -2.94 34.54
CA GLY A 69 13.19 -1.92 33.75
C GLY A 69 12.64 -0.77 34.58
N GLN A 70 11.80 -1.05 35.59
CA GLN A 70 11.18 0.00 36.35
C GLN A 70 12.21 0.69 37.23
N LYS A 71 13.19 -0.03 37.75
CA LYS A 71 14.23 0.61 38.53
C LYS A 71 15.06 1.60 37.67
N ALA A 72 15.38 1.20 36.44
CA ALA A 72 16.12 2.03 35.48
C ALA A 72 15.38 3.36 35.24
N LYS A 73 14.07 3.28 35.03
CA LYS A 73 13.22 4.46 34.92
C LYS A 73 13.23 5.30 36.18
N GLU A 74 12.88 4.68 37.32
CA GLU A 74 12.83 5.38 38.58
C GLU A 74 14.10 6.23 38.75
N LEU A 75 15.28 5.66 38.43
CA LEU A 75 16.54 6.31 38.77
C LEU A 75 17.10 7.17 37.63
N TYR A 76 16.92 6.76 36.38
CA TYR A 76 17.70 7.33 35.29
C TYR A 76 16.82 7.83 34.14
N GLU A 77 15.48 7.85 34.29
CA GLU A 77 14.62 8.18 33.14
C GLU A 77 14.99 9.57 32.60
N PRO A 78 15.17 10.60 33.45
CA PRO A 78 15.39 11.96 32.96
C PRO A 78 16.85 12.33 32.64
N ILE A 79 17.76 11.38 32.41
CA ILE A 79 19.19 11.69 32.44
C ILE A 79 20.02 10.71 31.61
N TRP A 80 19.49 9.53 31.24
CA TRP A 80 20.30 8.48 30.68
C TRP A 80 20.78 8.86 29.29
N GLN A 81 19.99 9.72 28.61
CA GLN A 81 20.28 10.16 27.26
C GLN A 81 21.44 11.16 27.26
N GLN A 82 21.73 11.79 28.42
CA GLN A 82 22.79 12.77 28.54
C GLN A 82 24.05 12.15 29.17
N PHE A 83 24.08 10.82 29.38
CA PHE A 83 25.28 10.20 29.95
C PHE A 83 26.47 10.34 28.97
N THR A 84 27.64 10.59 29.52
CA THR A 84 28.87 10.71 28.74
C THR A 84 29.25 9.36 28.12
N ASP A 85 28.93 8.25 28.81
CA ASP A 85 29.45 6.95 28.42
C ASP A 85 28.52 6.42 27.36
N PRO A 86 28.91 6.36 26.05
CA PRO A 86 27.96 5.90 25.04
C PRO A 86 27.49 4.44 25.21
N GLN A 87 28.41 3.55 25.61
CA GLN A 87 28.03 2.19 25.87
C GLN A 87 27.02 2.07 27.01
N LEU A 88 27.25 2.79 28.10
CA LEU A 88 26.30 2.90 29.21
C LEU A 88 24.94 3.41 28.73
N ARG A 89 24.91 4.43 27.85
CA ARG A 89 23.62 4.91 27.34
C ARG A 89 22.88 3.78 26.63
N ARG A 90 23.61 2.95 25.89
CA ARG A 90 23.00 1.85 25.12
C ARG A 90 22.50 0.75 26.07
N ILE A 91 23.25 0.49 27.16
CA ILE A 91 22.84 -0.52 28.12
C ILE A 91 21.53 -0.08 28.78
N ILE A 92 21.50 1.14 29.32
CA ILE A 92 20.32 1.62 30.03
C ILE A 92 19.13 1.68 29.08
N GLY A 93 19.39 2.15 27.87
CA GLY A 93 18.37 2.26 26.83
C GLY A 93 17.69 0.91 26.57
N ALA A 94 18.44 -0.20 26.53
CA ALA A 94 17.93 -1.55 26.40
C ALA A 94 17.14 -1.98 27.65
N VAL A 95 17.70 -1.78 28.85
CA VAL A 95 17.08 -2.26 30.07
C VAL A 95 15.71 -1.60 30.26
N ARG A 96 15.57 -0.31 29.94
CA ARG A 96 14.29 0.38 30.12
C ARG A 96 13.21 0.12 29.05
N THR A 97 13.50 -0.75 28.05
CA THR A 97 12.52 -1.24 27.09
C THR A 97 11.99 -2.57 27.61
N LEU A 98 10.70 -2.60 28.00
CA LEU A 98 10.12 -3.73 28.72
C LEU A 98 9.53 -4.79 27.77
N GLY A 99 9.07 -4.35 26.62
CA GLY A 99 8.39 -5.23 25.67
C GLY A 99 7.20 -5.91 26.38
N SER A 100 7.13 -7.22 26.22
CA SER A 100 6.02 -7.99 26.75
C SER A 100 5.93 -7.92 28.29
N ALA A 101 7.02 -7.51 28.98
CA ALA A 101 6.93 -7.33 30.43
C ALA A 101 6.09 -6.13 30.79
N ASN A 102 5.71 -5.31 29.81
CA ASN A 102 4.76 -4.24 30.12
C ASN A 102 3.35 -4.79 30.37
N LEU A 103 3.08 -5.99 29.87
CA LEU A 103 1.70 -6.49 29.94
C LEU A 103 1.43 -6.89 31.39
N PRO A 104 0.22 -6.79 31.91
CA PRO A 104 -0.06 -7.43 33.20
C PRO A 104 0.04 -8.96 33.07
N LEU A 105 0.10 -9.64 34.23
CA LEU A 105 0.40 -11.07 34.38
C LEU A 105 -0.47 -11.93 33.47
N ALA A 106 -1.78 -11.68 33.45
CA ALA A 106 -2.69 -12.53 32.71
C ALA A 106 -2.40 -12.43 31.23
N LYS A 107 -2.08 -11.22 30.75
CA LYS A 107 -1.75 -11.05 29.35
C LYS A 107 -0.35 -11.57 29.04
N ARG A 108 0.59 -11.43 29.98
CA ARG A 108 1.90 -12.06 29.85
C ARG A 108 1.78 -13.57 29.63
N GLN A 109 0.89 -14.22 30.40
CA GLN A 109 0.68 -15.65 30.25
C GLN A 109 0.02 -15.98 28.91
N GLN A 110 -0.93 -15.17 28.46
CA GLN A 110 -1.58 -15.34 27.17
C GLN A 110 -0.55 -15.23 26.08
N TYR A 111 0.31 -14.20 26.14
CA TYR A 111 1.34 -13.91 25.15
C TYR A 111 2.30 -15.09 25.04
N ASN A 112 2.73 -15.63 26.19
CA ASN A 112 3.73 -16.68 26.25
C ASN A 112 3.10 -17.95 25.66
N ALA A 113 1.82 -18.24 25.98
CA ALA A 113 1.12 -19.40 25.45
C ALA A 113 0.93 -19.29 23.94
N LEU A 114 0.61 -18.10 23.46
CA LEU A 114 0.50 -17.90 22.02
C LEU A 114 1.80 -18.20 21.29
N LEU A 115 2.94 -17.70 21.77
CA LEU A 115 4.21 -18.00 21.14
C LEU A 115 4.42 -19.51 21.10
N SER A 116 4.13 -20.19 22.21
CA SER A 116 4.38 -21.62 22.31
C SER A 116 3.47 -22.41 21.37
N GLN A 117 2.19 -22.02 21.29
N GLN A 117 2.19 -22.01 21.29
CA GLN A 117 1.24 -22.74 20.44
CA GLN A 117 1.21 -22.67 20.45
C GLN A 117 1.54 -22.46 18.97
C GLN A 117 1.54 -22.45 18.96
N MET A 118 1.92 -21.24 18.60
CA MET A 118 2.23 -20.92 17.18
C MET A 118 3.50 -21.68 16.76
N SER A 119 4.49 -21.80 17.65
CA SER A 119 5.72 -22.55 17.37
C SER A 119 5.43 -24.02 17.14
N ARG A 120 4.59 -24.59 17.99
CA ARG A 120 4.23 -25.98 17.92
C ARG A 120 3.46 -26.26 16.64
N ILE A 121 2.48 -25.42 16.27
CA ILE A 121 1.73 -25.65 15.06
C ILE A 121 2.66 -25.70 13.84
N TYR A 122 3.54 -24.71 13.72
CA TYR A 122 4.42 -24.66 12.57
C TYR A 122 5.33 -25.89 12.52
N SER A 123 5.96 -26.25 13.66
CA SER A 123 7.02 -27.21 13.63
C SER A 123 6.49 -28.64 13.74
N THR A 124 5.18 -28.85 13.93
CA THR A 124 4.63 -30.20 13.94
C THR A 124 3.62 -30.44 12.82
N ALA A 125 3.34 -29.45 11.98
CA ALA A 125 2.35 -29.64 10.93
C ALA A 125 2.87 -30.67 9.91
N LYS A 126 1.94 -31.44 9.38
CA LYS A 126 2.22 -32.53 8.44
C LYS A 126 1.26 -32.49 7.26
N VAL A 127 1.69 -33.05 6.13
CA VAL A 127 0.80 -33.28 5.01
C VAL A 127 0.58 -34.80 4.87
N CYS A 128 -0.66 -35.21 4.91
CA CYS A 128 -0.99 -36.63 4.85
C CYS A 128 -1.50 -37.01 3.45
N LEU A 129 -1.34 -38.31 3.09
CA LEU A 129 -1.71 -38.88 1.79
C LEU A 129 -3.02 -39.67 1.91
N THR A 135 0.53 -42.18 7.30
CA THR A 135 1.72 -41.85 6.47
C THR A 135 1.73 -40.35 6.12
N CYS A 136 2.60 -39.58 6.79
CA CYS A 136 2.49 -38.12 6.75
C CYS A 136 3.86 -37.54 6.50
N TRP A 137 3.92 -36.57 5.60
CA TRP A 137 5.18 -35.91 5.28
C TRP A 137 5.39 -34.72 6.21
N SER A 138 6.62 -34.59 6.72
CA SER A 138 7.09 -33.42 7.43
C SER A 138 7.61 -32.38 6.46
N LEU A 139 7.72 -31.12 6.90
CA LEU A 139 8.33 -30.07 6.08
C LEU A 139 9.78 -30.41 5.76
N ASP A 140 10.51 -30.75 6.82
CA ASP A 140 11.91 -31.09 6.78
C ASP A 140 12.10 -32.51 7.29
N PRO A 141 12.53 -33.52 6.48
CA PRO A 141 13.05 -33.33 5.12
C PRO A 141 12.03 -33.43 3.99
N ASP A 142 10.87 -34.01 4.26
CA ASP A 142 10.07 -34.61 3.22
C ASP A 142 9.58 -33.58 2.17
N LEU A 143 8.86 -32.55 2.63
CA LEU A 143 8.28 -31.61 1.66
C LEU A 143 9.39 -30.75 1.03
N THR A 144 10.42 -30.47 1.82
CA THR A 144 11.57 -29.75 1.33
C THR A 144 12.14 -30.52 0.14
N ASN A 145 12.29 -31.85 0.27
CA ASN A 145 12.93 -32.63 -0.78
C ASN A 145 12.07 -32.58 -2.05
N ILE A 146 10.76 -32.69 -1.88
CA ILE A 146 9.83 -32.64 -2.99
C ILE A 146 9.97 -31.34 -3.76
N LEU A 147 9.91 -30.19 -3.08
CA LEU A 147 9.96 -28.89 -3.71
C LEU A 147 11.30 -28.73 -4.44
N ALA A 148 12.40 -29.28 -3.86
CA ALA A 148 13.74 -29.14 -4.41
C ALA A 148 13.98 -30.04 -5.62
N SER A 149 13.40 -31.24 -5.62
CA SER A 149 13.88 -32.32 -6.48
C SER A 149 12.80 -32.74 -7.49
N SER A 150 11.52 -32.70 -7.13
CA SER A 150 10.47 -33.18 -8.02
C SER A 150 10.19 -32.17 -9.14
N ARG A 151 9.81 -32.71 -10.31
CA ARG A 151 9.54 -31.89 -11.48
C ARG A 151 8.17 -32.27 -12.02
N SER A 152 7.41 -32.85 -11.11
CA SER A 152 6.04 -33.22 -11.39
C SER A 152 5.14 -32.09 -10.89
N TYR A 153 4.48 -31.42 -11.84
CA TYR A 153 3.60 -30.33 -11.52
C TYR A 153 2.66 -30.73 -10.37
N ALA A 154 2.06 -31.92 -10.46
CA ALA A 154 1.01 -32.36 -9.56
C ALA A 154 1.54 -32.66 -8.16
N MET A 155 2.74 -33.25 -8.10
CA MET A 155 3.37 -33.59 -6.85
C MET A 155 3.75 -32.30 -6.10
N LEU A 156 4.38 -31.38 -6.83
CA LEU A 156 4.76 -30.08 -6.32
C LEU A 156 3.54 -29.35 -5.76
N LEU A 157 2.41 -29.43 -6.47
CA LEU A 157 1.21 -28.74 -6.11
C LEU A 157 0.70 -29.33 -4.80
N PHE A 158 0.72 -30.67 -4.74
CA PHE A 158 0.20 -31.37 -3.58
C PHE A 158 1.01 -31.01 -2.35
N ALA A 159 2.34 -30.95 -2.47
CA ALA A 159 3.15 -30.54 -1.35
C ALA A 159 2.91 -29.05 -1.00
N TRP A 160 2.89 -28.16 -1.99
CA TRP A 160 2.70 -26.73 -1.78
C TRP A 160 1.38 -26.42 -1.06
N GLU A 161 0.29 -26.95 -1.63
CA GLU A 161 -1.05 -26.73 -1.14
C GLU A 161 -1.19 -27.39 0.23
N GLY A 162 -0.71 -28.63 0.34
CA GLY A 162 -0.80 -29.33 1.60
C GLY A 162 -0.14 -28.57 2.76
N TRP A 163 1.08 -28.07 2.52
CA TRP A 163 1.84 -27.38 3.54
C TRP A 163 1.18 -26.04 3.93
N HIS A 164 0.78 -25.26 2.92
CA HIS A 164 0.17 -23.96 3.17
C HIS A 164 -1.12 -24.12 3.96
N ASN A 165 -1.91 -25.12 3.60
CA ASN A 165 -3.15 -25.38 4.32
C ASN A 165 -2.89 -25.84 5.76
N ALA A 166 -1.94 -26.78 5.93
CA ALA A 166 -1.70 -27.46 7.18
C ALA A 166 -1.16 -26.49 8.22
N ALA A 167 -0.21 -25.65 7.82
CA ALA A 167 0.48 -24.74 8.72
C ALA A 167 -0.29 -23.44 8.88
N GLY A 168 -0.77 -22.87 7.76
CA GLY A 168 -1.38 -21.53 7.74
C GLY A 168 -2.73 -21.41 8.44
N ILE A 169 -3.67 -22.31 8.07
CA ILE A 169 -5.07 -22.18 8.47
C ILE A 169 -5.19 -22.15 10.01
N PRO A 170 -4.60 -23.08 10.78
CA PRO A 170 -4.76 -23.05 12.24
C PRO A 170 -4.02 -21.90 12.94
N LEU A 171 -3.05 -21.27 12.29
CA LEU A 171 -2.29 -20.21 12.95
C LEU A 171 -3.08 -18.92 13.04
N LYS A 172 -4.02 -18.73 12.10
CA LYS A 172 -4.58 -17.40 11.85
C LYS A 172 -5.21 -16.84 13.13
N PRO A 173 -6.10 -17.56 13.86
CA PRO A 173 -6.68 -16.99 15.06
C PRO A 173 -5.64 -16.56 16.10
N LEU A 174 -4.58 -17.35 16.25
N LEU A 174 -4.58 -17.36 16.25
CA LEU A 174 -3.55 -17.07 17.24
CA LEU A 174 -3.54 -17.08 17.23
C LEU A 174 -2.72 -15.86 16.82
C LEU A 174 -2.73 -15.85 16.82
N TYR A 175 -2.47 -15.71 15.51
CA TYR A 175 -1.64 -14.64 15.00
C TYR A 175 -2.30 -13.29 15.27
N GLU A 176 -3.60 -13.25 15.07
CA GLU A 176 -4.36 -12.07 15.33
C GLU A 176 -4.23 -11.66 16.81
N ASP A 177 -4.38 -12.64 17.73
CA ASP A 177 -4.32 -12.39 19.17
C ASP A 177 -2.93 -11.94 19.60
N PHE A 178 -1.92 -12.54 18.96
CA PHE A 178 -0.54 -12.23 19.21
C PHE A 178 -0.26 -10.78 18.79
N THR A 179 -0.71 -10.38 17.60
CA THR A 179 -0.46 -9.06 17.07
C THR A 179 -0.99 -7.99 18.04
N ALA A 180 -2.21 -8.22 18.55
CA ALA A 180 -2.86 -7.26 19.38
C ALA A 180 -2.07 -7.13 20.69
N LEU A 181 -1.62 -8.25 21.27
CA LEU A 181 -0.93 -8.16 22.55
C LEU A 181 0.47 -7.56 22.34
N SER A 182 1.15 -7.94 21.27
CA SER A 182 2.48 -7.41 21.00
C SER A 182 2.42 -5.87 20.92
N ASN A 183 1.43 -5.34 20.18
CA ASN A 183 1.20 -3.92 20.03
C ASN A 183 0.94 -3.26 21.39
N GLU A 184 0.05 -3.82 22.17
CA GLU A 184 -0.23 -3.34 23.52
C GLU A 184 1.06 -3.24 24.35
N ALA A 185 1.94 -4.23 24.26
CA ALA A 185 3.18 -4.22 25.02
C ALA A 185 4.12 -3.08 24.57
N TYR A 186 4.35 -2.94 23.26
CA TYR A 186 5.36 -2.01 22.79
C TYR A 186 4.83 -0.59 22.83
N LYS A 187 3.52 -0.41 22.76
CA LYS A 187 2.95 0.90 22.91
C LYS A 187 3.34 1.53 24.26
N GLN A 188 3.48 0.71 25.30
N GLN A 188 3.49 0.71 25.31
CA GLN A 188 3.84 1.27 26.61
CA GLN A 188 3.84 1.26 26.61
C GLN A 188 5.33 1.56 26.69
C GLN A 188 5.35 1.56 26.68
N ASP A 189 6.11 1.15 25.67
CA ASP A 189 7.50 1.57 25.58
C ASP A 189 7.60 2.85 24.74
N GLY A 190 6.48 3.37 24.24
CA GLY A 190 6.48 4.57 23.41
C GLY A 190 6.38 4.37 21.90
N PHE A 191 6.23 3.13 21.39
CA PHE A 191 6.19 2.89 19.96
C PHE A 191 4.74 2.82 19.47
N THR A 192 4.47 3.37 18.28
CA THR A 192 3.11 3.36 17.73
C THR A 192 2.62 1.91 17.49
N ASP A 193 3.54 0.99 17.17
CA ASP A 193 3.22 -0.39 16.95
C ASP A 193 4.52 -1.19 17.01
N THR A 194 4.41 -2.51 17.03
CA THR A 194 5.54 -3.40 17.16
C THR A 194 6.55 -3.20 16.00
N GLY A 195 6.04 -2.96 14.79
CA GLY A 195 6.88 -2.73 13.62
C GLY A 195 7.82 -1.54 13.82
N ALA A 196 7.29 -0.48 14.44
CA ALA A 196 8.09 0.70 14.70
C ALA A 196 9.24 0.36 15.66
N TYR A 197 8.97 -0.49 16.66
CA TYR A 197 10.03 -0.91 17.54
C TYR A 197 11.07 -1.72 16.76
N TRP A 198 10.64 -2.65 15.90
CA TRP A 198 11.56 -3.46 15.12
C TRP A 198 12.45 -2.60 14.21
N ARG A 199 11.83 -1.60 13.58
CA ARG A 199 12.55 -0.72 12.69
C ARG A 199 13.53 0.17 13.46
N SER A 200 13.22 0.50 14.73
CA SER A 200 14.06 1.36 15.55
C SER A 200 15.48 0.80 15.71
N TRP A 201 15.66 -0.52 15.59
CA TRP A 201 16.97 -1.10 15.73
C TRP A 201 17.95 -0.57 14.68
N TYR A 202 17.51 -0.02 13.53
CA TYR A 202 18.44 0.44 12.51
C TYR A 202 18.87 1.89 12.75
N ASN A 203 18.24 2.52 13.75
CA ASN A 203 18.55 3.90 14.11
C ASN A 203 18.84 4.79 12.89
N SER A 204 17.85 4.86 12.02
CA SER A 204 17.90 5.62 10.80
C SER A 204 16.50 6.17 10.57
N PRO A 205 16.34 7.50 10.52
CA PRO A 205 15.01 8.07 10.26
C PRO A 205 14.51 7.80 8.83
N THR A 206 15.42 7.58 7.89
CA THR A 206 15.06 7.39 6.49
C THR A 206 15.10 5.89 6.12
N PHE A 207 14.98 4.96 7.07
CA PHE A 207 15.13 3.51 6.83
C PHE A 207 14.23 3.01 5.70
N GLU A 208 12.92 3.26 5.77
CA GLU A 208 12.03 2.71 4.74
C GLU A 208 12.33 3.25 3.33
N ASP A 209 12.54 4.57 3.20
CA ASP A 209 12.90 5.21 1.96
C ASP A 209 14.25 4.73 1.44
N ASP A 210 15.22 4.52 2.35
CA ASP A 210 16.52 4.03 1.89
C ASP A 210 16.40 2.60 1.33
N LEU A 211 15.55 1.78 1.96
CA LEU A 211 15.33 0.40 1.50
C LEU A 211 14.66 0.44 0.13
N GLU A 212 13.65 1.31 -0.02
CA GLU A 212 12.94 1.46 -1.26
C GLU A 212 13.89 1.87 -2.37
N HIS A 213 14.84 2.76 -2.09
CA HIS A 213 15.78 3.20 -3.10
C HIS A 213 16.71 2.07 -3.50
N LEU A 214 17.13 1.24 -2.54
CA LEU A 214 17.96 0.08 -2.80
C LEU A 214 17.21 -0.84 -3.74
N TYR A 215 15.97 -1.16 -3.39
CA TYR A 215 15.18 -2.09 -4.21
C TYR A 215 15.01 -1.57 -5.66
N GLN A 216 14.78 -0.27 -5.84
CA GLN A 216 14.71 0.31 -7.18
C GLN A 216 15.95 0.02 -8.02
N GLN A 217 17.15 0.03 -7.44
CA GLN A 217 18.34 -0.32 -8.18
C GLN A 217 18.45 -1.81 -8.49
N LEU A 218 17.92 -2.66 -7.62
CA LEU A 218 18.10 -4.10 -7.76
C LEU A 218 17.03 -4.73 -8.63
N GLU A 219 15.87 -4.07 -8.68
CA GLU A 219 14.70 -4.63 -9.36
C GLU A 219 14.98 -5.09 -10.81
N PRO A 220 15.68 -4.31 -11.66
CA PRO A 220 15.91 -4.78 -13.01
C PRO A 220 16.63 -6.12 -13.08
N LEU A 221 17.52 -6.38 -12.13
CA LEU A 221 18.28 -7.62 -12.09
C LEU A 221 17.28 -8.76 -11.89
N TYR A 222 16.38 -8.55 -10.93
CA TYR A 222 15.40 -9.56 -10.60
C TYR A 222 14.46 -9.75 -11.79
N LEU A 223 13.99 -8.69 -12.44
CA LEU A 223 13.06 -8.86 -13.55
C LEU A 223 13.69 -9.71 -14.66
N ASN A 224 14.98 -9.56 -14.90
CA ASN A 224 15.66 -10.26 -15.99
C ASN A 224 15.86 -11.71 -15.61
N LEU A 225 16.24 -11.95 -14.35
CA LEU A 225 16.39 -13.32 -13.90
C LEU A 225 15.03 -14.05 -14.01
N HIS A 226 13.95 -13.40 -13.51
CA HIS A 226 12.60 -13.96 -13.53
C HIS A 226 12.19 -14.39 -14.94
N ALA A 227 12.36 -13.48 -15.88
CA ALA A 227 11.96 -13.70 -17.27
C ALA A 227 12.70 -14.89 -17.87
N PHE A 228 13.98 -14.99 -17.56
CA PHE A 228 14.82 -16.05 -18.09
C PHE A 228 14.43 -17.40 -17.52
N VAL A 229 14.19 -17.44 -16.20
CA VAL A 229 13.73 -18.65 -15.55
C VAL A 229 12.32 -19.04 -16.01
N ARG A 230 11.43 -18.04 -16.15
CA ARG A 230 10.09 -18.32 -16.64
C ARG A 230 10.14 -19.07 -17.98
N ARG A 231 11.04 -18.62 -18.84
CA ARG A 231 11.16 -19.19 -20.17
C ARG A 231 11.60 -20.66 -20.09
N ALA A 232 12.55 -20.97 -19.20
CA ALA A 232 13.02 -22.32 -19.01
C ALA A 232 11.91 -23.22 -18.44
N LEU A 233 11.12 -22.68 -17.50
CA LEU A 233 9.97 -23.39 -16.96
C LEU A 233 8.92 -23.64 -18.06
N HIS A 234 8.76 -22.68 -18.98
CA HIS A 234 7.81 -22.84 -20.08
C HIS A 234 8.19 -24.02 -20.98
N ARG A 235 9.49 -24.09 -21.32
N ARG A 235 9.48 -24.10 -21.32
CA ARG A 235 10.01 -25.17 -22.15
CA ARG A 235 9.95 -25.15 -22.19
C ARG A 235 9.68 -26.52 -21.51
C ARG A 235 9.72 -26.52 -21.52
N ARG A 236 9.72 -26.57 -20.18
CA ARG A 236 9.49 -27.82 -19.44
C ARG A 236 8.02 -28.11 -19.23
N TYR A 237 7.25 -27.14 -18.74
CA TYR A 237 5.90 -27.39 -18.27
C TYR A 237 4.84 -27.03 -19.30
N GLY A 238 5.20 -26.21 -20.29
CA GLY A 238 4.30 -25.89 -21.37
C GLY A 238 3.34 -24.74 -21.04
N ASP A 239 2.57 -24.40 -22.06
CA ASP A 239 1.77 -23.20 -22.14
C ASP A 239 0.59 -23.25 -21.18
N ARG A 240 0.13 -24.46 -20.88
CA ARG A 240 -1.00 -24.58 -20.00
C ARG A 240 -0.63 -24.09 -18.58
N TYR A 241 0.61 -24.34 -18.13
CA TYR A 241 0.93 -24.09 -16.73
C TYR A 241 1.89 -22.93 -16.52
N ILE A 242 2.49 -22.41 -17.60
CA ILE A 242 3.37 -21.26 -17.58
C ILE A 242 2.88 -20.25 -18.61
N ASN A 243 2.63 -19.03 -18.14
CA ASN A 243 2.25 -17.90 -18.97
C ASN A 243 3.48 -17.00 -19.08
N LEU A 244 3.96 -16.84 -20.32
CA LEU A 244 5.16 -16.09 -20.60
C LEU A 244 4.98 -14.58 -20.34
N ARG A 245 3.74 -14.11 -20.08
CA ARG A 245 3.51 -12.71 -19.68
C ARG A 245 2.83 -12.59 -18.33
N GLY A 246 2.83 -13.71 -17.58
CA GLY A 246 2.16 -13.78 -16.30
C GLY A 246 3.11 -14.15 -15.16
N PRO A 247 2.62 -14.10 -13.91
CA PRO A 247 3.40 -14.56 -12.77
C PRO A 247 3.66 -16.06 -12.84
N ILE A 248 4.76 -16.46 -12.23
CA ILE A 248 5.16 -17.87 -12.26
C ILE A 248 4.40 -18.55 -11.13
N PRO A 249 3.79 -19.73 -11.34
CA PRO A 249 3.24 -20.50 -10.22
C PRO A 249 4.22 -20.73 -9.07
N ALA A 250 3.77 -20.52 -7.80
CA ALA A 250 4.68 -20.29 -6.70
C ALA A 250 5.35 -21.58 -6.22
N HIS A 251 4.98 -22.73 -6.79
CA HIS A 251 5.48 -24.04 -6.38
C HIS A 251 6.56 -24.60 -7.32
N LEU A 252 7.00 -23.84 -8.35
CA LEU A 252 7.84 -24.42 -9.37
C LEU A 252 9.31 -24.01 -9.27
N LEU A 253 9.72 -23.31 -8.21
CA LEU A 253 10.99 -22.62 -8.18
C LEU A 253 12.01 -23.23 -7.22
N GLY A 254 11.71 -24.42 -6.69
CA GLY A 254 12.73 -25.24 -6.01
C GLY A 254 12.59 -25.21 -4.50
N ASP A 255 11.68 -24.35 -4.02
CA ASP A 255 11.64 -23.97 -2.62
C ASP A 255 10.19 -23.70 -2.25
N MET A 256 9.78 -24.07 -1.03
CA MET A 256 8.40 -23.92 -0.59
C MET A 256 7.90 -22.46 -0.68
N TRP A 257 8.79 -21.45 -0.50
CA TRP A 257 8.40 -20.05 -0.51
C TRP A 257 8.82 -19.33 -1.78
N ALA A 258 9.41 -20.09 -2.72
CA ALA A 258 9.93 -19.56 -3.97
C ALA A 258 11.01 -18.51 -3.65
N GLN A 259 11.69 -18.65 -2.51
CA GLN A 259 12.51 -17.55 -2.00
C GLN A 259 13.95 -17.59 -2.54
N SER A 260 14.40 -18.78 -2.87
CA SER A 260 15.72 -19.05 -3.43
C SER A 260 15.53 -20.08 -4.51
N TRP A 261 16.12 -19.86 -5.69
CA TRP A 261 15.84 -20.73 -6.82
C TRP A 261 17.01 -21.67 -7.17
N GLU A 262 17.97 -21.83 -6.25
CA GLU A 262 19.15 -22.67 -6.45
C GLU A 262 18.80 -24.07 -6.97
N ASN A 263 17.72 -24.67 -6.42
CA ASN A 263 17.32 -26.02 -6.76
C ASN A 263 16.88 -26.24 -8.19
N ILE A 264 16.54 -25.20 -8.96
CA ILE A 264 16.19 -25.42 -10.35
C ILE A 264 17.34 -25.05 -11.28
N TYR A 265 18.56 -24.93 -10.73
CA TYR A 265 19.77 -24.66 -11.53
C TYR A 265 19.91 -25.63 -12.69
N ASP A 266 19.64 -26.94 -12.48
CA ASP A 266 19.84 -27.90 -13.54
C ASP A 266 18.94 -27.64 -14.72
N MET A 267 17.80 -26.97 -14.50
CA MET A 267 16.89 -26.66 -15.57
C MET A 267 17.26 -25.40 -16.32
N VAL A 268 18.06 -24.48 -15.73
CA VAL A 268 18.27 -23.18 -16.36
C VAL A 268 19.75 -22.97 -16.78
N VAL A 269 20.67 -23.88 -16.42
CA VAL A 269 22.10 -23.65 -16.57
C VAL A 269 22.40 -23.28 -18.03
N PRO A 270 23.02 -22.13 -18.30
CA PRO A 270 23.37 -21.69 -19.64
C PRO A 270 24.25 -22.65 -20.43
N PHE A 271 25.37 -23.12 -19.83
CA PHE A 271 26.37 -23.86 -20.57
C PHE A 271 26.64 -25.20 -19.89
N PRO A 272 25.74 -26.20 -20.10
CA PRO A 272 25.86 -27.50 -19.46
C PRO A 272 27.12 -28.31 -19.75
N ASP A 273 27.93 -27.92 -20.76
CA ASP A 273 29.18 -28.59 -21.06
C ASP A 273 30.32 -28.23 -20.11
N LYS A 274 30.14 -27.19 -19.28
CA LYS A 274 31.18 -26.75 -18.39
C LYS A 274 31.04 -27.50 -17.07
N PRO A 275 31.92 -27.29 -16.08
CA PRO A 275 31.85 -28.01 -14.80
C PRO A 275 30.49 -27.92 -14.13
N ASN A 276 30.04 -29.02 -13.51
CA ASN A 276 28.77 -29.03 -12.81
C ASN A 276 28.97 -28.36 -11.45
N LEU A 277 28.36 -27.19 -11.24
CA LEU A 277 28.66 -26.35 -10.09
C LEU A 277 27.83 -26.72 -8.86
N ASP A 278 26.86 -27.62 -9.03
CA ASP A 278 26.13 -28.15 -7.91
C ASP A 278 26.82 -29.43 -7.51
N VAL A 279 27.53 -29.37 -6.38
CA VAL A 279 28.42 -30.44 -5.95
C VAL A 279 27.69 -31.42 -5.03
N THR A 280 26.36 -31.27 -4.89
CA THR A 280 25.64 -32.22 -4.03
C THR A 280 25.96 -33.66 -4.41
N SER A 281 25.98 -34.01 -5.70
CA SER A 281 26.27 -35.41 -6.10
C SER A 281 27.59 -35.87 -5.53
N THR A 282 28.60 -35.00 -5.61
CA THR A 282 29.93 -35.34 -5.18
C THR A 282 29.94 -35.51 -3.66
N MET A 283 29.19 -34.64 -2.94
CA MET A 283 29.17 -34.76 -1.48
C MET A 283 28.66 -36.16 -1.07
N LEU A 284 27.53 -36.59 -1.66
CA LEU A 284 26.98 -37.92 -1.39
C LEU A 284 27.95 -39.03 -1.80
N GLN A 285 28.45 -38.96 -3.04
CA GLN A 285 29.36 -39.97 -3.58
C GLN A 285 30.53 -40.14 -2.61
N GLN A 286 31.03 -39.04 -2.03
CA GLN A 286 32.16 -39.07 -1.11
C GLN A 286 31.72 -39.35 0.33
N GLY A 287 30.40 -39.43 0.59
CA GLY A 287 29.94 -39.88 1.89
C GLY A 287 30.00 -38.79 2.97
N TRP A 288 29.80 -37.54 2.57
CA TRP A 288 29.76 -36.46 3.54
C TRP A 288 28.56 -36.65 4.47
N GLN A 289 28.72 -36.29 5.73
CA GLN A 289 27.62 -36.20 6.68
C GLN A 289 27.64 -34.85 7.35
N ALA A 290 26.65 -34.64 8.23
CA ALA A 290 26.48 -33.39 8.94
C ALA A 290 27.79 -33.00 9.60
N THR A 291 28.44 -33.89 10.33
CA THR A 291 29.54 -33.34 11.10
C THR A 291 30.72 -32.98 10.18
N HIS A 292 30.86 -33.57 8.99
CA HIS A 292 31.91 -33.18 8.07
C HIS A 292 31.63 -31.74 7.59
N MET A 293 30.35 -31.45 7.33
CA MET A 293 29.96 -30.14 6.86
C MET A 293 30.33 -29.11 7.92
N PHE A 294 30.05 -29.42 9.21
CA PHE A 294 30.29 -28.44 10.26
C PHE A 294 31.81 -28.24 10.41
N ARG A 295 32.59 -29.32 10.27
CA ARG A 295 34.04 -29.28 10.47
C ARG A 295 34.71 -28.50 9.34
N VAL A 296 34.17 -28.61 8.14
CA VAL A 296 34.76 -27.93 7.00
C VAL A 296 34.50 -26.44 7.15
N ALA A 297 33.29 -26.09 7.61
CA ALA A 297 32.94 -24.70 7.91
C ALA A 297 33.86 -24.12 8.98
N GLU A 298 34.02 -24.84 10.10
CA GLU A 298 34.91 -24.42 11.18
C GLU A 298 36.29 -24.09 10.65
N GLU A 299 36.85 -24.94 9.77
CA GLU A 299 38.22 -24.81 9.36
C GLU A 299 38.39 -23.57 8.49
N PHE A 300 37.34 -23.18 7.76
CA PHE A 300 37.32 -21.89 7.06
C PHE A 300 37.51 -20.75 8.08
N PHE A 301 36.72 -20.77 9.15
CA PHE A 301 36.86 -19.78 10.20
C PHE A 301 38.28 -19.81 10.82
N THR A 302 38.85 -20.99 11.11
CA THR A 302 40.16 -20.99 11.75
C THR A 302 41.23 -20.60 10.73
N SER A 303 40.98 -20.78 9.44
CA SER A 303 41.94 -20.37 8.43
C SER A 303 42.16 -18.86 8.46
N LEU A 304 41.15 -18.13 8.92
CA LEU A 304 41.15 -16.69 9.03
C LEU A 304 41.71 -16.24 10.38
N GLU A 305 42.05 -17.20 11.26
CA GLU A 305 42.40 -16.94 12.66
C GLU A 305 41.22 -16.38 13.44
N LEU A 306 40.00 -16.78 13.07
CA LEU A 306 38.86 -16.69 13.95
C LEU A 306 38.80 -17.95 14.82
N SER A 307 37.86 -17.99 15.78
CA SER A 307 37.85 -19.03 16.78
C SER A 307 37.34 -20.35 16.19
N PRO A 308 37.86 -21.49 16.66
CA PRO A 308 37.19 -22.77 16.45
C PRO A 308 35.90 -22.86 17.26
N MET A 309 35.01 -23.79 16.90
CA MET A 309 33.87 -24.13 17.74
C MET A 309 34.35 -24.81 19.02
N PRO A 310 33.92 -24.35 20.21
CA PRO A 310 34.41 -24.92 21.45
C PRO A 310 33.85 -26.31 21.73
N PRO A 311 34.41 -27.08 22.70
CA PRO A 311 33.88 -28.40 23.04
C PRO A 311 32.39 -28.41 23.34
N GLU A 312 31.92 -27.41 24.09
CA GLU A 312 30.51 -27.29 24.46
C GLU A 312 29.61 -27.23 23.22
N PHE A 313 30.08 -26.68 22.10
CA PHE A 313 29.31 -26.62 20.85
C PHE A 313 29.14 -28.06 20.32
N TRP A 314 30.24 -28.81 20.20
CA TRP A 314 30.18 -30.16 19.66
C TRP A 314 29.40 -31.10 20.58
N GLU A 315 29.53 -30.95 21.90
CA GLU A 315 28.82 -31.84 22.81
C GLU A 315 27.33 -31.49 22.87
N GLY A 316 26.97 -30.21 22.73
CA GLY A 316 25.58 -29.76 22.95
C GLY A 316 24.68 -29.73 21.71
N SER A 317 25.30 -29.54 20.55
CA SER A 317 24.57 -29.16 19.37
C SER A 317 23.67 -30.29 18.91
N MET A 318 22.59 -29.95 18.18
CA MET A 318 21.79 -30.95 17.47
C MET A 318 22.02 -30.76 15.97
N LEU A 319 22.79 -31.67 15.33
CA LEU A 319 23.28 -31.40 13.97
C LEU A 319 22.54 -32.27 12.95
N GLU A 320 21.76 -33.23 13.42
CA GLU A 320 20.88 -34.01 12.57
C GLU A 320 19.50 -34.09 13.22
N LYS A 321 18.48 -34.29 12.40
CA LYS A 321 17.15 -34.63 12.90
C LYS A 321 17.20 -35.93 13.72
N PRO A 322 16.70 -35.95 14.98
CA PRO A 322 16.67 -37.18 15.78
C PRO A 322 15.94 -38.34 15.11
N ALA A 323 16.58 -39.48 15.13
CA ALA A 323 16.07 -40.68 14.49
C ALA A 323 15.10 -41.44 15.41
N ASP A 324 14.90 -40.98 16.66
CA ASP A 324 13.88 -41.57 17.53
C ASP A 324 12.50 -41.03 17.16
N GLY A 325 12.43 -40.20 16.10
CA GLY A 325 11.18 -39.73 15.53
C GLY A 325 10.51 -38.61 16.32
N ARG A 326 10.94 -38.35 17.59
CA ARG A 326 10.44 -37.30 18.47
C ARG A 326 10.43 -35.96 17.73
N GLU A 327 9.55 -35.04 18.16
CA GLU A 327 9.23 -33.84 17.40
C GLU A 327 10.25 -32.78 17.76
N VAL A 328 10.79 -32.04 16.77
CA VAL A 328 11.76 -30.99 16.99
C VAL A 328 11.42 -29.84 16.07
N VAL A 329 11.93 -28.64 16.36
CA VAL A 329 11.93 -27.53 15.44
C VAL A 329 13.13 -27.74 14.53
N CYS A 330 12.88 -28.15 13.30
CA CYS A 330 13.96 -28.41 12.36
C CYS A 330 14.61 -27.12 11.84
N HIS A 331 13.86 -26.01 11.80
CA HIS A 331 14.32 -24.80 11.16
C HIS A 331 15.64 -24.41 11.81
N ALA A 332 16.70 -24.24 11.00
CA ALA A 332 18.06 -24.15 11.50
C ALA A 332 18.23 -22.88 12.36
N SER A 333 18.96 -22.98 13.47
CA SER A 333 19.20 -21.82 14.31
C SER A 333 20.47 -21.97 15.16
N ALA A 334 21.04 -20.81 15.49
CA ALA A 334 22.27 -20.66 16.25
C ALA A 334 21.99 -19.96 17.59
N TRP A 335 22.48 -20.60 18.65
CA TRP A 335 22.05 -20.29 20.00
C TRP A 335 23.22 -19.81 20.86
N ASP A 336 22.97 -18.65 21.50
CA ASP A 336 23.77 -18.11 22.57
C ASP A 336 23.04 -18.32 23.91
N PHE A 337 23.66 -19.05 24.86
CA PHE A 337 23.03 -19.27 26.14
C PHE A 337 23.33 -18.15 27.15
N TYR A 338 24.11 -17.13 26.76
CA TYR A 338 24.42 -15.97 27.60
C TYR A 338 25.24 -16.31 28.86
N ASN A 339 25.98 -17.43 28.87
CA ASN A 339 26.81 -17.75 30.02
C ASN A 339 28.27 -17.76 29.61
N ARG A 340 28.52 -17.36 28.37
CA ARG A 340 29.86 -17.23 27.81
C ARG A 340 30.54 -18.58 27.59
N LYS A 341 29.78 -19.68 27.67
CA LYS A 341 30.35 -21.02 27.58
C LYS A 341 29.57 -21.87 26.59
N ASP A 342 28.24 -21.81 26.67
CA ASP A 342 27.40 -22.67 25.85
C ASP A 342 26.91 -21.91 24.63
N PHE A 343 27.15 -22.56 23.48
CA PHE A 343 26.83 -22.05 22.17
C PHE A 343 26.55 -23.28 21.32
N ARG A 344 25.45 -23.28 20.56
CA ARG A 344 25.00 -24.48 19.91
C ARG A 344 24.27 -24.15 18.62
N ILE A 345 24.35 -25.09 17.67
CA ILE A 345 23.48 -25.04 16.52
C ILE A 345 22.48 -26.19 16.64
N LYS A 346 21.26 -25.88 16.18
CA LYS A 346 20.17 -26.84 16.10
C LYS A 346 19.73 -26.83 14.64
N GLN A 347 20.12 -27.87 13.90
CA GLN A 347 19.78 -27.96 12.47
C GLN A 347 19.53 -29.41 12.07
N CYS A 348 18.44 -29.65 11.30
CA CYS A 348 18.16 -30.97 10.75
C CYS A 348 18.90 -31.09 9.43
N THR A 349 20.23 -31.16 9.55
CA THR A 349 21.14 -30.96 8.43
C THR A 349 20.92 -32.05 7.40
N ARG A 350 20.87 -31.67 6.13
CA ARG A 350 20.85 -32.63 5.03
C ARG A 350 22.11 -32.42 4.19
N VAL A 351 22.53 -33.46 3.47
CA VAL A 351 23.78 -33.42 2.71
C VAL A 351 23.56 -32.88 1.32
N THR A 352 23.61 -31.56 1.21
CA THR A 352 23.37 -30.83 -0.02
C THR A 352 24.30 -29.61 0.00
N MET A 353 24.56 -29.09 -1.20
CA MET A 353 25.34 -27.88 -1.35
C MET A 353 24.65 -26.68 -0.68
N ASP A 354 23.32 -26.52 -0.82
CA ASP A 354 22.68 -25.39 -0.16
C ASP A 354 22.72 -25.50 1.36
N GLN A 355 22.70 -26.73 1.89
CA GLN A 355 22.82 -26.94 3.32
C GLN A 355 24.22 -26.58 3.79
N LEU A 356 25.24 -26.87 2.97
CA LEU A 356 26.58 -26.46 3.32
C LEU A 356 26.60 -24.94 3.54
N SER A 357 25.94 -24.17 2.67
CA SER A 357 25.83 -22.73 2.85
C SER A 357 25.08 -22.38 4.13
N THR A 358 23.97 -23.06 4.42
CA THR A 358 23.23 -22.82 5.63
C THR A 358 24.11 -23.10 6.85
N VAL A 359 24.90 -24.17 6.82
CA VAL A 359 25.86 -24.44 7.90
C VAL A 359 26.79 -23.25 8.14
N HIS A 360 27.35 -22.67 7.06
CA HIS A 360 28.17 -21.46 7.14
C HIS A 360 27.40 -20.26 7.73
N HIS A 361 26.16 -20.09 7.30
CA HIS A 361 25.28 -19.03 7.79
C HIS A 361 25.12 -19.13 9.32
N GLU A 362 24.79 -20.34 9.78
CA GLU A 362 24.56 -20.59 11.19
C GLU A 362 25.88 -20.42 11.96
N MET A 363 26.98 -20.92 11.42
CA MET A 363 28.25 -20.82 12.12
C MET A 363 28.73 -19.35 12.19
N GLY A 364 28.36 -18.50 11.21
CA GLY A 364 28.58 -17.08 11.29
C GLY A 364 27.96 -16.46 12.56
N HIS A 365 26.73 -16.84 12.89
CA HIS A 365 26.05 -16.44 14.12
C HIS A 365 26.88 -16.84 15.34
N ILE A 366 27.29 -18.12 15.38
CA ILE A 366 28.07 -18.61 16.48
C ILE A 366 29.35 -17.78 16.64
N GLN A 367 30.04 -17.51 15.54
CA GLN A 367 31.31 -16.82 15.59
C GLN A 367 31.10 -15.43 16.18
N TYR A 368 30.00 -14.72 15.82
CA TYR A 368 29.66 -13.46 16.46
C TYR A 368 29.56 -13.64 17.99
N TYR A 369 28.80 -14.65 18.42
CA TYR A 369 28.56 -14.90 19.82
C TYR A 369 29.90 -15.16 20.54
N LEU A 370 30.79 -15.95 19.92
CA LEU A 370 32.13 -16.22 20.47
C LEU A 370 32.93 -14.93 20.63
N GLN A 371 32.85 -14.02 19.65
CA GLN A 371 33.71 -12.84 19.64
C GLN A 371 33.24 -11.74 20.61
N TYR A 372 31.94 -11.66 20.91
CA TYR A 372 31.44 -10.56 21.75
C TYR A 372 31.00 -11.03 23.14
N LYS A 373 31.36 -12.27 23.51
CA LYS A 373 30.84 -12.93 24.72
C LYS A 373 31.19 -12.15 25.99
N ASP A 374 32.26 -11.35 25.93
CA ASP A 374 32.77 -10.61 27.06
C ASP A 374 32.23 -9.19 27.14
N LEU A 375 31.36 -8.79 26.22
CA LEU A 375 30.65 -7.52 26.37
C LEU A 375 29.54 -7.69 27.40
N PRO A 376 29.04 -6.55 27.96
CA PRO A 376 27.78 -6.56 28.68
C PRO A 376 26.66 -7.21 27.89
N VAL A 377 25.83 -7.99 28.60
CA VAL A 377 24.77 -8.76 27.99
C VAL A 377 23.94 -7.91 27.02
N SER A 378 23.69 -6.63 27.36
CA SER A 378 22.80 -5.81 26.55
C SER A 378 23.40 -5.56 25.16
N LEU A 379 24.74 -5.70 25.06
CA LEU A 379 25.47 -5.36 23.83
C LEU A 379 25.92 -6.61 23.06
N ARG A 380 25.45 -7.78 23.43
CA ARG A 380 25.76 -9.03 22.73
C ARG A 380 24.73 -9.21 21.61
N ARG A 381 24.92 -8.41 20.57
CA ARG A 381 24.10 -8.51 19.38
C ARG A 381 24.90 -7.91 18.21
N GLY A 382 24.38 -8.02 17.00
CA GLY A 382 25.06 -7.48 15.83
C GLY A 382 25.01 -5.95 15.93
N ALA A 383 25.84 -5.27 15.15
CA ALA A 383 25.78 -3.82 15.10
C ALA A 383 24.40 -3.38 14.59
N ASN A 384 23.83 -4.12 13.64
CA ASN A 384 22.39 -4.21 13.50
C ASN A 384 22.10 -5.68 13.20
N PRO A 385 20.82 -6.10 13.18
CA PRO A 385 20.46 -7.47 12.87
C PRO A 385 20.95 -8.00 11.52
N GLY A 386 20.99 -7.12 10.52
CA GLY A 386 21.53 -7.42 9.22
C GLY A 386 23.01 -7.84 9.26
N PHE A 387 23.80 -7.22 10.12
CA PHE A 387 25.18 -7.65 10.30
C PHE A 387 25.26 -9.10 10.74
N HIS A 388 24.43 -9.49 11.72
CA HIS A 388 24.52 -10.85 12.23
C HIS A 388 24.16 -11.83 11.13
N GLU A 389 23.20 -11.45 10.27
CA GLU A 389 22.80 -12.30 9.13
C GLU A 389 23.88 -12.40 8.05
N ALA A 390 24.75 -11.39 7.91
CA ALA A 390 25.69 -11.36 6.80
C ALA A 390 26.96 -12.19 7.03
N ILE A 391 27.36 -12.44 8.27
CA ILE A 391 28.72 -12.92 8.54
C ILE A 391 29.00 -14.26 7.86
N GLY A 392 28.17 -15.26 8.12
CA GLY A 392 28.37 -16.58 7.53
C GLY A 392 28.22 -16.60 6.02
N ASP A 393 27.26 -15.82 5.49
CA ASP A 393 27.03 -15.72 4.06
C ASP A 393 28.28 -15.17 3.34
N VAL A 394 29.02 -14.26 3.96
CA VAL A 394 30.20 -13.68 3.34
C VAL A 394 31.24 -14.79 3.16
N LEU A 395 31.48 -15.59 4.19
CA LEU A 395 32.42 -16.71 4.03
C LEU A 395 31.92 -17.69 2.97
N ALA A 396 30.62 -17.97 2.94
CA ALA A 396 30.05 -18.91 1.98
C ALA A 396 30.20 -18.39 0.54
N LEU A 397 30.28 -17.07 0.35
CA LEU A 397 30.60 -16.52 -0.99
C LEU A 397 31.95 -17.04 -1.47
N SER A 398 32.96 -17.08 -0.59
CA SER A 398 34.27 -17.61 -0.97
C SER A 398 34.18 -19.12 -1.21
N VAL A 399 33.49 -19.84 -0.31
CA VAL A 399 33.44 -21.28 -0.38
C VAL A 399 32.85 -21.76 -1.72
N SER A 400 31.82 -21.08 -2.21
CA SER A 400 31.04 -21.40 -3.40
C SER A 400 31.83 -21.29 -4.69
N THR A 401 32.95 -20.56 -4.65
CA THR A 401 33.71 -20.34 -5.86
C THR A 401 34.21 -21.68 -6.38
N PRO A 402 34.24 -21.86 -7.71
CA PRO A 402 34.82 -23.07 -8.29
C PRO A 402 36.22 -23.37 -7.82
N GLU A 403 37.05 -22.32 -7.69
CA GLU A 403 38.41 -22.47 -7.18
C GLU A 403 38.38 -23.05 -5.77
N HIS A 404 37.55 -22.47 -4.90
CA HIS A 404 37.56 -22.98 -3.53
C HIS A 404 37.06 -24.42 -3.49
N LEU A 405 35.95 -24.69 -4.18
CA LEU A 405 35.40 -26.04 -4.22
C LEU A 405 36.46 -27.02 -4.70
N HIS A 406 37.27 -26.60 -5.68
CA HIS A 406 38.38 -27.43 -6.12
C HIS A 406 39.34 -27.74 -4.97
N LYS A 407 39.70 -26.71 -4.17
CA LYS A 407 40.65 -26.91 -3.08
C LYS A 407 40.14 -27.93 -2.06
N ILE A 408 38.83 -28.06 -1.87
CA ILE A 408 38.31 -28.92 -0.81
C ILE A 408 37.76 -30.22 -1.40
N GLY A 409 38.12 -30.51 -2.65
CA GLY A 409 37.87 -31.82 -3.23
C GLY A 409 36.47 -32.00 -3.82
N LEU A 410 35.71 -30.91 -4.00
CA LEU A 410 34.33 -31.01 -4.45
C LEU A 410 34.16 -30.65 -5.94
N LEU A 411 35.23 -30.29 -6.65
CA LEU A 411 35.10 -29.96 -8.05
C LEU A 411 36.44 -30.22 -8.72
N ASP A 412 36.57 -31.37 -9.36
CA ASP A 412 37.86 -31.79 -9.90
C ASP A 412 38.26 -30.95 -11.10
N ARG A 413 37.31 -30.63 -11.98
CA ARG A 413 37.67 -29.86 -13.17
C ARG A 413 37.73 -28.36 -12.83
N VAL A 414 38.77 -27.70 -13.32
CA VAL A 414 38.98 -26.26 -13.19
C VAL A 414 38.78 -25.62 -14.57
N THR A 415 38.09 -24.49 -14.67
CA THR A 415 38.00 -23.76 -15.93
C THR A 415 37.99 -22.28 -15.63
N ASN A 416 38.53 -21.44 -16.52
CA ASN A 416 38.41 -20.00 -16.31
C ASN A 416 38.05 -19.32 -17.62
N ASP A 417 36.76 -19.30 -17.98
CA ASP A 417 36.34 -18.81 -19.28
C ASP A 417 34.99 -18.12 -19.14
N THR A 418 34.54 -17.39 -20.16
CA THR A 418 33.36 -16.57 -20.02
C THR A 418 32.12 -17.43 -19.77
N GLU A 419 32.06 -18.63 -20.37
CA GLU A 419 30.88 -19.45 -20.18
C GLU A 419 30.78 -19.94 -18.73
N SER A 420 31.91 -20.40 -18.17
CA SER A 420 31.96 -20.94 -16.84
C SER A 420 31.61 -19.83 -15.86
N ASP A 421 32.05 -18.61 -16.16
CA ASP A 421 31.68 -17.48 -15.30
C ASP A 421 30.18 -17.21 -15.32
N ILE A 422 29.58 -17.29 -16.50
CA ILE A 422 28.14 -17.03 -16.60
C ILE A 422 27.35 -18.09 -15.82
N ASN A 423 27.77 -19.36 -15.92
CA ASN A 423 27.12 -20.41 -15.15
C ASN A 423 27.18 -20.08 -13.66
N TYR A 424 28.38 -19.74 -13.17
CA TYR A 424 28.61 -19.47 -11.76
C TYR A 424 27.75 -18.31 -11.31
N LEU A 425 27.81 -17.21 -12.04
CA LEU A 425 27.06 -16.03 -11.65
C LEU A 425 25.54 -16.26 -11.73
N LEU A 426 25.12 -17.09 -12.68
CA LEU A 426 23.71 -17.45 -12.80
C LEU A 426 23.29 -18.24 -11.57
N LYS A 427 24.06 -19.28 -11.23
CA LYS A 427 23.79 -20.05 -10.02
C LYS A 427 23.69 -19.14 -8.80
N MET A 428 24.67 -18.23 -8.64
CA MET A 428 24.65 -17.33 -7.49
C MET A 428 23.44 -16.38 -7.55
N ALA A 429 23.04 -15.95 -8.75
CA ALA A 429 21.86 -15.12 -8.90
C ALA A 429 20.60 -15.84 -8.42
N LEU A 430 20.50 -17.14 -8.70
CA LEU A 430 19.36 -17.94 -8.28
C LEU A 430 19.19 -17.91 -6.75
N GLU A 431 20.32 -17.81 -6.04
CA GLU A 431 20.33 -17.86 -4.58
C GLU A 431 20.14 -16.45 -4.02
N LYS A 432 20.78 -15.46 -4.61
CA LYS A 432 20.91 -14.12 -4.07
C LYS A 432 19.92 -13.13 -4.67
N ILE A 433 19.80 -13.08 -6.01
CA ILE A 433 18.96 -12.07 -6.65
C ILE A 433 17.50 -12.47 -6.47
N ALA A 434 17.20 -13.76 -6.65
CA ALA A 434 15.83 -14.22 -6.54
C ALA A 434 15.25 -13.90 -5.16
N PHE A 435 16.08 -13.96 -4.13
CA PHE A 435 15.63 -13.75 -2.74
C PHE A 435 15.23 -12.30 -2.47
N LEU A 436 15.84 -11.34 -3.17
CA LEU A 436 15.69 -9.94 -2.86
C LEU A 436 14.24 -9.48 -2.69
N PRO A 437 13.34 -9.69 -3.67
CA PRO A 437 11.94 -9.31 -3.50
C PRO A 437 11.30 -9.96 -2.29
N PHE A 438 11.64 -11.20 -1.97
CA PHE A 438 11.05 -11.89 -0.81
C PHE A 438 11.56 -11.29 0.49
N GLY A 439 12.88 -11.11 0.55
CA GLY A 439 13.53 -10.48 1.69
C GLY A 439 12.92 -9.13 2.00
N TYR A 440 12.57 -8.38 0.94
CA TYR A 440 12.00 -7.05 1.08
C TYR A 440 10.51 -7.10 1.48
N LEU A 441 9.72 -8.03 0.90
CA LEU A 441 8.27 -7.96 1.06
C LEU A 441 7.75 -8.45 2.42
N VAL A 442 8.44 -9.38 3.06
CA VAL A 442 7.87 -10.07 4.20
C VAL A 442 7.51 -9.07 5.29
N ASP A 443 8.42 -8.18 5.62
CA ASP A 443 8.15 -7.21 6.65
C ASP A 443 7.31 -6.04 6.15
N GLN A 444 7.24 -5.78 4.83
N GLN A 444 7.24 -5.78 4.83
CA GLN A 444 6.22 -4.86 4.36
CA GLN A 444 6.24 -4.85 4.33
C GLN A 444 4.83 -5.37 4.77
C GLN A 444 4.85 -5.38 4.75
N TRP A 445 4.65 -6.69 4.64
CA TRP A 445 3.41 -7.32 5.03
C TRP A 445 3.20 -7.16 6.54
N ARG A 446 4.21 -7.56 7.32
CA ARG A 446 4.09 -7.55 8.77
C ARG A 446 3.97 -6.15 9.35
N TRP A 447 4.69 -5.18 8.80
CA TRP A 447 4.54 -3.79 9.21
C TRP A 447 3.13 -3.26 8.96
N GLY A 448 2.46 -3.70 7.88
CA GLY A 448 1.07 -3.32 7.62
C GLY A 448 0.10 -4.00 8.63
N VAL A 449 0.44 -5.22 9.03
CA VAL A 449 -0.39 -5.90 10.00
C VAL A 449 -0.24 -5.21 11.36
N PHE A 450 0.99 -4.93 11.79
CA PHE A 450 1.18 -4.28 13.08
C PHE A 450 0.55 -2.90 13.10
N SER A 451 0.66 -2.14 12.02
CA SER A 451 0.12 -0.80 11.97
C SER A 451 -1.42 -0.82 11.91
N GLY A 452 -2.02 -1.95 11.58
CA GLY A 452 -3.47 -1.96 11.38
C GLY A 452 -3.90 -1.67 9.95
N ARG A 453 -2.99 -1.36 9.02
CA ARG A 453 -3.34 -1.16 7.62
C ARG A 453 -3.86 -2.46 6.99
N THR A 454 -3.34 -3.60 7.46
CA THR A 454 -3.78 -4.91 7.04
C THR A 454 -4.49 -5.59 8.25
N PRO A 455 -5.82 -5.46 8.36
CA PRO A 455 -6.61 -6.20 9.32
C PRO A 455 -6.66 -7.67 9.02
N PRO A 456 -7.09 -8.52 9.98
CA PRO A 456 -7.29 -9.94 9.72
C PRO A 456 -8.04 -10.23 8.42
N SER A 457 -9.03 -9.38 8.13
CA SER A 457 -9.87 -9.59 6.95
C SER A 457 -9.12 -9.43 5.62
N ARG A 458 -7.87 -8.97 5.65
CA ARG A 458 -7.06 -8.81 4.45
C ARG A 458 -5.65 -9.43 4.56
N TYR A 459 -5.42 -10.31 5.53
CA TYR A 459 -4.11 -10.93 5.70
C TYR A 459 -3.63 -11.64 4.42
N ASN A 460 -4.48 -12.45 3.77
CA ASN A 460 -4.07 -13.23 2.60
C ASN A 460 -4.10 -12.37 1.34
N PHE A 461 -5.15 -11.55 1.19
CA PHE A 461 -5.23 -10.61 0.09
C PHE A 461 -3.97 -9.71 0.00
N ASP A 462 -3.53 -9.17 1.13
CA ASP A 462 -2.38 -8.29 1.16
C ASP A 462 -1.08 -9.09 0.97
N TRP A 463 -1.04 -10.31 1.48
CA TRP A 463 0.12 -11.17 1.29
C TRP A 463 0.35 -11.45 -0.18
N TRP A 464 -0.72 -11.84 -0.88
CA TRP A 464 -0.58 -12.21 -2.29
C TRP A 464 -0.40 -10.97 -3.15
N TYR A 465 -0.93 -9.84 -2.69
CA TYR A 465 -0.71 -8.58 -3.39
C TYR A 465 0.79 -8.33 -3.44
N LEU A 466 1.46 -8.42 -2.29
CA LEU A 466 2.90 -8.22 -2.20
C LEU A 466 3.71 -9.30 -2.92
N ARG A 467 3.33 -10.55 -2.78
CA ARG A 467 4.01 -11.65 -3.44
C ARG A 467 3.99 -11.46 -4.96
N THR A 468 2.87 -11.04 -5.54
CA THR A 468 2.77 -10.80 -6.97
C THR A 468 3.57 -9.54 -7.31
N LYS A 469 3.32 -8.45 -6.58
CA LYS A 469 3.98 -7.18 -6.79
C LYS A 469 5.49 -7.33 -6.90
N TYR A 470 6.11 -7.99 -5.92
CA TYR A 470 7.57 -8.08 -5.88
C TYR A 470 8.14 -9.35 -6.53
N GLN A 471 7.58 -10.51 -6.23
CA GLN A 471 8.20 -11.74 -6.74
C GLN A 471 7.65 -12.16 -8.11
N GLY A 472 6.46 -11.65 -8.49
CA GLY A 472 5.89 -12.05 -9.77
C GLY A 472 5.57 -13.55 -9.79
N ILE A 473 4.98 -14.03 -8.68
CA ILE A 473 4.48 -15.37 -8.51
C ILE A 473 2.99 -15.28 -8.19
N CYS A 474 2.34 -16.41 -8.39
CA CYS A 474 0.91 -16.54 -8.14
C CYS A 474 0.66 -17.88 -7.45
N PRO A 475 -0.38 -17.98 -6.61
CA PRO A 475 -0.67 -19.24 -5.96
C PRO A 475 -1.23 -20.21 -6.98
N PRO A 476 -0.78 -21.48 -6.94
CA PRO A 476 -1.18 -22.47 -7.95
C PRO A 476 -2.52 -23.11 -7.72
N VAL A 477 -3.19 -22.80 -6.59
CA VAL A 477 -4.59 -23.08 -6.35
C VAL A 477 -5.22 -21.83 -5.78
N THR A 478 -6.55 -21.74 -5.91
CA THR A 478 -7.26 -20.56 -5.44
C THR A 478 -7.08 -20.42 -3.92
N ARG A 479 -6.89 -19.20 -3.43
CA ARG A 479 -6.82 -18.95 -1.98
C ARG A 479 -7.90 -17.96 -1.57
N ASN A 480 -8.33 -17.99 -0.29
CA ASN A 480 -9.26 -17.04 0.25
C ASN A 480 -8.79 -16.66 1.66
N GLU A 481 -9.58 -15.86 2.38
CA GLU A 481 -9.14 -15.39 3.69
C GLU A 481 -9.26 -16.44 4.80
N THR A 482 -9.70 -17.65 4.50
CA THR A 482 -9.57 -18.70 5.48
C THR A 482 -8.13 -19.18 5.46
N HIS A 483 -7.46 -19.03 4.32
CA HIS A 483 -6.06 -19.37 4.22
C HIS A 483 -5.23 -18.27 4.86
N PHE A 484 -4.09 -18.69 5.40
CA PHE A 484 -3.17 -17.73 6.01
C PHE A 484 -1.77 -18.09 5.58
N ASP A 485 -1.44 -17.76 4.31
CA ASP A 485 -0.23 -18.22 3.65
C ASP A 485 1.03 -17.63 4.28
N ALA A 486 0.97 -16.39 4.78
CA ALA A 486 2.10 -15.85 5.56
C ALA A 486 2.49 -16.73 6.75
N GLY A 487 1.52 -17.38 7.37
CA GLY A 487 1.74 -18.18 8.55
C GLY A 487 2.52 -19.46 8.21
N ALA A 488 2.54 -19.84 6.91
CA ALA A 488 3.26 -21.03 6.54
C ALA A 488 4.76 -20.80 6.32
N LYS A 489 5.22 -19.61 6.69
CA LYS A 489 6.64 -19.28 6.65
C LYS A 489 7.16 -19.13 8.08
N PHE A 490 8.19 -19.91 8.46
CA PHE A 490 8.68 -20.00 9.84
C PHE A 490 8.67 -18.69 10.62
N HIS A 491 9.27 -17.63 10.07
CA HIS A 491 9.54 -16.42 10.82
C HIS A 491 8.25 -15.74 11.31
N VAL A 492 7.11 -16.03 10.69
CA VAL A 492 5.88 -15.36 11.06
C VAL A 492 5.35 -15.93 12.39
N PRO A 493 4.98 -17.23 12.51
CA PRO A 493 4.65 -17.81 13.80
C PRO A 493 5.74 -17.70 14.88
N ASN A 494 7.01 -17.70 14.45
N ASN A 494 7.00 -17.69 14.45
CA ASN A 494 8.13 -17.68 15.39
CA ASN A 494 8.13 -17.66 15.36
C ASN A 494 8.49 -16.23 15.72
C ASN A 494 8.48 -16.23 15.73
N VAL A 495 7.74 -15.25 15.20
CA VAL A 495 7.95 -13.85 15.51
C VAL A 495 9.45 -13.45 15.41
N THR A 496 10.06 -13.76 14.27
CA THR A 496 11.43 -13.34 13.95
C THR A 496 11.32 -12.30 12.84
N PRO A 497 11.85 -11.08 13.00
CA PRO A 497 11.83 -10.10 11.92
C PRO A 497 12.59 -10.56 10.68
N TYR A 498 12.23 -9.98 9.51
CA TYR A 498 12.70 -10.45 8.21
C TYR A 498 13.56 -9.43 7.45
N ILE A 499 13.39 -8.12 7.70
CA ILE A 499 14.05 -7.15 6.88
C ILE A 499 15.58 -7.29 7.00
N ARG A 500 16.06 -7.78 8.16
CA ARG A 500 17.46 -8.17 8.34
C ARG A 500 18.04 -8.97 7.17
N TYR A 501 17.26 -9.81 6.54
CA TYR A 501 17.75 -10.67 5.47
C TYR A 501 17.93 -9.86 4.19
N PHE A 502 17.03 -8.89 3.93
CA PHE A 502 17.19 -7.97 2.83
C PHE A 502 18.46 -7.13 3.03
N VAL A 503 18.64 -6.62 4.25
CA VAL A 503 19.82 -5.82 4.55
C VAL A 503 21.08 -6.66 4.36
N SER A 504 21.01 -7.90 4.83
CA SER A 504 22.13 -8.85 4.80
C SER A 504 22.52 -9.15 3.34
N PHE A 505 21.54 -9.30 2.45
CA PHE A 505 21.83 -9.69 1.06
C PHE A 505 22.53 -8.56 0.31
N VAL A 506 22.34 -7.30 0.74
CA VAL A 506 23.08 -6.19 0.18
C VAL A 506 24.44 -6.08 0.87
N LEU A 507 24.42 -6.07 2.20
CA LEU A 507 25.59 -5.83 3.00
C LEU A 507 26.68 -6.88 2.76
N GLN A 508 26.31 -8.13 2.56
CA GLN A 508 27.32 -9.16 2.42
C GLN A 508 28.28 -8.89 1.26
N PHE A 509 27.79 -8.21 0.18
CA PHE A 509 28.62 -7.95 -0.97
C PHE A 509 29.52 -6.78 -0.64
N GLN A 510 29.05 -5.83 0.22
CA GLN A 510 29.92 -4.78 0.71
C GLN A 510 31.03 -5.37 1.56
N PHE A 511 30.69 -6.30 2.45
CA PHE A 511 31.67 -6.97 3.26
C PHE A 511 32.69 -7.74 2.40
N HIS A 512 32.16 -8.51 1.44
CA HIS A 512 32.98 -9.34 0.57
C HIS A 512 34.03 -8.50 -0.13
N GLU A 513 33.57 -7.42 -0.76
CA GLU A 513 34.44 -6.51 -1.46
C GLU A 513 35.57 -6.02 -0.56
N ALA A 514 35.22 -5.58 0.64
CA ALA A 514 36.21 -5.01 1.54
C ALA A 514 37.19 -6.10 2.00
N LEU A 515 36.69 -7.29 2.31
CA LEU A 515 37.58 -8.33 2.82
C LEU A 515 38.51 -8.81 1.70
N CYS A 516 37.99 -8.93 0.48
CA CYS A 516 38.80 -9.27 -0.66
C CYS A 516 39.92 -8.25 -0.89
N LYS A 517 39.59 -6.96 -0.79
CA LYS A 517 40.61 -5.92 -0.97
C LYS A 517 41.67 -6.05 0.14
N GLU A 518 41.23 -6.30 1.38
CA GLU A 518 42.14 -6.47 2.50
C GLU A 518 43.03 -7.70 2.30
N ALA A 519 42.50 -8.70 1.61
CA ALA A 519 43.24 -9.95 1.41
C ALA A 519 44.35 -9.74 0.40
N GLY A 520 44.34 -8.62 -0.32
CA GLY A 520 45.28 -8.40 -1.41
C GLY A 520 44.83 -9.01 -2.74
N TYR A 521 43.58 -9.41 -2.84
CA TYR A 521 43.09 -10.02 -4.06
C TYR A 521 42.81 -8.93 -5.12
N GLU A 522 43.20 -9.20 -6.37
CA GLU A 522 43.18 -8.19 -7.42
C GLU A 522 42.43 -8.66 -8.68
N GLY A 523 41.70 -9.76 -8.59
CA GLY A 523 40.93 -10.24 -9.72
C GLY A 523 39.47 -9.82 -9.63
N PRO A 524 38.63 -10.40 -10.49
CA PRO A 524 37.20 -10.14 -10.47
C PRO A 524 36.59 -10.49 -9.11
N LEU A 525 35.67 -9.64 -8.65
CA LEU A 525 35.14 -9.79 -7.31
C LEU A 525 34.51 -11.17 -7.11
N HIS A 526 33.86 -11.71 -8.13
CA HIS A 526 33.12 -12.95 -7.97
C HIS A 526 34.04 -14.18 -7.99
N GLN A 527 35.35 -14.00 -8.23
CA GLN A 527 36.30 -15.10 -8.15
C GLN A 527 37.18 -14.97 -6.90
N CYS A 528 36.89 -14.02 -6.03
CA CYS A 528 37.67 -13.86 -4.83
C CYS A 528 37.38 -15.01 -3.85
N ASP A 529 38.45 -15.52 -3.22
CA ASP A 529 38.36 -16.46 -2.12
C ASP A 529 39.23 -15.93 -0.99
N ILE A 530 38.64 -15.56 0.17
CA ILE A 530 39.45 -15.05 1.26
C ILE A 530 40.05 -16.14 2.16
N TYR A 531 39.84 -17.42 1.80
CA TYR A 531 40.38 -18.54 2.55
C TYR A 531 41.83 -18.27 2.91
N ARG A 532 42.16 -18.47 4.18
CA ARG A 532 43.53 -18.36 4.68
C ARG A 532 44.08 -16.93 4.69
N SER A 533 43.22 -15.92 4.50
CA SER A 533 43.68 -14.55 4.67
C SER A 533 43.55 -14.16 6.15
N THR A 534 44.68 -14.10 6.85
CA THR A 534 44.66 -13.67 8.25
C THR A 534 44.36 -12.16 8.35
N LYS A 535 44.73 -11.35 7.33
CA LYS A 535 44.36 -9.94 7.28
C LYS A 535 42.84 -9.76 7.12
N ALA A 536 42.21 -10.47 6.17
CA ALA A 536 40.76 -10.43 6.08
C ALA A 536 40.16 -10.80 7.43
N GLY A 537 40.71 -11.84 8.06
CA GLY A 537 40.23 -12.32 9.36
C GLY A 537 40.23 -11.24 10.43
N ALA A 538 41.31 -10.46 10.49
CA ALA A 538 41.47 -9.40 11.49
C ALA A 538 40.46 -8.28 11.22
N LYS A 539 40.23 -7.92 9.95
CA LYS A 539 39.22 -6.93 9.67
C LYS A 539 37.81 -7.41 10.06
N LEU A 540 37.42 -8.66 9.73
CA LEU A 540 36.13 -9.17 10.14
C LEU A 540 36.06 -9.27 11.70
N ARG A 541 37.15 -9.64 12.36
CA ARG A 541 37.11 -9.83 13.81
C ARG A 541 36.73 -8.49 14.49
N LYS A 542 37.23 -7.36 13.97
CA LYS A 542 36.96 -6.04 14.54
C LYS A 542 35.45 -5.78 14.57
N VAL A 543 34.75 -6.16 13.51
CA VAL A 543 33.31 -6.00 13.46
C VAL A 543 32.70 -6.85 14.58
N LEU A 544 33.07 -8.16 14.61
CA LEU A 544 32.39 -9.13 15.47
C LEU A 544 32.57 -8.72 16.93
N ARG A 545 33.77 -8.27 17.31
CA ARG A 545 34.10 -7.90 18.68
C ARG A 545 33.31 -6.67 19.14
N ALA A 546 32.83 -5.81 18.21
CA ALA A 546 32.13 -4.58 18.54
C ALA A 546 30.73 -4.87 19.10
N GLY A 547 30.10 -6.01 18.78
CA GLY A 547 28.73 -6.22 19.23
C GLY A 547 27.88 -5.04 18.76
N SER A 548 26.93 -4.60 19.60
CA SER A 548 26.15 -3.40 19.39
C SER A 548 26.66 -2.27 20.26
N SER A 549 27.97 -2.23 20.53
CA SER A 549 28.52 -1.24 21.43
C SER A 549 28.61 0.09 20.73
N ARG A 550 28.68 0.06 19.40
CA ARG A 550 28.91 1.26 18.58
C ARG A 550 27.84 1.39 17.50
N PRO A 551 27.49 2.62 17.00
CA PRO A 551 26.56 2.75 15.88
C PRO A 551 26.99 1.95 14.66
N TRP A 552 26.05 1.23 14.06
CA TRP A 552 26.37 0.36 12.96
C TRP A 552 26.97 1.15 11.78
N GLN A 553 26.53 2.42 11.62
CA GLN A 553 27.03 3.26 10.54
C GLN A 553 28.54 3.44 10.66
N GLU A 554 29.05 3.62 11.88
CA GLU A 554 30.47 3.82 12.09
C GLU A 554 31.24 2.52 11.99
N VAL A 555 30.69 1.41 12.46
CA VAL A 555 31.37 0.11 12.36
C VAL A 555 31.53 -0.23 10.87
N LEU A 556 30.48 0.04 10.09
CA LEU A 556 30.46 -0.18 8.64
C LEU A 556 31.53 0.67 7.97
N LYS A 557 31.57 1.96 8.34
CA LYS A 557 32.55 2.87 7.77
C LYS A 557 33.98 2.39 8.01
N ASP A 558 34.28 1.98 9.24
CA ASP A 558 35.59 1.45 9.55
C ASP A 558 35.87 0.21 8.69
N MET A 559 34.88 -0.62 8.39
CA MET A 559 35.11 -1.86 7.66
C MET A 559 35.26 -1.62 6.15
N VAL A 560 34.32 -0.89 5.54
CA VAL A 560 34.23 -0.82 4.08
C VAL A 560 34.48 0.58 3.57
N GLY A 561 34.60 1.59 4.46
CA GLY A 561 34.91 2.93 4.03
C GLY A 561 33.68 3.76 3.68
N LEU A 562 32.47 3.24 3.95
CA LEU A 562 31.26 4.01 3.70
C LEU A 562 30.32 3.80 4.89
N ASP A 563 29.44 4.78 5.18
CA ASP A 563 28.64 4.69 6.40
C ASP A 563 27.19 4.29 6.10
N ALA A 564 26.93 3.69 4.94
CA ALA A 564 25.59 3.36 4.49
C ALA A 564 25.57 2.05 3.69
N LEU A 565 24.41 1.41 3.71
CA LEU A 565 24.07 0.33 2.77
C LEU A 565 24.24 0.83 1.34
N ASP A 566 24.84 0.02 0.48
CA ASP A 566 25.17 0.42 -0.90
C ASP A 566 25.06 -0.82 -1.78
N ALA A 567 24.24 -0.73 -2.83
CA ALA A 567 24.06 -1.81 -3.80
C ALA A 567 25.22 -1.99 -4.78
N GLN A 568 26.14 -1.02 -4.87
CA GLN A 568 27.16 -1.04 -5.92
C GLN A 568 28.01 -2.33 -5.84
N PRO A 569 28.44 -2.82 -4.67
CA PRO A 569 29.22 -4.06 -4.59
C PRO A 569 28.44 -5.25 -5.16
N LEU A 570 27.15 -5.34 -4.85
CA LEU A 570 26.36 -6.43 -5.38
C LEU A 570 26.26 -6.31 -6.91
N LEU A 571 26.05 -5.11 -7.44
CA LEU A 571 25.93 -4.92 -8.87
C LEU A 571 27.22 -5.28 -9.61
N LYS A 572 28.34 -4.88 -9.02
CA LYS A 572 29.66 -5.19 -9.53
C LYS A 572 29.93 -6.70 -9.54
N TYR A 573 29.56 -7.37 -8.44
CA TYR A 573 29.70 -8.82 -8.39
C TYR A 573 28.99 -9.48 -9.59
N PHE A 574 27.73 -9.07 -9.85
CA PHE A 574 26.87 -9.75 -10.81
C PHE A 574 26.94 -9.19 -12.25
N GLN A 575 27.69 -8.11 -12.46
CA GLN A 575 27.63 -7.32 -13.69
C GLN A 575 27.68 -8.16 -14.97
N LEU A 576 28.54 -9.17 -15.06
CA LEU A 576 28.62 -10.01 -16.27
C LEU A 576 27.30 -10.72 -16.58
N VAL A 577 26.64 -11.27 -15.55
CA VAL A 577 25.42 -12.02 -15.79
C VAL A 577 24.24 -11.06 -15.95
N THR A 578 24.29 -9.89 -15.33
CA THR A 578 23.25 -8.90 -15.46
C THR A 578 23.17 -8.52 -16.94
N GLN A 579 24.33 -8.23 -17.51
CA GLN A 579 24.44 -7.93 -18.95
C GLN A 579 23.95 -9.11 -19.80
N TRP A 580 24.40 -10.32 -19.47
CA TRP A 580 24.10 -11.47 -20.31
C TRP A 580 22.60 -11.78 -20.31
N LEU A 581 21.97 -11.69 -19.12
CA LEU A 581 20.57 -12.04 -18.99
C LEU A 581 19.72 -11.05 -19.80
N GLN A 582 20.07 -9.77 -19.70
CA GLN A 582 19.39 -8.72 -20.46
C GLN A 582 19.47 -9.02 -21.95
N GLU A 583 20.66 -9.39 -22.41
CA GLU A 583 20.88 -9.69 -23.82
C GLU A 583 20.06 -10.90 -24.23
N GLN A 584 20.08 -11.97 -23.42
CA GLN A 584 19.34 -13.18 -23.74
C GLN A 584 17.84 -12.86 -23.85
N ASN A 585 17.29 -12.15 -22.83
CA ASN A 585 15.86 -11.88 -22.81
C ASN A 585 15.42 -11.04 -24.02
N GLN A 586 16.22 -10.02 -24.35
CA GLN A 586 15.95 -9.19 -25.52
C GLN A 586 15.94 -10.03 -26.79
N GLN A 587 16.93 -10.89 -26.97
CA GLN A 587 16.98 -11.73 -28.14
C GLN A 587 15.84 -12.72 -28.18
N ASN A 588 15.32 -13.15 -27.04
CA ASN A 588 14.19 -14.05 -27.07
C ASN A 588 12.87 -13.26 -27.17
N GLY A 589 12.91 -11.92 -27.21
CA GLY A 589 11.69 -11.11 -27.19
C GLY A 589 10.84 -11.25 -25.90
N GLU A 590 11.46 -11.40 -24.75
CA GLU A 590 10.70 -11.62 -23.54
C GLU A 590 9.98 -10.34 -23.14
N VAL A 591 8.85 -10.49 -22.47
CA VAL A 591 8.30 -9.38 -21.71
C VAL A 591 8.86 -9.43 -20.30
N LEU A 592 9.48 -8.35 -19.86
CA LEU A 592 9.97 -8.23 -18.50
C LEU A 592 8.80 -7.89 -17.59
N GLY A 593 8.63 -8.63 -16.49
CA GLY A 593 7.46 -8.37 -15.67
C GLY A 593 6.33 -9.34 -16.02
N TRP A 594 5.18 -9.09 -15.43
CA TRP A 594 4.03 -9.96 -15.56
C TRP A 594 2.75 -9.15 -15.75
N PRO A 595 2.54 -8.56 -16.95
CA PRO A 595 1.40 -7.70 -17.18
C PRO A 595 0.07 -8.42 -17.06
N GLU A 596 0.04 -9.75 -17.28
CA GLU A 596 -1.16 -10.51 -16.99
C GLU A 596 -1.20 -10.88 -15.51
N TYR A 597 -1.37 -9.86 -14.65
CA TYR A 597 -1.25 -9.99 -13.22
C TYR A 597 -2.35 -10.87 -12.64
N GLN A 598 -3.46 -11.04 -13.35
CA GLN A 598 -4.60 -11.81 -12.85
C GLN A 598 -4.45 -13.31 -13.10
N TRP A 599 -3.46 -13.71 -13.89
CA TRP A 599 -3.43 -15.09 -14.37
C TRP A 599 -3.02 -16.05 -13.24
N HIS A 600 -3.72 -17.19 -13.17
CA HIS A 600 -3.32 -18.31 -12.32
C HIS A 600 -3.42 -19.61 -13.14
N PRO A 601 -2.59 -20.64 -12.87
CA PRO A 601 -2.60 -21.83 -13.72
C PRO A 601 -3.86 -22.65 -13.48
N PRO A 602 -4.30 -23.56 -14.38
CA PRO A 602 -5.43 -24.43 -14.06
C PRO A 602 -4.97 -25.52 -13.10
N LEU A 603 -5.90 -26.27 -12.50
CA LEU A 603 -5.57 -27.55 -11.87
C LEU A 603 -5.14 -28.60 -12.90
N PRO A 604 -4.21 -29.52 -12.55
CA PRO A 604 -4.01 -30.75 -13.35
C PRO A 604 -5.27 -31.58 -13.48
N ASP A 605 -5.40 -32.34 -14.58
CA ASP A 605 -6.64 -33.07 -14.81
C ASP A 605 -6.98 -34.00 -13.66
N ASN A 606 -6.01 -34.79 -13.16
CA ASN A 606 -6.40 -35.82 -12.21
C ASN A 606 -5.96 -35.43 -10.80
N TYR A 607 -6.29 -34.20 -10.40
CA TYR A 607 -5.74 -33.65 -9.17
C TYR A 607 -6.82 -33.54 -8.12
N PRO A 608 -6.63 -34.06 -6.88
CA PRO A 608 -5.40 -34.78 -6.51
C PRO A 608 -5.42 -36.32 -6.55
N GLU A 609 -6.31 -36.97 -7.30
CA GLU A 609 -6.61 -38.40 -7.12
C GLU A 609 -5.58 -39.33 -7.83
N ASP B 2 2.19 40.56 -23.06
CA ASP B 2 1.70 41.95 -23.11
C ASP B 2 2.36 42.76 -21.99
N PRO B 3 2.91 43.95 -22.35
CA PRO B 3 3.44 44.93 -21.39
C PRO B 3 2.52 45.30 -20.23
N GLY B 4 1.25 45.69 -20.52
CA GLY B 4 0.25 45.94 -19.49
C GLY B 4 -0.02 44.75 -18.56
N LEU B 5 0.34 43.52 -18.96
CA LEU B 5 0.12 42.34 -18.12
C LEU B 5 1.32 42.02 -17.23
N GLN B 6 2.51 42.56 -17.52
CA GLN B 6 3.66 42.15 -16.76
C GLN B 6 3.85 43.07 -15.56
N PRO B 7 4.39 42.57 -14.43
CA PRO B 7 4.41 43.33 -13.17
C PRO B 7 5.34 44.55 -13.13
N GLY B 8 4.99 45.51 -12.26
CA GLY B 8 5.68 46.80 -12.17
C GLY B 8 6.90 46.74 -11.26
N GLN B 9 7.00 47.69 -10.33
CA GLN B 9 7.97 47.62 -9.25
C GLN B 9 7.26 47.91 -7.93
N PHE B 10 7.64 47.17 -6.87
CA PHE B 10 6.98 47.27 -5.59
C PHE B 10 8.05 47.17 -4.50
N SER B 11 7.91 47.97 -3.43
CA SER B 11 8.78 47.83 -2.28
C SER B 11 8.66 46.41 -1.69
N ALA B 12 9.75 45.97 -1.05
CA ALA B 12 9.88 44.66 -0.44
C ALA B 12 9.49 44.72 1.04
N ASP B 13 8.17 44.88 1.28
CA ASP B 13 7.60 45.06 2.62
C ASP B 13 6.11 44.75 2.46
N GLU B 14 5.37 44.75 3.58
CA GLU B 14 3.97 44.29 3.58
C GLU B 14 3.09 45.29 2.83
N ALA B 15 3.47 46.56 2.95
CA ALA B 15 2.84 47.69 2.30
C ALA B 15 2.90 47.51 0.78
N GLY B 16 4.09 47.15 0.28
CA GLY B 16 4.31 46.91 -1.13
C GLY B 16 3.56 45.69 -1.62
N ALA B 17 3.63 44.61 -0.84
CA ALA B 17 2.91 43.38 -1.16
C ALA B 17 1.39 43.61 -1.31
N GLN B 18 0.77 44.48 -0.48
CA GLN B 18 -0.66 44.82 -0.61
C GLN B 18 -0.94 45.47 -1.98
N LEU B 19 -0.10 46.44 -2.36
CA LEU B 19 -0.19 47.09 -3.67
C LEU B 19 0.05 46.02 -4.73
N PHE B 20 1.03 45.14 -4.49
CA PHE B 20 1.43 44.14 -5.48
C PHE B 20 0.26 43.23 -5.77
N ALA B 21 -0.38 42.77 -4.68
CA ALA B 21 -1.47 41.82 -4.76
C ALA B 21 -2.64 42.45 -5.52
N GLN B 22 -2.93 43.75 -5.27
CA GLN B 22 -3.97 44.47 -6.00
C GLN B 22 -3.61 44.59 -7.49
N SER B 23 -2.36 44.92 -7.80
CA SER B 23 -1.92 45.01 -9.19
C SER B 23 -2.03 43.65 -9.91
N TYR B 24 -1.67 42.53 -9.26
CA TYR B 24 -1.84 41.20 -9.86
C TYR B 24 -3.28 40.90 -10.27
N GLN B 25 -4.20 41.20 -9.34
CA GLN B 25 -5.54 40.62 -9.32
C GLN B 25 -6.42 41.33 -10.35
N SER B 26 -6.03 42.55 -10.71
CA SER B 26 -6.53 43.18 -11.91
C SER B 26 -6.20 42.30 -13.12
N SER B 27 -4.90 42.26 -13.47
CA SER B 27 -4.40 41.68 -14.72
C SER B 27 -4.79 40.21 -14.85
N ALA B 28 -4.89 39.53 -13.70
CA ALA B 28 -5.22 38.11 -13.76
C ALA B 28 -6.63 37.85 -14.35
N GLU B 29 -7.61 38.75 -14.13
CA GLU B 29 -8.99 38.56 -14.60
C GLU B 29 -9.01 38.43 -16.13
N GLN B 30 -8.17 39.23 -16.77
CA GLN B 30 -8.12 39.28 -18.21
C GLN B 30 -7.63 37.96 -18.75
N VAL B 31 -6.60 37.41 -18.07
CA VAL B 31 -5.86 36.27 -18.59
C VAL B 31 -6.72 35.02 -18.35
N LEU B 32 -7.25 34.90 -17.12
CA LEU B 32 -8.14 33.80 -16.76
C LEU B 32 -9.38 33.78 -17.68
N PHE B 33 -9.99 34.93 -17.96
CA PHE B 33 -11.11 34.97 -18.89
C PHE B 33 -10.73 34.36 -20.25
N GLN B 34 -9.58 34.73 -20.83
CA GLN B 34 -9.15 34.18 -22.11
C GLN B 34 -9.01 32.65 -22.08
N SER B 35 -8.54 32.12 -20.94
CA SER B 35 -8.36 30.67 -20.75
C SER B 35 -9.74 30.00 -20.75
N VAL B 36 -10.63 30.45 -19.86
CA VAL B 36 -11.92 29.77 -19.68
C VAL B 36 -12.72 29.84 -20.99
N ALA B 37 -12.67 30.98 -21.67
CA ALA B 37 -13.39 31.21 -22.93
C ALA B 37 -13.02 30.15 -23.98
N ALA B 38 -11.73 29.93 -24.15
CA ALA B 38 -11.30 28.98 -25.18
C ALA B 38 -11.56 27.54 -24.73
N SER B 39 -11.40 27.26 -23.45
CA SER B 39 -11.79 25.92 -22.94
C SER B 39 -13.27 25.65 -23.27
N TRP B 40 -14.13 26.68 -23.13
CA TRP B 40 -15.56 26.55 -23.37
C TRP B 40 -15.84 26.20 -24.82
N ALA B 41 -15.19 26.96 -25.71
CA ALA B 41 -15.39 26.84 -27.13
C ALA B 41 -15.01 25.43 -27.58
N HIS B 42 -13.96 24.87 -26.96
CA HIS B 42 -13.56 23.51 -27.25
C HIS B 42 -14.55 22.48 -26.67
N ASP B 43 -14.92 22.63 -25.39
CA ASP B 43 -15.70 21.57 -24.73
C ASP B 43 -17.13 21.47 -25.27
N THR B 44 -17.66 22.56 -25.85
CA THR B 44 -18.99 22.55 -26.42
C THR B 44 -18.90 22.33 -27.92
N ASN B 45 -17.70 22.00 -28.44
CA ASN B 45 -17.45 21.87 -29.87
C ASN B 45 -16.05 21.29 -30.13
N ILE B 46 -15.87 19.98 -29.92
CA ILE B 46 -14.52 19.43 -29.94
C ILE B 46 -14.01 19.37 -31.38
N THR B 47 -13.03 20.23 -31.70
CA THR B 47 -12.31 20.17 -32.99
C THR B 47 -10.81 20.42 -32.76
N ALA B 48 -10.00 20.07 -33.78
CA ALA B 48 -8.56 20.35 -33.77
C ALA B 48 -8.31 21.83 -33.50
N GLU B 49 -9.12 22.67 -34.17
CA GLU B 49 -8.93 24.10 -34.15
C GLU B 49 -9.21 24.70 -32.79
N ASN B 50 -10.27 24.20 -32.15
CA ASN B 50 -10.66 24.70 -30.84
C ASN B 50 -9.56 24.30 -29.86
N ALA B 51 -8.98 23.12 -30.04
CA ALA B 51 -7.86 22.65 -29.22
C ALA B 51 -6.64 23.57 -29.36
N ARG B 52 -6.27 23.86 -30.61
CA ARG B 52 -5.19 24.77 -30.94
C ARG B 52 -5.35 26.04 -30.10
N ARG B 53 -6.57 26.63 -30.12
CA ARG B 53 -6.81 27.93 -29.49
C ARG B 53 -6.68 27.83 -27.98
N GLN B 54 -7.23 26.74 -27.44
CA GLN B 54 -7.22 26.51 -26.02
C GLN B 54 -5.75 26.43 -25.53
N GLU B 55 -4.95 25.68 -26.28
CA GLU B 55 -3.52 25.57 -26.02
C GLU B 55 -2.78 26.92 -26.01
N GLU B 56 -3.13 27.78 -27.00
CA GLU B 56 -2.53 29.10 -27.10
C GLU B 56 -2.82 29.89 -25.83
N ALA B 57 -4.07 29.76 -25.32
CA ALA B 57 -4.45 30.53 -24.16
C ALA B 57 -3.74 29.99 -22.91
N ALA B 58 -3.59 28.67 -22.83
CA ALA B 58 -2.92 28.09 -21.68
C ALA B 58 -1.45 28.55 -21.67
N LEU B 59 -0.82 28.63 -22.84
CA LEU B 59 0.55 29.15 -22.98
C LEU B 59 0.69 30.57 -22.41
N LEU B 60 -0.27 31.44 -22.79
CA LEU B 60 -0.28 32.81 -22.33
C LEU B 60 -0.50 32.86 -20.81
N SER B 61 -1.28 31.88 -20.26
CA SER B 61 -1.55 31.80 -18.83
C SER B 61 -0.26 31.52 -18.09
N GLN B 62 0.51 30.61 -18.66
CA GLN B 62 1.79 30.22 -18.08
C GLN B 62 2.76 31.40 -18.11
N GLU B 63 2.74 32.15 -19.19
CA GLU B 63 3.63 33.29 -19.30
C GLU B 63 3.33 34.26 -18.14
N PHE B 64 2.03 34.55 -17.96
CA PHE B 64 1.55 35.45 -16.93
C PHE B 64 2.01 34.96 -15.55
N ALA B 65 1.68 33.70 -15.23
CA ALA B 65 2.01 33.07 -13.96
C ALA B 65 3.52 33.10 -13.75
N GLU B 66 4.29 32.84 -14.81
CA GLU B 66 5.75 32.85 -14.72
C GLU B 66 6.25 34.24 -14.30
N ALA B 67 5.79 35.27 -14.99
CA ALA B 67 6.32 36.61 -14.73
C ALA B 67 5.98 37.04 -13.28
N TRP B 68 4.72 36.83 -12.88
CA TRP B 68 4.25 37.34 -11.60
C TRP B 68 4.76 36.49 -10.44
N GLY B 69 4.80 35.17 -10.66
CA GLY B 69 5.49 34.22 -9.80
C GLY B 69 6.93 34.62 -9.47
N GLN B 70 7.74 34.91 -10.48
CA GLN B 70 9.13 35.29 -10.26
C GLN B 70 9.26 36.55 -9.42
N LYS B 71 8.40 37.52 -9.71
CA LYS B 71 8.46 38.78 -9.02
C LYS B 71 8.11 38.61 -7.53
N ALA B 72 7.11 37.75 -7.22
CA ALA B 72 6.72 37.57 -5.81
C ALA B 72 7.89 37.04 -4.99
N LYS B 73 8.60 36.04 -5.52
CA LYS B 73 9.78 35.53 -4.87
C LYS B 73 10.86 36.60 -4.74
N GLU B 74 11.21 37.22 -5.87
CA GLU B 74 12.23 38.26 -5.88
C GLU B 74 11.98 39.26 -4.74
N LEU B 75 10.73 39.68 -4.53
CA LEU B 75 10.41 40.75 -3.59
C LEU B 75 10.07 40.24 -2.18
N TYR B 76 9.37 39.10 -2.08
CA TYR B 76 8.73 38.76 -0.81
C TYR B 76 9.11 37.38 -0.30
N GLU B 77 10.03 36.65 -0.96
CA GLU B 77 10.24 35.24 -0.62
C GLU B 77 10.62 35.12 0.85
N PRO B 78 11.57 35.95 1.35
CA PRO B 78 12.02 35.83 2.73
C PRO B 78 11.22 36.58 3.81
N ILE B 79 9.95 36.95 3.57
CA ILE B 79 9.25 37.83 4.50
C ILE B 79 7.72 37.64 4.52
N TRP B 80 7.13 36.98 3.51
CA TRP B 80 5.68 36.97 3.35
C TRP B 80 5.01 36.14 4.45
N GLN B 81 5.76 35.18 5.01
CA GLN B 81 5.27 34.33 6.09
C GLN B 81 5.16 35.11 7.41
N GLN B 82 5.85 36.27 7.52
CA GLN B 82 5.80 37.06 8.74
C GLN B 82 4.85 38.26 8.61
N PHE B 83 4.11 38.37 7.49
CA PHE B 83 3.15 39.46 7.33
C PHE B 83 2.03 39.34 8.37
N THR B 84 1.57 40.49 8.88
CA THR B 84 0.46 40.54 9.83
C THR B 84 -0.84 40.09 9.16
N ASP B 85 -1.05 40.54 7.91
CA ASP B 85 -2.33 40.38 7.23
C ASP B 85 -2.44 38.93 6.75
N PRO B 86 -3.30 38.08 7.39
CA PRO B 86 -3.38 36.68 7.00
C PRO B 86 -3.91 36.45 5.59
N GLN B 87 -4.89 37.25 5.15
CA GLN B 87 -5.44 37.16 3.81
C GLN B 87 -4.35 37.43 2.77
N LEU B 88 -3.53 38.47 3.00
CA LEU B 88 -2.37 38.77 2.17
C LEU B 88 -1.38 37.58 2.11
N ARG B 89 -1.09 36.97 3.26
CA ARG B 89 -0.19 35.83 3.30
C ARG B 89 -0.70 34.71 2.39
N ARG B 90 -2.03 34.50 2.34
CA ARG B 90 -2.62 33.47 1.47
C ARG B 90 -2.47 33.83 -0.02
N ILE B 91 -2.67 35.12 -0.34
CA ILE B 91 -2.59 35.57 -1.72
C ILE B 91 -1.16 35.37 -2.22
N ILE B 92 -0.17 35.84 -1.45
CA ILE B 92 1.21 35.83 -1.93
C ILE B 92 1.73 34.38 -1.96
N GLY B 93 1.34 33.59 -0.96
CA GLY B 93 1.60 32.15 -0.93
C GLY B 93 1.15 31.44 -2.22
N ALA B 94 -0.02 31.82 -2.77
CA ALA B 94 -0.54 31.28 -4.03
C ALA B 94 0.28 31.79 -5.22
N VAL B 95 0.58 33.08 -5.30
CA VAL B 95 1.13 33.67 -6.51
C VAL B 95 2.48 33.08 -6.93
N ARG B 96 3.31 32.72 -5.94
CA ARG B 96 4.62 32.15 -6.16
C ARG B 96 4.61 30.62 -6.36
N THR B 97 3.46 30.06 -6.80
CA THR B 97 3.31 28.66 -7.24
C THR B 97 3.01 28.69 -8.73
N LEU B 98 3.95 28.21 -9.55
CA LEU B 98 3.91 28.41 -11.00
C LEU B 98 3.24 27.25 -11.73
N GLY B 99 3.23 26.06 -11.12
CA GLY B 99 2.69 24.87 -11.75
C GLY B 99 3.40 24.57 -13.05
N SER B 100 2.62 24.28 -14.10
CA SER B 100 3.20 23.95 -15.39
C SER B 100 3.97 25.10 -16.02
N ALA B 101 3.87 26.32 -15.45
CA ALA B 101 4.68 27.45 -15.92
C ALA B 101 6.11 27.31 -15.42
N ASN B 102 6.40 26.33 -14.55
CA ASN B 102 7.78 26.09 -14.20
C ASN B 102 8.46 25.33 -15.33
N LEU B 103 7.67 24.75 -16.23
CA LEU B 103 8.22 23.96 -17.32
C LEU B 103 8.92 24.90 -18.25
N PRO B 104 10.04 24.49 -18.89
CA PRO B 104 10.49 25.22 -20.08
C PRO B 104 9.40 25.17 -21.14
N LEU B 105 9.50 26.07 -22.13
CA LEU B 105 8.45 26.39 -23.10
C LEU B 105 8.03 25.11 -23.83
N ALA B 106 8.99 24.33 -24.30
CA ALA B 106 8.65 23.13 -25.07
C ALA B 106 7.93 22.12 -24.18
N LYS B 107 8.26 22.07 -22.89
CA LYS B 107 7.56 21.13 -22.01
C LYS B 107 6.17 21.69 -21.67
N ARG B 108 6.07 23.02 -21.54
CA ARG B 108 4.78 23.70 -21.37
C ARG B 108 3.84 23.32 -22.50
N GLN B 109 4.36 23.40 -23.72
CA GLN B 109 3.67 22.96 -24.92
C GLN B 109 3.14 21.57 -24.64
N GLN B 110 4.07 20.64 -24.43
CA GLN B 110 3.74 19.22 -24.44
C GLN B 110 2.63 18.88 -23.45
N TYR B 111 2.69 19.48 -22.24
CA TYR B 111 1.72 19.29 -21.19
C TYR B 111 0.37 19.82 -21.65
N ASN B 112 0.38 20.99 -22.34
CA ASN B 112 -0.87 21.60 -22.79
C ASN B 112 -1.53 20.68 -23.83
N ALA B 113 -0.77 20.06 -24.74
CA ALA B 113 -1.37 19.17 -25.74
C ALA B 113 -1.82 17.82 -25.19
N LEU B 114 -1.18 17.33 -24.12
CA LEU B 114 -1.62 16.00 -23.68
C LEU B 114 -3.03 16.09 -23.07
N LEU B 115 -3.27 17.10 -22.25
CA LEU B 115 -4.59 17.41 -21.72
C LEU B 115 -5.60 17.38 -22.86
N SER B 116 -5.27 17.99 -24.02
CA SER B 116 -6.22 18.14 -25.09
C SER B 116 -6.56 16.80 -25.73
N GLN B 117 -5.52 15.96 -25.94
CA GLN B 117 -5.74 14.67 -26.56
C GLN B 117 -6.47 13.70 -25.61
N MET B 118 -6.10 13.71 -24.33
CA MET B 118 -6.75 12.84 -23.35
C MET B 118 -8.24 13.21 -23.20
N SER B 119 -8.55 14.51 -23.16
CA SER B 119 -9.93 14.99 -23.15
C SER B 119 -10.73 14.48 -24.33
N ARG B 120 -10.16 14.57 -25.53
CA ARG B 120 -10.83 14.16 -26.73
C ARG B 120 -11.09 12.66 -26.72
N ILE B 121 -10.09 11.84 -26.34
CA ILE B 121 -10.28 10.40 -26.32
C ILE B 121 -11.46 10.03 -25.42
N TYR B 122 -11.50 10.56 -24.21
CA TYR B 122 -12.55 10.20 -23.26
C TYR B 122 -13.92 10.57 -23.82
N SER B 123 -14.06 11.82 -24.29
CA SER B 123 -15.37 12.37 -24.61
C SER B 123 -15.81 11.99 -26.02
N THR B 124 -14.98 11.28 -26.81
CA THR B 124 -15.42 10.82 -28.13
C THR B 124 -15.40 9.30 -28.26
N ALA B 125 -15.02 8.55 -27.23
CA ALA B 125 -14.94 7.10 -27.37
C ALA B 125 -16.33 6.51 -27.52
N LYS B 126 -16.45 5.45 -28.33
CA LYS B 126 -17.72 4.81 -28.61
C LYS B 126 -17.60 3.31 -28.44
N VAL B 127 -18.73 2.63 -28.28
CA VAL B 127 -18.80 1.19 -28.26
C VAL B 127 -19.66 0.76 -29.44
N CYS B 128 -19.15 -0.14 -30.28
CA CYS B 128 -19.79 -0.52 -31.53
C CYS B 128 -20.20 -2.00 -31.58
N LEU B 129 -21.04 -2.35 -32.58
CA LEU B 129 -21.34 -3.71 -33.06
C LEU B 129 -21.88 -4.57 -31.90
N THR B 135 -23.65 1.63 -36.30
CA THR B 135 -24.23 2.50 -35.24
C THR B 135 -23.50 2.18 -33.93
N CYS B 136 -23.09 3.21 -33.19
CA CYS B 136 -22.22 3.01 -32.04
C CYS B 136 -22.77 3.83 -30.89
N TRP B 137 -22.61 3.26 -29.69
CA TRP B 137 -23.13 3.88 -28.48
C TRP B 137 -22.12 4.83 -27.87
N SER B 138 -22.60 5.99 -27.46
CA SER B 138 -21.85 6.97 -26.67
C SER B 138 -22.02 6.65 -25.19
N LEU B 139 -21.15 7.18 -24.34
CA LEU B 139 -21.26 7.01 -22.88
C LEU B 139 -22.54 7.67 -22.39
N ASP B 140 -22.75 8.91 -22.82
CA ASP B 140 -23.90 9.73 -22.44
C ASP B 140 -24.64 10.08 -23.73
N PRO B 141 -25.89 9.60 -24.00
CA PRO B 141 -26.74 8.89 -23.04
C PRO B 141 -26.65 7.37 -23.04
N ASP B 142 -26.06 6.80 -24.08
CA ASP B 142 -26.40 5.43 -24.44
C ASP B 142 -25.94 4.42 -23.39
N LEU B 143 -24.65 4.43 -23.08
CA LEU B 143 -24.13 3.42 -22.16
C LEU B 143 -24.61 3.73 -20.73
N THR B 144 -24.70 5.01 -20.39
CA THR B 144 -25.27 5.41 -19.13
C THR B 144 -26.65 4.78 -18.96
N ASN B 145 -27.50 4.84 -19.99
CA ASN B 145 -28.87 4.36 -19.84
C ASN B 145 -28.86 2.84 -19.65
N ILE B 146 -28.00 2.14 -20.41
CA ILE B 146 -27.87 0.69 -20.32
C ILE B 146 -27.45 0.27 -18.91
N LEU B 147 -26.40 0.92 -18.36
CA LEU B 147 -25.90 0.58 -17.03
C LEU B 147 -26.99 0.80 -15.98
N ALA B 148 -27.86 1.81 -16.22
CA ALA B 148 -28.88 2.20 -15.24
C ALA B 148 -30.10 1.27 -15.30
N SER B 149 -30.45 0.79 -16.48
CA SER B 149 -31.76 0.22 -16.77
C SER B 149 -31.70 -1.27 -17.10
N SER B 150 -30.65 -1.72 -17.80
CA SER B 150 -30.65 -3.09 -18.30
C SER B 150 -30.44 -4.08 -17.16
N ARG B 151 -31.12 -5.24 -17.21
N ARG B 151 -31.22 -5.16 -17.13
CA ARG B 151 -30.98 -6.24 -16.18
CA ARG B 151 -31.07 -6.24 -16.17
C ARG B 151 -30.53 -7.54 -16.82
C ARG B 151 -30.72 -7.53 -16.90
N SER B 152 -30.01 -7.38 -18.03
CA SER B 152 -29.41 -8.46 -18.77
C SER B 152 -27.92 -8.46 -18.50
N TYR B 153 -27.48 -9.54 -17.83
CA TYR B 153 -26.09 -9.71 -17.44
C TYR B 153 -25.21 -9.42 -18.67
N ALA B 154 -25.56 -9.99 -19.82
CA ALA B 154 -24.70 -9.96 -20.99
C ALA B 154 -24.63 -8.58 -21.62
N MET B 155 -25.76 -7.87 -21.64
CA MET B 155 -25.82 -6.53 -22.21
C MET B 155 -25.00 -5.57 -21.36
N LEU B 156 -25.17 -5.68 -20.05
CA LEU B 156 -24.42 -4.87 -19.06
C LEU B 156 -22.93 -5.11 -19.23
N LEU B 157 -22.55 -6.38 -19.45
CA LEU B 157 -21.14 -6.76 -19.57
C LEU B 157 -20.59 -6.15 -20.85
N PHE B 158 -21.36 -6.25 -21.92
CA PHE B 158 -20.93 -5.72 -23.20
C PHE B 158 -20.72 -4.21 -23.12
N ALA B 159 -21.61 -3.49 -22.45
CA ALA B 159 -21.45 -2.07 -22.22
C ALA B 159 -20.21 -1.74 -21.35
N TRP B 160 -20.08 -2.41 -20.20
CA TRP B 160 -18.97 -2.23 -19.28
C TRP B 160 -17.60 -2.50 -19.95
N GLU B 161 -17.46 -3.68 -20.55
CA GLU B 161 -16.25 -4.09 -21.23
C GLU B 161 -15.95 -3.15 -22.39
N GLY B 162 -16.98 -2.85 -23.19
CA GLY B 162 -16.76 -2.02 -24.36
C GLY B 162 -16.24 -0.65 -23.98
N TRP B 163 -16.83 -0.06 -22.93
CA TRP B 163 -16.47 1.28 -22.55
C TRP B 163 -15.02 1.32 -21.98
N HIS B 164 -14.73 0.38 -21.07
CA HIS B 164 -13.42 0.34 -20.42
C HIS B 164 -12.32 0.14 -21.46
N ASN B 165 -12.59 -0.74 -22.43
CA ASN B 165 -11.60 -0.97 -23.47
C ASN B 165 -11.42 0.27 -24.36
N ALA B 166 -12.56 0.89 -24.80
CA ALA B 166 -12.54 1.96 -25.78
C ALA B 166 -11.86 3.19 -25.22
N ALA B 167 -12.16 3.56 -23.96
CA ALA B 167 -11.61 4.77 -23.39
C ALA B 167 -10.24 4.53 -22.75
N GLY B 168 -10.08 3.43 -22.00
CA GLY B 168 -8.89 3.15 -21.20
C GLY B 168 -7.63 2.87 -22.00
N ILE B 169 -7.69 1.90 -22.92
CA ILE B 169 -6.53 1.34 -23.61
C ILE B 169 -5.76 2.47 -24.33
N PRO B 170 -6.39 3.34 -25.15
CA PRO B 170 -5.64 4.40 -25.83
C PRO B 170 -5.13 5.52 -24.92
N LEU B 171 -5.68 5.68 -23.70
CA LEU B 171 -5.25 6.79 -22.85
C LEU B 171 -3.91 6.48 -22.19
N LYS B 172 -3.61 5.19 -22.02
CA LYS B 172 -2.53 4.78 -21.13
C LYS B 172 -1.21 5.45 -21.53
N PRO B 173 -0.75 5.38 -22.82
CA PRO B 173 0.51 6.00 -23.19
C PRO B 173 0.58 7.50 -22.87
N LEU B 174 -0.54 8.21 -23.07
CA LEU B 174 -0.59 9.64 -22.86
C LEU B 174 -0.53 9.97 -21.38
N TYR B 175 -1.21 9.15 -20.56
CA TYR B 175 -1.33 9.45 -19.15
C TYR B 175 0.06 9.30 -18.49
N GLU B 176 0.84 8.33 -18.95
CA GLU B 176 2.18 8.15 -18.43
C GLU B 176 3.00 9.43 -18.70
N ASP B 177 2.91 9.98 -19.93
CA ASP B 177 3.68 11.16 -20.28
C ASP B 177 3.19 12.38 -19.52
N PHE B 178 1.86 12.47 -19.31
CA PHE B 178 1.29 13.55 -18.55
C PHE B 178 1.81 13.52 -17.12
N THR B 179 1.80 12.35 -16.49
CA THR B 179 2.23 12.23 -15.10
C THR B 179 3.67 12.77 -14.95
N ALA B 180 4.54 12.36 -15.85
CA ALA B 180 5.95 12.72 -15.76
C ALA B 180 6.12 14.23 -15.89
N LEU B 181 5.40 14.87 -16.84
CA LEU B 181 5.52 16.33 -17.01
C LEU B 181 4.92 17.07 -15.81
N SER B 182 3.75 16.61 -15.35
CA SER B 182 3.11 17.28 -14.24
C SER B 182 4.04 17.31 -13.02
N ASN B 183 4.68 16.17 -12.74
CA ASN B 183 5.60 16.03 -11.62
C ASN B 183 6.80 16.97 -11.79
N GLU B 184 7.38 16.99 -12.99
CA GLU B 184 8.51 17.88 -13.29
C GLU B 184 8.12 19.34 -12.96
N ALA B 185 6.91 19.74 -13.33
CA ALA B 185 6.46 21.10 -13.09
C ALA B 185 6.42 21.43 -11.59
N TYR B 186 5.74 20.58 -10.81
CA TYR B 186 5.45 20.94 -9.45
C TYR B 186 6.66 20.73 -8.57
N LYS B 187 7.59 19.87 -8.98
CA LYS B 187 8.83 19.70 -8.24
C LYS B 187 9.55 21.05 -8.12
N GLN B 188 9.47 21.88 -9.15
CA GLN B 188 10.17 23.16 -9.13
C GLN B 188 9.43 24.17 -8.25
N ASP B 189 8.21 23.86 -7.82
CA ASP B 189 7.54 24.68 -6.82
C ASP B 189 7.84 24.19 -5.42
N GLY B 190 8.62 23.11 -5.30
CA GLY B 190 9.02 22.59 -3.98
C GLY B 190 8.17 21.41 -3.50
N PHE B 191 7.28 20.87 -4.34
CA PHE B 191 6.46 19.74 -3.95
C PHE B 191 7.13 18.45 -4.39
N THR B 192 7.03 17.42 -3.55
CA THR B 192 7.67 16.14 -3.85
C THR B 192 7.04 15.54 -5.12
N ASP B 193 5.74 15.78 -5.36
CA ASP B 193 5.07 15.30 -6.55
C ASP B 193 3.74 16.05 -6.67
N THR B 194 3.06 15.90 -7.80
CA THR B 194 1.81 16.59 -8.09
C THR B 194 0.75 16.32 -7.02
N GLY B 195 0.67 15.08 -6.51
CA GLY B 195 -0.27 14.71 -5.47
C GLY B 195 -0.08 15.52 -4.20
N ALA B 196 1.18 15.76 -3.83
CA ALA B 196 1.47 16.58 -2.67
C ALA B 196 0.97 18.02 -2.88
N TYR B 197 1.09 18.54 -4.09
CA TYR B 197 0.56 19.87 -4.38
C TYR B 197 -0.97 19.84 -4.23
N TRP B 198 -1.64 18.80 -4.76
CA TRP B 198 -3.09 18.70 -4.66
C TRP B 198 -3.54 18.65 -3.20
N ARG B 199 -2.82 17.88 -2.39
CA ARG B 199 -3.15 17.71 -0.99
C ARG B 199 -2.89 19.01 -0.22
N SER B 200 -1.90 19.81 -0.66
CA SER B 200 -1.58 21.07 0.03
C SER B 200 -2.77 22.02 0.11
N TRP B 201 -3.73 21.89 -0.82
CA TRP B 201 -4.94 22.71 -0.78
C TRP B 201 -5.73 22.55 0.51
N TYR B 202 -5.59 21.46 1.26
CA TYR B 202 -6.36 21.30 2.50
C TYR B 202 -5.65 21.94 3.70
N ASN B 203 -4.39 22.37 3.49
N ASN B 203 -4.40 22.40 3.53
CA ASN B 203 -3.58 23.01 4.53
CA ASN B 203 -3.68 23.08 4.61
C ASN B 203 -3.80 22.35 5.88
C ASN B 203 -3.85 22.33 5.93
N SER B 204 -3.47 21.05 5.92
CA SER B 204 -3.67 20.21 7.08
C SER B 204 -2.55 19.20 7.10
N PRO B 205 -1.66 19.23 8.12
CA PRO B 205 -0.58 18.25 8.21
C PRO B 205 -1.07 16.82 8.35
N THR B 206 -2.25 16.63 8.97
CA THR B 206 -2.73 15.30 9.27
C THR B 206 -3.80 14.82 8.25
N PHE B 207 -3.86 15.38 7.02
CA PHE B 207 -4.96 15.16 6.07
C PHE B 207 -5.20 13.68 5.77
N GLU B 208 -4.16 12.97 5.35
CA GLU B 208 -4.32 11.56 4.99
C GLU B 208 -4.79 10.71 6.17
N ASP B 209 -4.17 10.86 7.34
CA ASP B 209 -4.58 10.16 8.55
C ASP B 209 -6.02 10.51 8.94
N ASP B 210 -6.40 11.79 8.84
CA ASP B 210 -7.76 12.19 9.18
C ASP B 210 -8.76 11.55 8.22
N LEU B 211 -8.44 11.45 6.92
CA LEU B 211 -9.32 10.79 5.95
C LEU B 211 -9.47 9.32 6.29
N GLU B 212 -8.33 8.67 6.62
CA GLU B 212 -8.33 7.25 6.97
C GLU B 212 -9.22 7.01 8.16
N HIS B 213 -9.17 7.90 9.15
CA HIS B 213 -9.96 7.76 10.37
C HIS B 213 -11.44 7.90 10.02
N LEU B 214 -11.79 8.85 9.15
CA LEU B 214 -13.18 9.03 8.74
C LEU B 214 -13.64 7.73 8.07
N TYR B 215 -12.85 7.21 7.14
CA TYR B 215 -13.28 5.99 6.44
C TYR B 215 -13.53 4.83 7.42
N GLN B 216 -12.67 4.66 8.44
CA GLN B 216 -12.86 3.59 9.40
C GLN B 216 -14.21 3.67 10.11
N GLN B 217 -14.72 4.86 10.42
CA GLN B 217 -16.04 4.94 11.01
C GLN B 217 -17.18 4.70 10.02
N LEU B 218 -16.96 4.99 8.73
CA LEU B 218 -18.03 4.84 7.76
C LEU B 218 -18.08 3.42 7.20
N GLU B 219 -16.95 2.73 7.22
CA GLU B 219 -16.84 1.41 6.58
C GLU B 219 -17.92 0.40 6.99
N PRO B 220 -18.25 0.21 8.29
CA PRO B 220 -19.32 -0.72 8.62
C PRO B 220 -20.65 -0.44 7.91
N LEU B 221 -20.95 0.86 7.68
CA LEU B 221 -22.17 1.23 6.96
C LEU B 221 -22.11 0.64 5.54
N TYR B 222 -20.96 0.87 4.89
CA TYR B 222 -20.77 0.40 3.55
C TYR B 222 -20.81 -1.14 3.53
N LEU B 223 -20.15 -1.82 4.48
CA LEU B 223 -20.11 -3.28 4.41
C LEU B 223 -21.53 -3.86 4.52
N ASN B 224 -22.40 -3.22 5.29
CA ASN B 224 -23.74 -3.75 5.51
C ASN B 224 -24.60 -3.47 4.29
N LEU B 225 -24.41 -2.30 3.67
CA LEU B 225 -25.15 -1.97 2.48
C LEU B 225 -24.79 -2.97 1.38
N HIS B 226 -23.47 -3.16 1.18
CA HIS B 226 -22.90 -4.10 0.20
C HIS B 226 -23.50 -5.48 0.35
N ALA B 227 -23.46 -6.02 1.56
CA ALA B 227 -23.96 -7.37 1.81
C ALA B 227 -25.44 -7.49 1.43
N PHE B 228 -26.20 -6.47 1.76
CA PHE B 228 -27.66 -6.46 1.50
C PHE B 228 -27.93 -6.40 0.01
N VAL B 229 -27.19 -5.54 -0.71
CA VAL B 229 -27.35 -5.40 -2.15
C VAL B 229 -26.85 -6.64 -2.85
N ARG B 230 -25.74 -7.21 -2.37
CA ARG B 230 -25.24 -8.45 -2.98
C ARG B 230 -26.30 -9.56 -2.94
N ARG B 231 -27.01 -9.63 -1.84
CA ARG B 231 -28.06 -10.63 -1.66
C ARG B 231 -29.17 -10.43 -2.69
N ALA B 232 -29.58 -9.18 -2.90
CA ALA B 232 -30.60 -8.86 -3.89
C ALA B 232 -30.14 -9.21 -5.29
N LEU B 233 -28.86 -8.95 -5.59
CA LEU B 233 -28.28 -9.32 -6.88
C LEU B 233 -28.23 -10.84 -7.03
N HIS B 234 -27.99 -11.56 -5.93
CA HIS B 234 -27.95 -13.02 -5.97
C HIS B 234 -29.33 -13.56 -6.38
N ARG B 235 -30.38 -13.04 -5.74
CA ARG B 235 -31.73 -13.49 -6.05
C ARG B 235 -32.05 -13.27 -7.52
N ARG B 236 -31.49 -12.19 -8.11
CA ARG B 236 -31.76 -11.79 -9.48
C ARG B 236 -30.93 -12.60 -10.47
N TYR B 237 -29.63 -12.73 -10.25
CA TYR B 237 -28.72 -13.23 -11.28
C TYR B 237 -28.29 -14.66 -10.95
N GLY B 238 -28.47 -15.09 -9.69
CA GLY B 238 -28.17 -16.47 -9.33
C GLY B 238 -26.72 -16.69 -8.92
N ASP B 239 -26.49 -17.93 -8.50
CA ASP B 239 -25.26 -18.39 -7.88
C ASP B 239 -24.13 -18.42 -8.92
N ARG B 240 -24.46 -18.53 -10.20
CA ARG B 240 -23.40 -18.54 -11.21
C ARG B 240 -22.66 -17.21 -11.23
N TYR B 241 -23.39 -16.11 -11.07
CA TYR B 241 -22.83 -14.81 -11.38
C TYR B 241 -22.58 -13.98 -10.13
N ILE B 242 -23.13 -14.40 -8.99
CA ILE B 242 -23.00 -13.70 -7.72
C ILE B 242 -22.51 -14.71 -6.69
N ASN B 243 -21.40 -14.36 -6.05
CA ASN B 243 -20.82 -15.10 -4.94
C ASN B 243 -21.13 -14.35 -3.66
N LEU B 244 -21.92 -14.98 -2.79
CA LEU B 244 -22.35 -14.40 -1.52
C LEU B 244 -21.20 -14.13 -0.55
N ARG B 245 -20.00 -14.66 -0.82
CA ARG B 245 -18.83 -14.36 0.02
C ARG B 245 -17.73 -13.66 -0.79
N GLY B 246 -18.06 -13.25 -2.00
CA GLY B 246 -17.08 -12.67 -2.90
C GLY B 246 -17.43 -11.25 -3.33
N PRO B 247 -16.53 -10.57 -4.06
CA PRO B 247 -16.81 -9.25 -4.59
C PRO B 247 -17.94 -9.27 -5.62
N ILE B 248 -18.67 -8.17 -5.70
CA ILE B 248 -19.79 -8.07 -6.65
C ILE B 248 -19.21 -7.72 -8.00
N PRO B 249 -19.61 -8.39 -9.09
CA PRO B 249 -19.24 -7.95 -10.44
C PRO B 249 -19.53 -6.47 -10.72
N ALA B 250 -18.53 -5.74 -11.28
CA ALA B 250 -18.49 -4.28 -11.26
C ALA B 250 -19.52 -3.61 -12.18
N HIS B 251 -20.24 -4.42 -12.97
CA HIS B 251 -21.18 -3.91 -13.94
C HIS B 251 -22.65 -4.00 -13.47
N LEU B 252 -22.94 -4.46 -12.27
CA LEU B 252 -24.31 -4.81 -11.90
C LEU B 252 -24.98 -3.80 -10.97
N LEU B 253 -24.32 -2.66 -10.68
CA LEU B 253 -24.76 -1.79 -9.60
C LEU B 253 -25.38 -0.48 -10.11
N GLY B 254 -25.65 -0.34 -11.41
CA GLY B 254 -26.52 0.72 -11.92
C GLY B 254 -25.76 1.87 -12.58
N ASP B 255 -24.45 1.74 -12.59
CA ASP B 255 -23.54 2.82 -12.89
C ASP B 255 -22.25 2.23 -13.46
N MET B 256 -21.67 2.90 -14.46
CA MET B 256 -20.47 2.44 -15.14
C MET B 256 -19.31 2.17 -14.18
N TRP B 257 -19.16 2.96 -13.10
CA TRP B 257 -18.03 2.87 -12.17
C TRP B 257 -18.46 2.25 -10.84
N ALA B 258 -19.71 1.81 -10.80
CA ALA B 258 -20.31 1.20 -9.61
C ALA B 258 -20.24 2.19 -8.45
N GLN B 259 -20.25 3.49 -8.76
CA GLN B 259 -19.90 4.49 -7.75
C GLN B 259 -21.11 4.95 -6.94
N SER B 260 -22.29 4.88 -7.55
CA SER B 260 -23.48 5.01 -6.77
C SER B 260 -24.53 4.09 -7.37
N TRP B 261 -25.37 3.58 -6.49
CA TRP B 261 -26.19 2.40 -6.77
C TRP B 261 -27.68 2.74 -6.82
N GLU B 262 -28.04 4.02 -6.92
CA GLU B 262 -29.46 4.38 -6.85
C GLU B 262 -30.28 3.77 -7.97
N ASN B 263 -29.65 3.52 -9.13
CA ASN B 263 -30.32 2.96 -10.29
C ASN B 263 -30.76 1.49 -10.09
N ILE B 264 -30.33 0.79 -9.03
CA ILE B 264 -30.86 -0.54 -8.79
C ILE B 264 -31.79 -0.53 -7.58
N TYR B 265 -32.26 0.66 -7.16
CA TYR B 265 -33.23 0.78 -6.08
C TYR B 265 -34.45 -0.12 -6.30
N ASP B 266 -34.97 -0.20 -7.53
CA ASP B 266 -36.16 -1.01 -7.78
C ASP B 266 -35.93 -2.48 -7.40
N MET B 267 -34.68 -2.94 -7.47
CA MET B 267 -34.37 -4.32 -7.17
C MET B 267 -34.18 -4.58 -5.68
N VAL B 268 -33.91 -3.54 -4.86
CA VAL B 268 -33.48 -3.82 -3.50
C VAL B 268 -34.43 -3.17 -2.49
N VAL B 269 -35.46 -2.50 -2.98
CA VAL B 269 -36.32 -1.72 -2.12
C VAL B 269 -36.84 -2.55 -0.94
N PRO B 270 -36.55 -2.14 0.31
CA PRO B 270 -36.88 -2.90 1.51
C PRO B 270 -38.34 -3.26 1.71
N PHE B 271 -39.25 -2.31 1.49
CA PHE B 271 -40.68 -2.52 1.59
C PHE B 271 -41.34 -2.17 0.25
N PRO B 272 -41.29 -3.10 -0.72
CA PRO B 272 -41.65 -2.80 -2.13
C PRO B 272 -43.07 -2.35 -2.41
N ASP B 273 -43.98 -2.46 -1.41
CA ASP B 273 -45.39 -2.18 -1.61
C ASP B 273 -45.73 -0.70 -1.59
N LYS B 274 -44.83 0.16 -1.14
CA LYS B 274 -45.18 1.51 -0.73
C LYS B 274 -45.03 2.44 -1.93
N PRO B 275 -45.20 3.77 -1.80
CA PRO B 275 -44.97 4.70 -2.91
C PRO B 275 -43.61 4.53 -3.57
N ASN B 276 -43.56 4.79 -4.87
CA ASN B 276 -42.31 4.71 -5.61
C ASN B 276 -41.52 6.01 -5.39
N LEU B 277 -40.40 5.94 -4.69
CA LEU B 277 -39.65 7.16 -4.33
C LEU B 277 -38.74 7.65 -5.45
N ASP B 278 -38.59 6.86 -6.51
CA ASP B 278 -37.99 7.31 -7.76
C ASP B 278 -39.08 7.91 -8.61
N VAL B 279 -39.03 9.24 -8.75
CA VAL B 279 -40.04 10.04 -9.40
C VAL B 279 -39.76 10.24 -10.88
N THR B 280 -38.76 9.54 -11.44
CA THR B 280 -38.47 9.65 -12.85
C THR B 280 -39.74 9.44 -13.68
N SER B 281 -40.52 8.38 -13.40
CA SER B 281 -41.77 8.11 -14.14
C SER B 281 -42.65 9.35 -14.21
N THR B 282 -42.81 9.99 -13.06
CA THR B 282 -43.70 11.13 -12.98
C THR B 282 -43.11 12.32 -13.73
N MET B 283 -41.78 12.50 -13.67
CA MET B 283 -41.18 13.62 -14.38
C MET B 283 -41.47 13.51 -15.89
N LEU B 284 -41.30 12.30 -16.46
CA LEU B 284 -41.60 12.08 -17.88
C LEU B 284 -43.09 12.24 -18.12
N GLN B 285 -43.92 11.56 -17.31
CA GLN B 285 -45.37 11.59 -17.50
C GLN B 285 -45.85 13.03 -17.55
N GLN B 286 -45.28 13.89 -16.68
CA GLN B 286 -45.62 15.30 -16.59
C GLN B 286 -44.88 16.14 -17.62
N GLY B 287 -43.94 15.57 -18.38
CA GLY B 287 -43.34 16.32 -19.48
C GLY B 287 -42.24 17.29 -19.04
N TRP B 288 -41.51 16.98 -17.97
CA TRP B 288 -40.37 17.81 -17.60
C TRP B 288 -39.28 17.77 -18.68
N GLN B 289 -38.59 18.90 -18.84
CA GLN B 289 -37.45 19.03 -19.72
C GLN B 289 -36.31 19.64 -18.94
N ALA B 290 -35.14 19.70 -19.57
CA ALA B 290 -33.93 20.23 -18.97
C ALA B 290 -34.20 21.59 -18.35
N THR B 291 -34.83 22.47 -19.10
CA THR B 291 -35.03 23.85 -18.67
C THR B 291 -35.85 23.89 -17.36
N HIS B 292 -36.85 23.01 -17.23
CA HIS B 292 -37.70 23.00 -16.06
C HIS B 292 -36.88 22.60 -14.84
N MET B 293 -36.01 21.59 -15.04
CA MET B 293 -35.19 21.07 -13.98
C MET B 293 -34.30 22.21 -13.47
N PHE B 294 -33.72 23.00 -14.38
CA PHE B 294 -32.84 24.09 -13.97
C PHE B 294 -33.66 25.19 -13.26
N ARG B 295 -34.90 25.46 -13.69
CA ARG B 295 -35.73 26.51 -13.09
C ARG B 295 -36.16 26.09 -11.70
N VAL B 296 -36.43 24.80 -11.51
CA VAL B 296 -36.88 24.32 -10.23
C VAL B 296 -35.73 24.40 -9.24
N ALA B 297 -34.52 24.03 -9.69
CA ALA B 297 -33.32 24.18 -8.90
C ALA B 297 -33.08 25.64 -8.51
N GLU B 298 -33.12 26.55 -9.48
CA GLU B 298 -32.96 27.96 -9.23
C GLU B 298 -33.89 28.44 -8.12
N GLU B 299 -35.17 28.01 -8.16
CA GLU B 299 -36.16 28.58 -7.27
C GLU B 299 -35.88 28.12 -5.84
N PHE B 300 -35.27 26.94 -5.67
CA PHE B 300 -34.80 26.50 -4.37
C PHE B 300 -33.78 27.51 -3.84
N PHE B 301 -32.80 27.88 -4.66
CA PHE B 301 -31.81 28.85 -4.27
C PHE B 301 -32.48 30.20 -3.95
N THR B 302 -33.42 30.69 -4.77
CA THR B 302 -34.01 31.98 -4.49
C THR B 302 -34.90 31.89 -3.26
N SER B 303 -35.42 30.70 -2.94
CA SER B 303 -36.29 30.56 -1.77
C SER B 303 -35.51 30.88 -0.50
N LEU B 304 -34.18 30.66 -0.56
CA LEU B 304 -33.27 30.88 0.54
C LEU B 304 -32.76 32.32 0.54
N GLU B 305 -33.20 33.13 -0.43
CA GLU B 305 -32.64 34.45 -0.69
C GLU B 305 -31.17 34.39 -1.07
N LEU B 306 -30.80 33.35 -1.80
CA LEU B 306 -29.59 33.35 -2.61
C LEU B 306 -29.94 33.86 -4.01
N SER B 307 -28.95 33.95 -4.89
CA SER B 307 -29.10 34.64 -6.16
C SER B 307 -29.80 33.78 -7.19
N PRO B 308 -30.64 34.39 -8.05
CA PRO B 308 -31.09 33.74 -9.26
C PRO B 308 -29.94 33.57 -10.26
N MET B 309 -30.12 32.68 -11.23
CA MET B 309 -29.21 32.59 -12.35
C MET B 309 -29.37 33.83 -13.23
N PRO B 310 -28.27 34.53 -13.56
CA PRO B 310 -28.37 35.75 -14.33
C PRO B 310 -28.69 35.48 -15.80
N PRO B 311 -29.10 36.51 -16.58
CA PRO B 311 -29.39 36.34 -18.00
C PRO B 311 -28.27 35.62 -18.75
N GLU B 312 -27.03 35.99 -18.44
CA GLU B 312 -25.85 35.46 -19.11
C GLU B 312 -25.77 33.94 -18.99
N PHE B 313 -26.22 33.37 -17.84
CA PHE B 313 -26.29 31.93 -17.64
C PHE B 313 -27.29 31.29 -18.60
N TRP B 314 -28.53 31.81 -18.68
CA TRP B 314 -29.56 31.22 -19.53
C TRP B 314 -29.19 31.39 -21.00
N GLU B 315 -28.60 32.52 -21.38
CA GLU B 315 -28.24 32.73 -22.78
C GLU B 315 -27.03 31.90 -23.17
N GLY B 316 -26.10 31.61 -22.25
CA GLY B 316 -24.80 31.01 -22.59
C GLY B 316 -24.72 29.51 -22.37
N SER B 317 -25.53 28.98 -21.45
CA SER B 317 -25.32 27.64 -20.95
C SER B 317 -25.65 26.64 -22.05
N MET B 318 -25.06 25.43 -22.00
CA MET B 318 -25.49 24.32 -22.85
C MET B 318 -26.17 23.28 -21.95
N LEU B 319 -27.51 23.16 -22.05
CA LEU B 319 -28.29 22.44 -21.06
C LEU B 319 -28.81 21.13 -21.63
N GLU B 320 -28.69 20.93 -22.94
CA GLU B 320 -28.96 19.65 -23.57
C GLU B 320 -27.80 19.28 -24.51
N LYS B 321 -27.66 17.97 -24.76
CA LYS B 321 -26.75 17.49 -25.79
C LYS B 321 -27.11 18.04 -27.17
N PRO B 322 -26.19 18.71 -27.89
CA PRO B 322 -26.50 19.27 -29.21
C PRO B 322 -26.96 18.22 -30.22
N ALA B 323 -28.06 18.53 -30.88
CA ALA B 323 -28.59 17.67 -31.93
C ALA B 323 -27.92 17.93 -33.28
N ASP B 324 -27.02 18.93 -33.36
CA ASP B 324 -26.38 19.28 -34.62
C ASP B 324 -25.19 18.37 -34.88
N GLY B 325 -25.00 17.34 -34.03
CA GLY B 325 -23.96 16.36 -34.25
C GLY B 325 -22.71 16.66 -33.41
N ARG B 326 -22.25 17.93 -33.45
CA ARG B 326 -21.10 18.39 -32.69
C ARG B 326 -20.71 17.33 -31.63
N GLU B 327 -19.43 16.99 -31.59
CA GLU B 327 -18.85 16.31 -30.45
C GLU B 327 -18.73 17.32 -29.32
N VAL B 328 -19.17 16.89 -28.13
CA VAL B 328 -19.09 17.72 -26.94
C VAL B 328 -18.57 16.87 -25.81
N VAL B 329 -18.05 17.52 -24.78
CA VAL B 329 -17.85 16.91 -23.49
C VAL B 329 -19.20 16.92 -22.79
N CYS B 330 -19.85 15.77 -22.70
CA CYS B 330 -21.11 15.68 -21.97
C CYS B 330 -20.94 15.79 -20.45
N HIS B 331 -19.79 15.38 -19.89
CA HIS B 331 -19.65 15.30 -18.44
C HIS B 331 -20.00 16.68 -17.85
N ALA B 332 -21.00 16.72 -16.97
CA ALA B 332 -21.57 17.97 -16.48
C ALA B 332 -20.55 18.84 -15.76
N SER B 333 -20.58 20.15 -16.03
CA SER B 333 -19.65 21.06 -15.39
C SER B 333 -20.21 22.49 -15.31
N ALA B 334 -19.70 23.20 -14.30
CA ALA B 334 -20.11 24.57 -13.97
C ALA B 334 -18.89 25.49 -14.12
N TRP B 335 -19.12 26.60 -14.83
CA TRP B 335 -18.03 27.41 -15.38
C TRP B 335 -18.09 28.84 -14.89
N ASP B 336 -16.95 29.28 -14.32
CA ASP B 336 -16.65 30.66 -13.98
C ASP B 336 -15.71 31.27 -15.02
N PHE B 337 -16.12 32.36 -15.68
CA PHE B 337 -15.27 32.96 -16.71
C PHE B 337 -14.32 34.00 -16.12
N TYR B 338 -14.37 34.24 -14.79
CA TYR B 338 -13.50 35.18 -14.12
C TYR B 338 -13.64 36.61 -14.69
N ASN B 339 -14.88 36.99 -15.08
CA ASN B 339 -15.15 38.35 -15.50
C ASN B 339 -16.33 38.93 -14.71
N ARG B 340 -16.89 38.18 -13.76
CA ARG B 340 -17.94 38.71 -12.89
C ARG B 340 -19.30 38.79 -13.62
N LYS B 341 -19.39 38.29 -14.85
CA LYS B 341 -20.59 38.40 -15.66
C LYS B 341 -21.01 37.05 -16.23
N ASP B 342 -20.05 36.29 -16.76
CA ASP B 342 -20.36 35.04 -17.42
C ASP B 342 -20.14 33.85 -16.49
N PHE B 343 -21.20 33.04 -16.40
CA PHE B 343 -21.26 31.85 -15.57
C PHE B 343 -22.22 30.88 -16.25
N ARG B 344 -21.81 29.61 -16.45
CA ARG B 344 -22.53 28.74 -17.33
C ARG B 344 -22.45 27.28 -16.89
N ILE B 345 -23.50 26.53 -17.20
CA ILE B 345 -23.43 25.09 -17.04
C ILE B 345 -23.44 24.44 -18.42
N LYS B 346 -22.64 23.39 -18.54
CA LYS B 346 -22.54 22.55 -19.72
C LYS B 346 -22.91 21.13 -19.28
N GLN B 347 -24.12 20.70 -19.63
CA GLN B 347 -24.66 19.44 -19.15
C GLN B 347 -25.53 18.84 -20.26
N CYS B 348 -25.28 17.57 -20.58
CA CYS B 348 -26.13 16.82 -21.49
C CYS B 348 -27.32 16.24 -20.72
N THR B 349 -28.16 17.15 -20.20
CA THR B 349 -29.14 16.82 -19.19
C THR B 349 -30.12 15.80 -19.74
N ARG B 350 -30.44 14.81 -18.92
CA ARG B 350 -31.50 13.86 -19.18
C ARG B 350 -32.57 13.98 -18.10
N VAL B 351 -33.80 13.58 -18.42
CA VAL B 351 -34.93 13.75 -17.52
C VAL B 351 -35.08 12.52 -16.61
N THR B 352 -34.35 12.58 -15.51
CA THR B 352 -34.35 11.55 -14.46
C THR B 352 -34.20 12.24 -13.11
N MET B 353 -34.60 11.53 -12.06
CA MET B 353 -34.44 12.01 -10.69
C MET B 353 -32.94 12.19 -10.35
N ASP B 354 -32.05 11.29 -10.75
CA ASP B 354 -30.65 11.47 -10.38
C ASP B 354 -30.04 12.66 -11.15
N GLN B 355 -30.51 12.94 -12.37
CA GLN B 355 -30.07 14.12 -13.08
C GLN B 355 -30.57 15.39 -12.39
N LEU B 356 -31.78 15.37 -11.81
CA LEU B 356 -32.24 16.50 -11.04
C LEU B 356 -31.25 16.82 -9.93
N SER B 357 -30.73 15.79 -9.26
CA SER B 357 -29.68 16.01 -8.25
C SER B 357 -28.39 16.56 -8.88
N THR B 358 -27.99 16.06 -10.06
CA THR B 358 -26.82 16.58 -10.73
C THR B 358 -27.03 18.06 -11.03
N VAL B 359 -28.23 18.43 -11.47
CA VAL B 359 -28.54 19.82 -11.75
C VAL B 359 -28.30 20.70 -10.53
N HIS B 360 -28.79 20.25 -9.36
CA HIS B 360 -28.59 20.97 -8.10
C HIS B 360 -27.09 21.07 -7.77
N HIS B 361 -26.35 19.98 -7.99
CA HIS B 361 -24.91 19.92 -7.76
C HIS B 361 -24.21 21.01 -8.57
N GLU B 362 -24.51 21.05 -9.87
CA GLU B 362 -23.88 22.01 -10.76
C GLU B 362 -24.31 23.44 -10.40
N MET B 363 -25.59 23.63 -10.07
CA MET B 363 -26.04 24.96 -9.72
C MET B 363 -25.41 25.46 -8.41
N GLY B 364 -25.09 24.55 -7.47
CA GLY B 364 -24.31 24.87 -6.29
C GLY B 364 -22.96 25.52 -6.64
N HIS B 365 -22.25 25.00 -7.65
CA HIS B 365 -21.00 25.58 -8.12
C HIS B 365 -21.24 27.02 -8.59
N ILE B 366 -22.26 27.20 -9.44
CA ILE B 366 -22.59 28.50 -9.97
C ILE B 366 -22.89 29.47 -8.84
N GLN B 367 -23.66 29.03 -7.83
CA GLN B 367 -24.03 29.91 -6.75
C GLN B 367 -22.78 30.42 -6.03
N TYR B 368 -21.80 29.53 -5.79
CA TYR B 368 -20.51 29.94 -5.24
C TYR B 368 -19.88 31.04 -6.12
N TYR B 369 -19.82 30.80 -7.43
CA TYR B 369 -19.22 31.73 -8.36
C TYR B 369 -19.91 33.08 -8.27
N LEU B 370 -21.24 33.09 -8.20
CA LEU B 370 -22.04 34.31 -8.14
C LEU B 370 -21.69 35.07 -6.86
N GLN B 371 -21.55 34.35 -5.74
CA GLN B 371 -21.37 34.98 -4.46
C GLN B 371 -19.97 35.57 -4.25
N TYR B 372 -18.92 35.01 -4.88
CA TYR B 372 -17.56 35.50 -4.67
C TYR B 372 -16.97 36.26 -5.87
N LYS B 373 -17.83 36.67 -6.82
CA LYS B 373 -17.37 37.17 -8.10
C LYS B 373 -16.60 38.50 -7.96
N ASP B 374 -16.79 39.20 -6.82
CA ASP B 374 -16.14 40.48 -6.58
C ASP B 374 -14.82 40.34 -5.83
N LEU B 375 -14.42 39.12 -5.49
CA LEU B 375 -13.11 38.91 -4.86
C LEU B 375 -12.02 38.92 -5.93
N PRO B 376 -10.75 39.14 -5.49
CA PRO B 376 -9.59 38.97 -6.35
C PRO B 376 -9.60 37.63 -7.08
N VAL B 377 -9.23 37.67 -8.35
CA VAL B 377 -9.48 36.58 -9.25
C VAL B 377 -8.75 35.32 -8.80
N SER B 378 -7.62 35.47 -8.09
CA SER B 378 -6.93 34.30 -7.56
C SER B 378 -7.72 33.70 -6.39
N LEU B 379 -8.73 34.44 -5.85
CA LEU B 379 -9.45 33.99 -4.66
C LEU B 379 -10.86 33.47 -4.96
N ARG B 380 -11.20 33.36 -6.24
CA ARG B 380 -12.50 32.86 -6.65
C ARG B 380 -12.44 31.34 -6.70
N ARG B 381 -12.41 30.73 -5.52
CA ARG B 381 -12.49 29.29 -5.35
C ARG B 381 -13.09 29.02 -3.97
N GLY B 382 -13.42 27.74 -3.66
CA GLY B 382 -14.10 27.40 -2.43
C GLY B 382 -13.12 27.44 -1.27
N ALA B 383 -13.58 27.39 -0.04
CA ALA B 383 -12.70 27.46 1.12
C ALA B 383 -11.71 26.29 1.08
N ASN B 384 -12.23 25.10 0.73
CA ASN B 384 -11.41 24.09 0.13
C ASN B 384 -12.24 23.46 -0.97
N PRO B 385 -11.67 22.59 -1.84
CA PRO B 385 -12.39 22.06 -2.98
C PRO B 385 -13.65 21.28 -2.60
N GLY B 386 -13.59 20.58 -1.46
CA GLY B 386 -14.68 19.88 -0.85
C GLY B 386 -15.90 20.78 -0.59
N PHE B 387 -15.65 22.01 -0.15
CA PHE B 387 -16.76 22.95 0.05
C PHE B 387 -17.50 23.19 -1.24
N HIS B 388 -16.78 23.40 -2.34
CA HIS B 388 -17.43 23.72 -3.58
C HIS B 388 -18.29 22.54 -4.03
N GLU B 389 -17.80 21.30 -3.80
CA GLU B 389 -18.57 20.11 -4.15
C GLU B 389 -19.83 19.87 -3.29
N ALA B 390 -19.87 20.45 -2.07
CA ALA B 390 -20.88 20.10 -1.11
C ALA B 390 -22.14 20.95 -1.29
N ILE B 391 -22.03 22.12 -1.92
CA ILE B 391 -23.05 23.14 -1.82
C ILE B 391 -24.38 22.67 -2.40
N GLY B 392 -24.34 22.27 -3.67
CA GLY B 392 -25.52 21.80 -4.38
C GLY B 392 -26.14 20.56 -3.73
N ASP B 393 -25.28 19.64 -3.27
CA ASP B 393 -25.70 18.38 -2.70
C ASP B 393 -26.48 18.64 -1.42
N VAL B 394 -26.13 19.70 -0.68
CA VAL B 394 -26.85 20.03 0.54
C VAL B 394 -28.29 20.37 0.20
N LEU B 395 -28.50 21.24 -0.79
CA LEU B 395 -29.86 21.59 -1.20
C LEU B 395 -30.59 20.34 -1.70
N ALA B 396 -29.90 19.48 -2.45
CA ALA B 396 -30.53 18.30 -3.04
C ALA B 396 -30.98 17.31 -1.96
N LEU B 397 -30.31 17.33 -0.79
CA LEU B 397 -30.79 16.55 0.34
C LEU B 397 -32.21 16.96 0.76
N SER B 398 -32.48 18.25 0.79
CA SER B 398 -33.83 18.72 1.11
C SER B 398 -34.81 18.37 -0.01
N VAL B 399 -34.38 18.54 -1.27
CA VAL B 399 -35.28 18.32 -2.41
C VAL B 399 -35.75 16.86 -2.47
N SER B 400 -34.87 15.93 -2.12
N SER B 400 -34.85 15.95 -2.10
CA SER B 400 -35.13 14.49 -2.23
CA SER B 400 -35.06 14.51 -2.20
C SER B 400 -36.14 14.00 -1.20
C SER B 400 -36.06 13.97 -1.17
N THR B 401 -36.38 14.77 -0.15
CA THR B 401 -37.30 14.32 0.89
C THR B 401 -38.68 14.08 0.28
N PRO B 402 -39.39 13.00 0.70
CA PRO B 402 -40.75 12.75 0.21
C PRO B 402 -41.67 13.96 0.38
N GLU B 403 -41.54 14.65 1.50
CA GLU B 403 -42.29 15.86 1.76
C GLU B 403 -42.01 16.91 0.68
N HIS B 404 -40.73 17.15 0.36
CA HIS B 404 -40.42 18.20 -0.60
C HIS B 404 -40.91 17.78 -1.98
N LEU B 405 -40.68 16.53 -2.36
CA LEU B 405 -41.14 16.00 -3.62
C LEU B 405 -42.64 16.20 -3.75
N HIS B 406 -43.36 16.00 -2.63
CA HIS B 406 -44.79 16.23 -2.63
C HIS B 406 -45.10 17.71 -2.89
N LYS B 407 -44.36 18.62 -2.27
CA LYS B 407 -44.60 20.05 -2.47
C LYS B 407 -44.44 20.46 -3.94
N ILE B 408 -43.55 19.82 -4.70
CA ILE B 408 -43.29 20.24 -6.07
C ILE B 408 -44.00 19.30 -7.05
N GLY B 409 -44.96 18.51 -6.55
CA GLY B 409 -45.88 17.77 -7.38
C GLY B 409 -45.32 16.48 -7.98
N LEU B 410 -44.21 15.94 -7.45
CA LEU B 410 -43.61 14.72 -7.99
C LEU B 410 -43.97 13.46 -7.18
N LEU B 411 -44.75 13.57 -6.10
CA LEU B 411 -45.09 12.43 -5.28
C LEU B 411 -46.39 12.72 -4.54
N ASP B 412 -47.37 11.82 -4.60
CA ASP B 412 -48.69 12.07 -4.02
C ASP B 412 -48.78 11.66 -2.54
N ARG B 413 -48.15 12.43 -1.63
CA ARG B 413 -48.30 12.33 -0.18
C ARG B 413 -47.81 10.97 0.32
N VAL B 414 -46.86 10.98 1.25
CA VAL B 414 -46.25 9.75 1.74
C VAL B 414 -46.73 9.49 3.16
N THR B 415 -47.06 8.23 3.49
CA THR B 415 -47.36 7.92 4.87
C THR B 415 -46.07 8.10 5.67
N ASN B 416 -46.15 8.75 6.85
CA ASN B 416 -44.97 8.96 7.68
C ASN B 416 -44.88 7.79 8.64
N ASP B 417 -44.38 6.65 8.15
CA ASP B 417 -44.28 5.47 8.97
C ASP B 417 -42.88 4.92 8.86
N THR B 418 -42.55 3.97 9.74
CA THR B 418 -41.21 3.44 9.82
C THR B 418 -40.79 2.79 8.50
N GLU B 419 -41.71 2.14 7.78
CA GLU B 419 -41.31 1.45 6.56
C GLU B 419 -40.95 2.46 5.48
N SER B 420 -41.74 3.55 5.34
CA SER B 420 -41.47 4.55 4.33
C SER B 420 -40.12 5.21 4.64
N ASP B 421 -39.83 5.43 5.93
CA ASP B 421 -38.54 5.97 6.36
C ASP B 421 -37.39 5.08 5.91
N ILE B 422 -37.57 3.78 6.07
CA ILE B 422 -36.50 2.83 5.73
C ILE B 422 -36.28 2.83 4.22
N ASN B 423 -37.35 2.86 3.44
CA ASN B 423 -37.21 2.93 1.99
C ASN B 423 -36.41 4.16 1.58
N TYR B 424 -36.81 5.32 2.10
CA TYR B 424 -36.17 6.60 1.77
C TYR B 424 -34.68 6.55 2.14
N LEU B 425 -34.38 6.15 3.36
CA LEU B 425 -32.99 6.16 3.79
C LEU B 425 -32.15 5.13 3.02
N LEU B 426 -32.78 4.02 2.61
CA LEU B 426 -32.08 3.04 1.82
C LEU B 426 -31.77 3.62 0.45
N LYS B 427 -32.73 4.27 -0.20
CA LYS B 427 -32.48 4.96 -1.45
C LYS B 427 -31.33 5.95 -1.30
N MET B 428 -31.34 6.74 -0.20
CA MET B 428 -30.29 7.73 -0.01
C MET B 428 -28.96 7.03 0.25
N ALA B 429 -28.97 5.88 0.93
CA ALA B 429 -27.75 5.12 1.17
C ALA B 429 -27.13 4.65 -0.16
N LEU B 430 -27.97 4.18 -1.08
CA LEU B 430 -27.51 3.74 -2.40
C LEU B 430 -26.73 4.84 -3.12
N GLU B 431 -27.13 6.11 -2.92
CA GLU B 431 -26.54 7.26 -3.59
C GLU B 431 -25.29 7.73 -2.84
N LYS B 432 -25.37 7.79 -1.50
CA LYS B 432 -24.37 8.44 -0.67
C LYS B 432 -23.39 7.47 -0.03
N ILE B 433 -23.89 6.38 0.64
CA ILE B 433 -22.98 5.48 1.36
C ILE B 433 -22.20 4.63 0.34
N ALA B 434 -22.84 4.21 -0.75
CA ALA B 434 -22.16 3.39 -1.74
C ALA B 434 -20.96 4.12 -2.36
N PHE B 435 -21.03 5.44 -2.47
CA PHE B 435 -20.04 6.31 -3.08
C PHE B 435 -18.79 6.40 -2.25
N LEU B 436 -18.92 6.25 -0.91
CA LEU B 436 -17.83 6.56 0.01
C LEU B 436 -16.53 5.84 -0.36
N PRO B 437 -16.52 4.50 -0.51
CA PRO B 437 -15.29 3.84 -0.87
C PRO B 437 -14.68 4.34 -2.18
N PHE B 438 -15.51 4.69 -3.15
CA PHE B 438 -15.00 5.11 -4.45
C PHE B 438 -14.43 6.53 -4.33
N GLY B 439 -15.19 7.41 -3.67
CA GLY B 439 -14.72 8.74 -3.35
C GLY B 439 -13.33 8.72 -2.71
N TYR B 440 -13.12 7.75 -1.81
CA TYR B 440 -11.86 7.61 -1.10
C TYR B 440 -10.73 7.04 -1.95
N LEU B 441 -11.02 6.03 -2.79
CA LEU B 441 -9.95 5.26 -3.40
C LEU B 441 -9.32 5.97 -4.62
N VAL B 442 -10.07 6.81 -5.34
CA VAL B 442 -9.59 7.27 -6.66
C VAL B 442 -8.25 7.99 -6.51
N ASP B 443 -8.17 8.91 -5.54
CA ASP B 443 -6.96 9.63 -5.31
C ASP B 443 -5.93 8.82 -4.54
N GLN B 444 -6.32 7.76 -3.80
N GLN B 444 -6.34 7.78 -3.78
CA GLN B 444 -5.29 6.86 -3.31
CA GLN B 444 -5.34 6.83 -3.28
C GLN B 444 -4.52 6.27 -4.48
C GLN B 444 -4.54 6.32 -4.48
N TRP B 445 -5.26 5.89 -5.52
CA TRP B 445 -4.64 5.38 -6.74
C TRP B 445 -3.73 6.45 -7.37
N ARG B 446 -4.28 7.65 -7.59
CA ARG B 446 -3.56 8.70 -8.30
C ARG B 446 -2.40 9.24 -7.50
N TRP B 447 -2.52 9.35 -6.17
CA TRP B 447 -1.40 9.73 -5.34
C TRP B 447 -0.26 8.72 -5.47
N GLY B 448 -0.58 7.42 -5.62
CA GLY B 448 0.48 6.43 -5.80
C GLY B 448 1.17 6.51 -7.19
N VAL B 449 0.37 6.87 -8.19
CA VAL B 449 0.95 7.10 -9.49
C VAL B 449 1.90 8.29 -9.43
N PHE B 450 1.44 9.42 -8.90
CA PHE B 450 2.29 10.60 -8.88
C PHE B 450 3.56 10.39 -8.05
N SER B 451 3.47 9.66 -6.92
CA SER B 451 4.63 9.43 -6.06
C SER B 451 5.61 8.44 -6.70
N GLY B 452 5.19 7.67 -7.69
CA GLY B 452 6.06 6.63 -8.23
C GLY B 452 5.83 5.26 -7.58
N ARG B 453 4.98 5.16 -6.54
CA ARG B 453 4.73 3.87 -5.92
C ARG B 453 4.04 2.91 -6.91
N THR B 454 3.24 3.48 -7.82
CA THR B 454 2.52 2.81 -8.87
C THR B 454 3.07 3.28 -10.22
N PRO B 455 4.04 2.51 -10.79
CA PRO B 455 4.56 2.77 -12.13
C PRO B 455 3.57 2.31 -13.18
N PRO B 456 3.75 2.71 -14.46
CA PRO B 456 2.90 2.22 -15.54
C PRO B 456 2.62 0.71 -15.50
N SER B 457 3.64 -0.06 -15.09
CA SER B 457 3.56 -1.50 -15.13
C SER B 457 2.59 -2.05 -14.06
N ARG B 458 2.06 -1.18 -13.19
CA ARG B 458 1.11 -1.59 -12.16
C ARG B 458 -0.14 -0.71 -12.10
N TYR B 459 -0.41 0.07 -13.15
CA TYR B 459 -1.59 0.94 -13.15
C TYR B 459 -2.91 0.19 -12.94
N ASN B 460 -3.11 -0.94 -13.64
CA ASN B 460 -4.36 -1.69 -13.54
C ASN B 460 -4.35 -2.60 -12.31
N PHE B 461 -3.24 -3.29 -12.06
CA PHE B 461 -3.09 -4.09 -10.86
C PHE B 461 -3.42 -3.27 -9.59
N ASP B 462 -2.85 -2.07 -9.46
CA ASP B 462 -3.11 -1.25 -8.26
C ASP B 462 -4.51 -0.66 -8.29
N TRP B 463 -5.05 -0.39 -9.48
CA TRP B 463 -6.43 0.08 -9.56
C TRP B 463 -7.41 -0.95 -8.99
N TRP B 464 -7.25 -2.18 -9.44
CA TRP B 464 -8.18 -3.21 -9.05
C TRP B 464 -7.94 -3.62 -7.60
N TYR B 465 -6.69 -3.50 -7.15
CA TYR B 465 -6.38 -3.78 -5.76
C TYR B 465 -7.26 -2.89 -4.91
N LEU B 466 -7.26 -1.59 -5.21
CA LEU B 466 -8.02 -0.61 -4.45
C LEU B 466 -9.55 -0.78 -4.65
N ARG B 467 -9.95 -1.03 -5.88
CA ARG B 467 -11.37 -1.27 -6.17
C ARG B 467 -11.95 -2.43 -5.35
N THR B 468 -11.21 -3.54 -5.30
CA THR B 468 -11.63 -4.68 -4.48
C THR B 468 -11.52 -4.33 -2.98
N LYS B 469 -10.36 -3.80 -2.57
CA LYS B 469 -10.14 -3.46 -1.17
C LYS B 469 -11.26 -2.63 -0.56
N TYR B 470 -11.67 -1.57 -1.26
CA TYR B 470 -12.60 -0.61 -0.71
C TYR B 470 -14.03 -0.85 -1.15
N GLN B 471 -14.27 -1.12 -2.45
CA GLN B 471 -15.63 -1.26 -2.92
C GLN B 471 -16.12 -2.71 -2.89
N GLY B 472 -15.22 -3.67 -2.88
CA GLY B 472 -15.63 -5.07 -2.88
C GLY B 472 -16.34 -5.46 -4.16
N ILE B 473 -15.78 -5.00 -5.29
CA ILE B 473 -16.19 -5.32 -6.63
C ILE B 473 -15.00 -5.98 -7.33
N CYS B 474 -15.31 -6.66 -8.41
CA CYS B 474 -14.34 -7.35 -9.24
C CYS B 474 -14.71 -7.06 -10.69
N PRO B 475 -13.72 -7.07 -11.61
CA PRO B 475 -14.01 -6.88 -13.00
C PRO B 475 -14.70 -8.12 -13.54
N PRO B 476 -15.79 -7.96 -14.35
CA PRO B 476 -16.53 -9.09 -14.85
C PRO B 476 -15.90 -9.78 -16.07
N VAL B 477 -14.80 -9.23 -16.61
CA VAL B 477 -13.93 -9.93 -17.56
C VAL B 477 -12.49 -9.77 -17.09
N THR B 478 -11.62 -10.68 -17.54
CA THR B 478 -10.21 -10.63 -17.15
C THR B 478 -9.59 -9.33 -17.65
N ARG B 479 -8.79 -8.67 -16.81
CA ARG B 479 -8.05 -7.48 -17.19
C ARG B 479 -6.56 -7.77 -17.06
N ASN B 480 -5.74 -7.05 -17.85
CA ASN B 480 -4.29 -7.08 -17.72
C ASN B 480 -3.79 -5.65 -17.88
N GLU B 481 -2.47 -5.48 -17.87
CA GLU B 481 -1.93 -4.12 -17.87
C GLU B 481 -2.00 -3.44 -19.25
N THR B 482 -2.54 -4.10 -20.29
CA THR B 482 -2.85 -3.38 -21.51
C THR B 482 -4.08 -2.51 -21.24
N HIS B 483 -4.95 -2.98 -20.33
CA HIS B 483 -6.12 -2.23 -19.94
C HIS B 483 -5.70 -1.12 -19.00
N PHE B 484 -6.42 0.00 -19.05
CA PHE B 484 -6.18 1.10 -18.13
C PHE B 484 -7.53 1.60 -17.63
N ASP B 485 -8.09 0.88 -16.65
CA ASP B 485 -9.48 1.04 -16.24
C ASP B 485 -9.71 2.36 -15.52
N ALA B 486 -8.74 2.85 -14.78
CA ALA B 486 -8.80 4.20 -14.21
C ALA B 486 -9.00 5.28 -15.28
N GLY B 487 -8.45 5.08 -16.48
CA GLY B 487 -8.60 6.04 -17.56
C GLY B 487 -10.02 6.11 -18.09
N ALA B 488 -10.86 5.13 -17.72
CA ALA B 488 -12.22 5.13 -18.24
C ALA B 488 -13.17 5.88 -17.30
N LYS B 489 -12.60 6.61 -16.34
CA LYS B 489 -13.36 7.48 -15.46
C LYS B 489 -12.95 8.92 -15.74
N PHE B 490 -13.93 9.77 -16.08
CA PHE B 490 -13.71 11.16 -16.52
C PHE B 490 -12.53 11.89 -15.87
N HIS B 491 -12.52 11.95 -14.53
CA HIS B 491 -11.63 12.82 -13.79
C HIS B 491 -10.15 12.46 -14.01
N VAL B 492 -9.84 11.23 -14.44
CA VAL B 492 -8.46 10.84 -14.65
C VAL B 492 -7.89 11.51 -15.92
N PRO B 493 -8.38 11.24 -17.14
CA PRO B 493 -7.92 11.99 -18.32
C PRO B 493 -8.11 13.52 -18.23
N ASN B 494 -9.13 13.96 -17.50
CA ASN B 494 -9.40 15.39 -17.36
C ASN B 494 -8.62 16.01 -16.23
N VAL B 495 -7.75 15.22 -15.57
CA VAL B 495 -6.90 15.72 -14.52
C VAL B 495 -7.65 16.60 -13.52
N THR B 496 -8.78 16.08 -12.99
CA THR B 496 -9.55 16.75 -11.95
C THR B 496 -9.36 15.93 -10.69
N PRO B 497 -8.87 16.51 -9.58
CA PRO B 497 -8.75 15.73 -8.34
C PRO B 497 -10.11 15.17 -7.88
N TYR B 498 -10.04 14.12 -7.05
CA TYR B 498 -11.20 13.36 -6.63
C TYR B 498 -11.48 13.39 -5.13
N ILE B 499 -10.47 13.59 -4.28
CA ILE B 499 -10.67 13.45 -2.84
C ILE B 499 -11.70 14.49 -2.32
N ARG B 500 -11.84 15.62 -3.02
CA ARG B 500 -12.87 16.60 -2.78
C ARG B 500 -14.26 15.97 -2.67
N TYR B 501 -14.52 14.86 -3.40
CA TYR B 501 -15.84 14.27 -3.40
C TYR B 501 -16.04 13.50 -2.11
N PHE B 502 -15.00 12.79 -1.65
CA PHE B 502 -15.08 12.11 -0.37
C PHE B 502 -15.27 13.14 0.76
N VAL B 503 -14.55 14.26 0.71
CA VAL B 503 -14.70 15.30 1.73
C VAL B 503 -16.12 15.86 1.68
N SER B 504 -16.61 16.11 0.46
N SER B 504 -16.61 16.19 0.48
CA SER B 504 -17.95 16.63 0.23
CA SER B 504 -17.97 16.70 0.34
C SER B 504 -19.03 15.74 0.80
C SER B 504 -19.02 15.73 0.88
N PHE B 505 -18.85 14.42 0.68
CA PHE B 505 -19.91 13.48 1.03
C PHE B 505 -20.04 13.39 2.55
N VAL B 506 -18.95 13.68 3.27
CA VAL B 506 -19.06 13.82 4.72
C VAL B 506 -19.53 15.22 5.11
N LEU B 507 -18.91 16.24 4.53
CA LEU B 507 -19.17 17.63 4.87
C LEU B 507 -20.63 18.02 4.63
N GLN B 508 -21.25 17.52 3.56
CA GLN B 508 -22.62 17.95 3.23
C GLN B 508 -23.60 17.63 4.36
N PHE B 509 -23.36 16.53 5.10
CA PHE B 509 -24.21 16.17 6.22
C PHE B 509 -23.94 17.11 7.39
N GLN B 510 -22.69 17.56 7.55
CA GLN B 510 -22.38 18.56 8.54
C GLN B 510 -23.13 19.85 8.21
N PHE B 511 -23.06 20.28 6.96
CA PHE B 511 -23.75 21.47 6.51
C PHE B 511 -25.26 21.34 6.69
N HIS B 512 -25.82 20.20 6.27
CA HIS B 512 -27.24 19.95 6.35
C HIS B 512 -27.73 20.12 7.78
N GLU B 513 -27.05 19.44 8.72
CA GLU B 513 -27.43 19.55 10.12
C GLU B 513 -27.40 20.99 10.62
N ALA B 514 -26.35 21.73 10.27
CA ALA B 514 -26.23 23.12 10.72
C ALA B 514 -27.33 23.99 10.10
N LEU B 515 -27.63 23.78 8.80
CA LEU B 515 -28.62 24.61 8.15
C LEU B 515 -30.00 24.31 8.71
N CYS B 516 -30.28 23.03 8.94
CA CYS B 516 -31.53 22.58 9.53
C CYS B 516 -31.72 23.20 10.92
N LYS B 517 -30.68 23.21 11.75
CA LYS B 517 -30.79 23.79 13.09
C LYS B 517 -31.09 25.28 12.98
N GLU B 518 -30.39 25.98 12.09
CA GLU B 518 -30.59 27.39 11.87
C GLU B 518 -32.01 27.66 11.36
N ALA B 519 -32.58 26.71 10.61
CA ALA B 519 -33.90 26.89 10.06
C ALA B 519 -34.96 26.82 11.15
N GLY B 520 -34.60 26.31 12.33
CA GLY B 520 -35.54 26.02 13.40
C GLY B 520 -36.26 24.69 13.25
N TYR B 521 -35.76 23.81 12.38
CA TYR B 521 -36.35 22.49 12.24
C TYR B 521 -35.98 21.61 13.44
N GLU B 522 -36.95 20.83 13.93
CA GLU B 522 -36.79 20.11 15.19
C GLU B 522 -37.10 18.62 15.05
N GLY B 523 -37.36 18.13 13.84
CA GLY B 523 -37.65 16.72 13.65
C GLY B 523 -36.39 15.92 13.30
N PRO B 524 -36.56 14.67 12.82
CA PRO B 524 -35.46 13.84 12.40
C PRO B 524 -34.62 14.50 11.31
N LEU B 525 -33.30 14.38 11.41
CA LEU B 525 -32.42 15.07 10.47
C LEU B 525 -32.76 14.70 9.02
N HIS B 526 -33.12 13.44 8.77
CA HIS B 526 -33.30 12.98 7.40
C HIS B 526 -34.66 13.41 6.80
N GLN B 527 -35.47 14.12 7.58
CA GLN B 527 -36.77 14.60 7.14
C GLN B 527 -36.72 16.13 7.06
N CYS B 528 -35.55 16.74 7.30
CA CYS B 528 -35.46 18.20 7.22
C CYS B 528 -35.55 18.64 5.75
N ASP B 529 -36.28 19.74 5.55
CA ASP B 529 -36.30 20.50 4.30
C ASP B 529 -36.02 21.97 4.62
N ILE B 530 -34.91 22.54 4.14
CA ILE B 530 -34.59 23.93 4.44
C ILE B 530 -35.23 24.90 3.44
N TYR B 531 -36.01 24.38 2.49
CA TYR B 531 -36.76 25.19 1.55
C TYR B 531 -37.37 26.38 2.26
N ARG B 532 -37.15 27.56 1.70
CA ARG B 532 -37.75 28.80 2.15
C ARG B 532 -37.20 29.30 3.50
N SER B 533 -36.14 28.71 4.04
CA SER B 533 -35.54 29.28 5.26
C SER B 533 -34.55 30.37 4.87
N THR B 534 -34.93 31.62 5.08
CA THR B 534 -34.07 32.76 4.84
C THR B 534 -32.89 32.78 5.80
N LYS B 535 -33.06 32.32 7.05
CA LYS B 535 -31.96 32.18 8.00
C LYS B 535 -30.94 31.12 7.55
N ALA B 536 -31.39 29.91 7.19
CA ALA B 536 -30.47 28.93 6.58
C ALA B 536 -29.72 29.56 5.41
N GLY B 537 -30.44 30.30 4.57
CA GLY B 537 -29.87 30.97 3.42
C GLY B 537 -28.73 31.94 3.77
N ALA B 538 -28.94 32.74 4.83
CA ALA B 538 -27.97 33.73 5.30
C ALA B 538 -26.70 33.03 5.80
N LYS B 539 -26.88 31.93 6.56
CA LYS B 539 -25.73 31.19 7.02
C LYS B 539 -24.91 30.60 5.86
N LEU B 540 -25.58 29.97 4.87
CA LEU B 540 -24.87 29.47 3.70
C LEU B 540 -24.22 30.61 2.92
N ARG B 541 -24.89 31.77 2.81
CA ARG B 541 -24.36 32.86 1.99
C ARG B 541 -22.99 33.32 2.52
N LYS B 542 -22.84 33.30 3.85
CA LYS B 542 -21.62 33.73 4.53
C LYS B 542 -20.45 32.86 4.06
N VAL B 543 -20.69 31.55 3.92
CA VAL B 543 -19.67 30.64 3.43
C VAL B 543 -19.29 31.05 2.02
N LEU B 544 -20.30 31.19 1.15
CA LEU B 544 -20.06 31.32 -0.27
C LEU B 544 -19.29 32.60 -0.55
N ARG B 545 -19.63 33.70 0.17
CA ARG B 545 -19.00 35.00 -0.02
C ARG B 545 -17.52 35.00 0.38
N ALA B 546 -17.14 34.18 1.37
CA ALA B 546 -15.77 34.10 1.90
C ALA B 546 -14.75 33.57 0.89
N GLY B 547 -15.19 32.81 -0.13
CA GLY B 547 -14.27 32.24 -1.10
C GLY B 547 -13.15 31.50 -0.36
N SER B 548 -11.90 31.66 -0.84
CA SER B 548 -10.74 31.14 -0.13
C SER B 548 -9.95 32.27 0.54
N SER B 549 -10.64 33.33 0.95
CA SER B 549 -10.00 34.41 1.67
C SER B 549 -9.60 33.97 3.07
N ARG B 550 -10.34 32.99 3.61
CA ARG B 550 -10.19 32.54 4.98
C ARG B 550 -9.86 31.04 5.05
N PRO B 551 -9.12 30.57 6.10
CA PRO B 551 -8.86 29.15 6.24
C PRO B 551 -10.14 28.37 6.38
N TRP B 552 -10.20 27.20 5.69
CA TRP B 552 -11.45 26.46 5.66
C TRP B 552 -11.84 26.02 7.08
N GLN B 553 -10.87 25.76 7.95
CA GLN B 553 -11.15 25.31 9.31
C GLN B 553 -11.97 26.37 10.08
N GLU B 554 -11.68 27.64 9.80
CA GLU B 554 -12.37 28.72 10.51
C GLU B 554 -13.74 28.96 9.87
N VAL B 555 -13.83 28.87 8.55
CA VAL B 555 -15.11 29.02 7.87
C VAL B 555 -16.07 27.95 8.40
N LEU B 556 -15.57 26.70 8.52
CA LEU B 556 -16.35 25.57 8.98
C LEU B 556 -16.85 25.79 10.39
N LYS B 557 -15.95 26.23 11.27
CA LYS B 557 -16.28 26.46 12.66
C LYS B 557 -17.40 27.50 12.82
N ASP B 558 -17.32 28.58 12.04
CA ASP B 558 -18.35 29.59 12.08
C ASP B 558 -19.67 28.99 11.64
N MET B 559 -19.65 28.05 10.68
CA MET B 559 -20.89 27.56 10.10
C MET B 559 -21.55 26.50 10.98
N VAL B 560 -20.76 25.52 11.47
CA VAL B 560 -21.33 24.34 12.10
C VAL B 560 -20.88 24.22 13.55
N GLY B 561 -19.93 25.05 14.00
CA GLY B 561 -19.51 25.04 15.39
C GLY B 561 -18.35 24.08 15.68
N LEU B 562 -17.73 23.52 14.64
CA LEU B 562 -16.63 22.60 14.79
C LEU B 562 -15.60 22.90 13.72
N ASP B 563 -14.31 22.65 13.98
CA ASP B 563 -13.28 23.12 13.04
C ASP B 563 -12.68 21.97 12.24
N ALA B 564 -13.32 20.78 12.24
CA ALA B 564 -12.84 19.68 11.39
C ALA B 564 -13.98 18.89 10.76
N LEU B 565 -13.63 18.15 9.71
CA LEU B 565 -14.50 17.11 9.18
C LEU B 565 -14.93 16.18 10.29
N ASP B 566 -16.20 15.76 10.28
CA ASP B 566 -16.78 14.90 11.30
C ASP B 566 -17.86 14.02 10.64
N ALA B 567 -17.80 12.70 10.89
CA ALA B 567 -18.74 11.75 10.32
C ALA B 567 -20.06 11.70 11.08
N GLN B 568 -20.15 12.34 12.25
CA GLN B 568 -21.25 12.11 13.15
C GLN B 568 -22.58 12.54 12.50
N PRO B 569 -22.66 13.70 11.85
CA PRO B 569 -23.90 14.09 11.18
C PRO B 569 -24.36 13.06 10.13
N LEU B 570 -23.43 12.51 9.36
CA LEU B 570 -23.81 11.50 8.39
C LEU B 570 -24.36 10.27 9.11
N LEU B 571 -23.69 9.82 10.18
CA LEU B 571 -24.14 8.64 10.92
C LEU B 571 -25.55 8.84 11.45
N LYS B 572 -25.78 10.03 11.97
CA LYS B 572 -27.05 10.36 12.60
C LYS B 572 -28.16 10.44 11.55
N TYR B 573 -27.84 11.00 10.37
CA TYR B 573 -28.80 11.01 9.26
C TYR B 573 -29.27 9.59 8.95
N PHE B 574 -28.32 8.64 8.85
CA PHE B 574 -28.64 7.30 8.39
C PHE B 574 -28.96 6.28 9.49
N GLN B 575 -28.85 6.67 10.78
CA GLN B 575 -28.92 5.80 11.97
C GLN B 575 -30.01 4.73 11.86
N LEU B 576 -31.22 5.08 11.44
CA LEU B 576 -32.30 4.08 11.36
C LEU B 576 -32.02 3.01 10.33
N VAL B 577 -31.48 3.37 9.15
CA VAL B 577 -31.30 2.36 8.11
C VAL B 577 -30.01 1.57 8.41
N THR B 578 -29.02 2.22 9.01
CA THR B 578 -27.82 1.53 9.47
C THR B 578 -28.23 0.36 10.39
N GLN B 579 -29.08 0.65 11.38
CA GLN B 579 -29.59 -0.36 12.31
C GLN B 579 -30.35 -1.47 11.57
N TRP B 580 -31.26 -1.05 10.69
CA TRP B 580 -32.12 -2.00 10.02
C TRP B 580 -31.31 -2.95 9.13
N LEU B 581 -30.31 -2.40 8.41
CA LEU B 581 -29.53 -3.16 7.47
C LEU B 581 -28.75 -4.25 8.19
N GLN B 582 -28.16 -3.90 9.34
CA GLN B 582 -27.51 -4.89 10.17
C GLN B 582 -28.40 -6.09 10.47
N GLU B 583 -29.65 -5.79 10.83
CA GLU B 583 -30.60 -6.81 11.22
C GLU B 583 -30.93 -7.67 10.03
N GLN B 584 -31.21 -7.07 8.85
CA GLN B 584 -31.54 -7.88 7.68
C GLN B 584 -30.43 -8.91 7.40
N ASN B 585 -29.19 -8.40 7.41
CA ASN B 585 -28.02 -9.19 7.06
C ASN B 585 -27.85 -10.36 8.02
N GLN B 586 -27.90 -10.09 9.33
CA GLN B 586 -27.85 -11.13 10.35
C GLN B 586 -28.91 -12.19 10.13
N GLN B 587 -30.14 -11.78 9.87
CA GLN B 587 -31.19 -12.77 9.69
C GLN B 587 -30.98 -13.57 8.41
N ASN B 588 -30.32 -13.02 7.39
CA ASN B 588 -30.06 -13.81 6.19
C ASN B 588 -28.75 -14.59 6.36
N GLY B 589 -28.09 -14.48 7.51
CA GLY B 589 -26.79 -15.12 7.73
C GLY B 589 -25.65 -14.61 6.85
N GLU B 590 -25.65 -13.33 6.46
CA GLU B 590 -24.73 -12.88 5.44
C GLU B 590 -23.32 -12.83 6.00
N VAL B 591 -22.32 -13.01 5.12
CA VAL B 591 -20.96 -12.65 5.47
C VAL B 591 -20.72 -11.19 5.06
N LEU B 592 -20.31 -10.36 6.02
CA LEU B 592 -19.90 -9.00 5.76
C LEU B 592 -18.49 -9.01 5.16
N GLY B 593 -18.32 -8.29 4.07
CA GLY B 593 -17.06 -8.30 3.34
C GLY B 593 -17.05 -9.38 2.25
N TRP B 594 -15.85 -9.62 1.71
CA TRP B 594 -15.70 -10.51 0.58
C TRP B 594 -14.44 -11.37 0.71
N PRO B 595 -14.45 -12.33 1.65
CA PRO B 595 -13.29 -13.14 1.93
C PRO B 595 -12.79 -13.97 0.74
N GLU B 596 -13.68 -14.26 -0.23
CA GLU B 596 -13.26 -14.90 -1.46
C GLU B 596 -12.80 -13.82 -2.44
N TYR B 597 -11.63 -13.23 -2.12
CA TYR B 597 -11.19 -12.02 -2.72
C TYR B 597 -10.74 -12.30 -4.16
N GLN B 598 -10.39 -13.55 -4.45
CA GLN B 598 -9.89 -13.92 -5.79
C GLN B 598 -11.02 -14.17 -6.80
N TRP B 599 -12.26 -14.19 -6.34
CA TRP B 599 -13.34 -14.67 -7.18
C TRP B 599 -13.67 -13.66 -8.28
N HIS B 600 -13.90 -14.19 -9.50
CA HIS B 600 -14.44 -13.43 -10.62
C HIS B 600 -15.54 -14.26 -11.28
N PRO B 601 -16.58 -13.62 -11.84
CA PRO B 601 -17.69 -14.39 -12.41
C PRO B 601 -17.25 -15.04 -13.71
N PRO B 602 -17.94 -16.09 -14.20
CA PRO B 602 -17.59 -16.65 -15.50
C PRO B 602 -18.16 -15.76 -16.61
N LEU B 603 -17.73 -15.96 -17.85
CA LEU B 603 -18.39 -15.36 -19.02
C LEU B 603 -19.78 -15.97 -19.23
N PRO B 604 -20.78 -15.21 -19.74
CA PRO B 604 -21.99 -15.82 -20.27
C PRO B 604 -21.71 -16.71 -21.50
N ASP B 605 -22.58 -17.68 -21.73
CA ASP B 605 -22.36 -18.64 -22.81
C ASP B 605 -22.27 -17.92 -24.16
N ASN B 606 -21.28 -18.33 -24.96
CA ASN B 606 -20.96 -17.75 -26.27
C ASN B 606 -21.09 -16.22 -26.25
N TYR B 607 -20.27 -15.56 -25.44
CA TYR B 607 -20.21 -14.11 -25.38
C TYR B 607 -19.04 -13.66 -26.25
N PRO B 608 -19.21 -12.63 -27.10
CA PRO B 608 -20.40 -11.78 -27.13
C PRO B 608 -21.46 -12.02 -28.22
N GLU B 609 -22.09 -13.21 -28.29
CA GLU B 609 -23.06 -13.53 -29.35
C GLU B 609 -24.46 -13.82 -28.76
C1 NAG C . 11.75 -34.99 26.03
C2 NAG C . 12.76 -35.96 26.63
C3 NAG C . 12.06 -36.78 27.71
C4 NAG C . 11.30 -35.90 28.72
C5 NAG C . 10.28 -35.05 27.95
C6 NAG C . 9.44 -34.09 28.79
C7 NAG C . 14.76 -36.63 25.37
C8 NAG C . 15.47 -37.68 24.56
N2 NAG C . 13.46 -36.82 25.68
O3 NAG C . 13.12 -37.47 28.35
O4 NAG C . 10.66 -36.73 29.71
O5 NAG C . 11.05 -34.23 27.03
O6 NAG C . 8.15 -33.76 28.18
O7 NAG C . 15.35 -35.64 25.76
C1 NAG C . 11.34 -37.06 30.88
C2 NAG C . 10.35 -37.48 31.97
C3 NAG C . 11.11 -38.00 33.20
C4 NAG C . 12.06 -39.14 32.83
C5 NAG C . 12.99 -38.70 31.69
C6 NAG C . 13.80 -39.85 31.10
C7 NAG C . 8.05 -36.52 32.02
C8 NAG C . 7.19 -35.40 32.56
N2 NAG C . 9.38 -36.43 32.28
O3 NAG C . 10.24 -38.45 34.23
O4 NAG C . 12.79 -39.53 34.00
O5 NAG C . 12.22 -38.15 30.58
O6 NAG C . 13.04 -40.64 30.14
O7 NAG C . 7.57 -37.45 31.38
C1 NAG D . -12.23 -20.84 1.05
C2 NAG D . -13.75 -20.89 0.98
C3 NAG D . -14.19 -22.11 1.79
C4 NAG D . -13.60 -23.37 1.18
C5 NAG D . -12.08 -23.22 1.10
C6 NAG D . -11.48 -24.47 0.44
C7 NAG D . -14.48 -19.29 2.64
C8 NAG D . -15.38 -18.15 3.01
N2 NAG D . -14.50 -19.74 1.39
O3 NAG D . -15.61 -22.18 1.98
O4 NAG D . -13.87 -24.54 1.97
O5 NAG D . -11.70 -22.01 0.39
O6 NAG D . -10.82 -24.30 -0.86
O7 NAG D . -13.73 -19.82 3.45
C1 FUC D . -11.80 -24.30 -1.86
C2 FUC D . -11.43 -23.14 -2.80
C3 FUC D . -10.73 -23.52 -4.09
C4 FUC D . -11.39 -24.74 -4.66
C5 FUC D . -11.21 -25.90 -3.68
C6 FUC D . -11.65 -27.23 -4.22
O2 FUC D . -10.66 -22.20 -2.04
O3 FUC D . -10.82 -22.49 -5.06
O4 FUC D . -12.78 -24.43 -4.86
O5 FUC D . -11.97 -25.60 -2.46
C1 NAG E . -4.47 -8.61 -22.30
C2 NAG E . -3.37 -9.30 -23.12
C3 NAG E . -3.82 -9.44 -24.58
C4 NAG E . -5.26 -9.93 -24.69
C5 NAG E . -6.11 -8.89 -23.97
C6 NAG E . -7.61 -8.99 -24.15
C7 NAG E . -0.99 -8.67 -22.65
C8 NAG E . 0.06 -7.60 -22.77
N2 NAG E . -2.20 -8.42 -23.14
O3 NAG E . -2.92 -10.29 -25.26
O4 NAG E . -5.64 -10.07 -26.06
O5 NAG E . -5.82 -9.03 -22.56
O6 NAG E . -8.04 -10.33 -24.18
O7 NAG E . -0.73 -9.73 -22.10
C1 FUC E . -8.81 -10.76 -23.08
C2 FUC E . -9.47 -12.04 -23.55
C3 FUC E . -9.44 -13.08 -22.45
C4 FUC E . -8.01 -13.46 -22.12
C5 FUC E . -7.16 -12.19 -22.06
C6 FUC E . -6.16 -12.14 -20.93
O2 FUC E . -8.83 -12.48 -24.74
O3 FUC E . -10.07 -12.52 -21.30
O4 FUC E . -7.99 -14.20 -20.89
O5 FUC E . -8.03 -11.04 -21.91
C1 NAG F . 40.54 -15.85 -14.67
C2 NAG F . 41.43 -15.56 -13.44
C3 NAG F . 41.36 -14.07 -13.11
C4 NAG F . 41.61 -13.22 -14.34
C5 NAG F . 40.68 -13.62 -15.50
C6 NAG F . 40.97 -12.89 -16.80
C7 NAG F . 41.26 -17.35 -11.74
C8 NAG F . 40.35 -17.93 -10.69
N2 NAG F . 40.87 -16.21 -12.27
O3 NAG F . 42.26 -13.70 -12.07
O4 NAG F . 41.42 -11.84 -14.04
O5 NAG F . 40.92 -15.01 -15.75
O6 NAG F . 42.44 -12.86 -17.01
O7 NAG F . 42.32 -17.88 -12.08
C1 NAG F . 42.57 -11.04 -14.10
C2 NAG F . 42.10 -9.60 -14.07
C3 NAG F . 43.36 -8.73 -14.08
C4 NAG F . 44.27 -9.03 -12.91
C5 NAG F . 44.58 -10.50 -12.76
C6 NAG F . 45.04 -10.75 -11.33
C7 NAG F . 40.03 -9.38 -15.51
C8 NAG F . 39.89 -9.84 -16.93
N2 NAG F . 41.26 -9.05 -15.11
O3 NAG F . 42.93 -7.39 -14.01
O4 NAG F . 45.50 -8.35 -13.08
O5 NAG F . 43.43 -11.36 -12.99
O6 NAG F . 45.74 -11.99 -11.22
O7 NAG F . 39.03 -9.23 -14.80
C1 BMA F . 45.93 -7.48 -12.06
C2 BMA F . 47.47 -7.41 -12.05
C3 BMA F . 48.03 -6.30 -11.09
C4 BMA F . 47.19 -5.02 -11.06
C5 BMA F . 45.65 -5.29 -11.09
C6 BMA F . 44.82 -4.05 -11.28
O2 BMA F . 47.96 -7.37 -13.40
O3 BMA F . 49.38 -5.95 -11.41
O4 BMA F . 47.53 -4.29 -9.87
O5 BMA F . 45.37 -6.18 -12.21
O6 BMA F . 43.44 -4.22 -10.93
C1 FUC F . 42.94 -11.78 -17.77
C2 FUC F . 44.46 -11.90 -17.82
C3 FUC F . 44.80 -13.29 -18.42
C4 FUC F . 44.04 -13.63 -19.73
C5 FUC F . 42.56 -13.24 -19.59
C6 FUC F . 41.74 -13.32 -20.85
O2 FUC F . 45.02 -11.67 -16.51
O3 FUC F . 46.20 -13.32 -18.69
O4 FUC F . 44.64 -12.92 -20.82
O5 FUC F . 42.43 -11.89 -19.11
C1 NAG G . -42.86 11.76 11.21
C2 NAG G . -42.88 13.28 11.49
C3 NAG G . -41.81 13.56 12.55
C4 NAG G . -42.06 12.78 13.84
C5 NAG G . -42.07 11.28 13.52
C6 NAG G . -42.52 10.42 14.71
C7 NAG G . -43.38 14.36 9.28
C8 NAG G . -42.63 14.91 8.08
N2 NAG G . -42.65 14.22 10.40
O3 NAG G . -41.70 14.96 12.78
O4 NAG G . -41.02 13.12 14.77
O5 NAG G . -43.00 11.01 12.44
O6 NAG G . -42.02 9.07 14.69
O7 NAG G . -44.57 14.07 9.23
C1 NAG G . -41.13 14.07 15.78
C2 NAG G . -39.90 13.88 16.65
C3 NAG G . -39.96 14.83 17.84
C4 NAG G . -40.21 16.27 17.43
C5 NAG G . -41.29 16.43 16.37
C6 NAG G . -41.13 17.79 15.72
C7 NAG G . -38.95 11.58 16.47
C8 NAG G . -39.51 10.18 16.32
N2 NAG G . -39.77 12.48 17.04
O3 NAG G . -38.73 14.76 18.53
O4 NAG G . -40.56 17.05 18.60
O5 NAG G . -41.17 15.44 15.33
O6 NAG G . -42.27 18.14 14.95
O7 NAG G . -37.82 11.86 16.10
C1 BMA G . -39.62 18.01 18.94
C2 BMA G . -40.19 19.19 19.75
C3 BMA G . -39.16 20.31 19.91
C4 BMA G . -37.74 19.77 20.30
C5 BMA G . -37.38 18.33 19.79
C6 BMA G . -36.36 17.64 20.69
O2 BMA G . -40.66 18.78 21.02
O3 BMA G . -39.66 21.25 20.88
O4 BMA G . -36.75 20.62 19.72
O5 BMA G . -38.53 17.45 19.69
O6 BMA G . -35.13 18.35 20.71
ZN ZN H . 20.63 -16.09 10.41
CAK X92 I . 15.69 -16.47 15.28
CAI X92 I . 15.12 -16.60 16.53
CAG X92 I . 14.63 -17.84 16.94
CAH X92 I . 14.78 -18.91 16.11
CAJ X92 I . 15.32 -18.75 14.81
CAV X92 I . 15.83 -17.54 14.41
CAM X92 I . 16.46 -17.37 13.04
CAP X92 I . 16.70 -18.65 12.20
CAX X92 I . 17.34 -18.52 10.82
CAS X92 I . 18.66 -17.74 10.83
OAE X92 I . 19.68 -18.46 11.14
OAB X92 I . 18.71 -16.52 10.54
N X92 I . 17.23 -19.69 9.98
CA X92 I . 17.76 -19.48 8.60
CB X92 I . 17.94 -20.84 8.03
C X92 I . 16.81 -18.59 7.82
O X92 I . 15.60 -18.53 8.08
NBB X92 I . 17.31 -17.87 6.80
CBA X92 I . 18.71 -17.59 6.41
CAO X92 I . 19.46 -18.80 5.84
CAL X92 I . 20.20 -18.28 4.60
CAN X92 I . 19.89 -16.83 4.43
CAY X92 I . 18.63 -16.55 5.28
CAQ X92 I . 17.24 -16.72 4.65
CAZ X92 I . 16.42 -17.31 5.80
CAT X92 I . 15.29 -18.17 5.45
OAF X92 I . 15.60 -19.35 5.17
OAC X92 I . 14.18 -17.61 5.32
C1 PGE J . -2.28 0.97 -3.01
O1 PGE J . -2.04 1.58 -4.26
C2 PGE J . -1.48 -0.28 -2.83
O2 PGE J . -1.42 -0.64 -1.44
C3 PGE J . -0.40 -1.61 -1.12
C4 PGE J . -0.88 -2.65 -0.10
O4 PGE J . 1.15 -2.90 3.84
C6 PGE J . 1.31 -3.61 2.59
C5 PGE J . 0.02 -3.79 1.78
O3 PGE J . 0.23 -3.39 0.43
C1 EDO K . 9.99 6.45 21.01
O1 EDO K . 10.03 6.20 19.62
C2 EDO K . 10.35 5.23 21.79
O2 EDO K . 11.63 5.29 22.40
C1 EDO L . 13.86 -26.36 -1.00
O1 EDO L . 12.85 -27.28 -1.32
C2 EDO L . 15.13 -26.87 -0.47
O2 EDO L . 15.95 -25.81 -0.03
C ACT M . 5.35 1.20 8.08
O ACT M . 6.05 2.19 8.39
OXT ACT M . 5.64 0.39 7.10
CH3 ACT M . 4.09 0.92 8.96
C1 EDO N . 25.06 -18.18 -25.70
O1 EDO N . 23.90 -18.85 -25.15
C2 EDO N . 25.26 -16.75 -25.26
O2 EDO N . 26.52 -16.40 -24.68
OH2 1PE O . 16.35 -18.21 20.42
C12 1PE O . 17.52 -18.98 20.34
C22 1PE O . 17.99 -19.04 18.93
OH3 1PE O . 18.31 -17.71 18.51
C13 1PE O . 19.06 -16.34 16.69
C23 1PE O . 18.60 -17.68 17.10
OH4 1PE O . 19.15 -16.32 15.28
C14 1PE O . 19.58 -14.06 15.10
C24 1PE O . 19.99 -15.34 14.72
OH5 1PE O . 20.69 -13.50 15.74
C15 1PE O . 21.41 -12.53 17.68
C25 1PE O . 20.48 -13.48 17.10
OH6 1PE O . 20.60 -11.45 18.11
C16 1PE O . 19.55 -10.31 19.94
C26 1PE O . 20.43 -11.45 19.52
OH7 1PE O . 18.16 -10.65 19.91
C1 EDO P . 2.10 -26.80 -24.49
O1 EDO P . 2.87 -27.88 -23.97
C2 EDO P . 2.82 -25.92 -25.46
O2 EDO P . 3.77 -25.04 -24.87
CL CL Q . 15.53 -6.92 11.68
C1 EDO R . 17.84 -1.27 -16.24
O1 EDO R . 16.60 -0.57 -15.99
C2 EDO R . 18.99 -0.63 -15.56
O2 EDO R . 19.57 -1.40 -14.49
MG MG S . 17.66 -24.19 -1.09
CA CA T . 19.47 -27.71 -3.55
C1 NAG U . -17.35 24.72 -34.02
C2 NAG U . -18.42 25.61 -34.66
C3 NAG U . -18.01 26.20 -36.02
C4 NAG U . -16.53 26.53 -36.21
C5 NAG U . -15.64 25.54 -35.47
C6 NAG U . -14.17 25.95 -35.39
C7 NAG U . -20.70 25.23 -33.94
C8 NAG U . -21.97 24.44 -34.15
N2 NAG U . -19.67 24.89 -34.73
O3 NAG U . -18.74 27.41 -36.12
O4 NAG U . -16.21 26.56 -37.62
O5 NAG U . -16.10 25.41 -34.10
O6 NAG U . -13.30 24.82 -35.23
O7 NAG U . -20.63 26.13 -33.11
ZN ZN V . -18.87 19.41 -8.62
CAK X92 W . -15.12 19.25 -14.81
CAI X92 W . -14.28 19.81 -15.75
CAG X92 W . -13.20 20.53 -15.38
CAH X92 W . -12.91 20.68 -14.05
CAJ X92 W . -13.74 20.14 -13.08
CAV X92 W . -14.86 19.40 -13.45
CAM X92 W . -15.75 18.75 -12.41
CAP X92 W . -17.03 18.16 -12.98
CAX X92 W . -17.93 17.42 -12.01
CAS X92 W . -18.31 18.30 -10.81
OAE X92 W . -17.74 18.16 -9.71
OAB X92 W . -19.29 19.09 -11.09
N X92 W . -18.96 16.64 -12.67
CA X92 W . -19.89 15.91 -11.74
CB X92 W . -21.11 15.48 -12.50
C X92 W . -19.10 14.78 -11.08
O X92 W . -18.19 14.26 -11.72
NBB X92 W . -19.43 14.31 -9.84
CBA X92 W . -20.36 14.92 -8.86
CAO X92 W . -21.86 14.83 -9.14
CAL X92 W . -22.48 14.10 -7.95
CAN X92 W . -21.50 14.09 -6.89
CAY X92 W . -20.13 14.13 -7.56
CAQ X92 W . -19.54 12.79 -8.02
CAZ X92 W . -18.85 13.10 -9.36
CAT X92 W . -18.74 12.00 -10.33
OAF X92 W . -17.75 11.28 -10.39
OAC X92 W . -19.81 11.86 -10.96
OH2 1PE X . -12.54 26.02 -8.68
C12 1PE X . -13.94 25.66 -8.57
C22 1PE X . -14.40 24.74 -9.66
OH3 1PE X . -14.56 23.45 -9.11
C13 1PE X . -15.54 22.16 -10.94
C23 1PE X . -15.72 22.72 -9.56
OH4 1PE X . -15.39 23.21 -11.87
C14 1PE X . -14.70 23.92 -14.01
C24 1PE X . -15.39 22.84 -13.26
OH5 1PE X . -15.10 23.99 -15.39
C15 1PE X . -13.28 24.07 -16.97
C25 1PE X . -14.29 24.88 -16.16
OH6 1PE X . -12.25 24.87 -17.54
C16 1PE X . -11.45 22.61 -18.36
C26 1PE X . -11.16 24.13 -18.13
OH7 1PE X . -11.99 22.28 -19.68
C1 PGE Y . -40.44 26.35 -9.38
O1 PGE Y . -40.48 27.20 -10.49
C2 PGE Y . -41.79 26.05 -8.84
O2 PGE Y . -41.86 24.75 -8.27
C3 PGE Y . -41.89 23.70 -9.23
C4 PGE Y . -43.28 23.16 -9.57
O4 PGE Y . -42.50 21.87 -14.15
C6 PGE Y . -43.50 22.10 -13.17
C5 PGE Y . -42.97 22.92 -11.98
O3 PGE Y . -43.24 22.28 -10.72
C1 PEG Z . -44.91 22.08 -19.51
O1 PEG Z . -44.11 21.48 -18.48
C2 PEG Z . -44.23 23.21 -20.30
O2 PEG Z . -44.26 24.45 -19.59
C3 PEG Z . -43.09 25.27 -19.76
C4 PEG Z . -42.74 25.97 -18.45
O4 PEG Z . -42.29 27.30 -18.63
C1 PGE AA . -40.85 28.61 -15.40
O1 PGE AA . -40.44 28.78 -14.07
C2 PGE AA . -39.82 29.10 -16.34
O2 PGE AA . -39.45 30.43 -15.96
C3 PGE AA . -39.87 31.39 -16.92
C4 PGE AA . -38.79 31.68 -17.90
O4 PGE AA . -40.16 28.51 -21.08
C6 PGE AA . -40.28 29.81 -20.56
C5 PGE AA . -39.10 30.20 -19.73
O3 PGE AA . -39.29 31.52 -19.22
C ACT BA . 0.75 9.93 -0.65
O ACT BA . 1.22 10.76 0.18
OXT ACT BA . -0.36 9.23 -0.45
CH3 ACT BA . 1.59 9.72 -1.97
C1 EDO CA . -22.16 16.13 15.87
O1 EDO CA . -21.20 16.57 14.89
C2 EDO CA . -23.57 16.47 15.57
O2 EDO CA . -24.32 15.37 15.08
CL CL DA . -9.28 18.16 -4.11
MG MG EA . -26.91 7.30 -11.31
#